data_8PXO
#
_entry.id   8PXO
#
_cell.length_a   1.00
_cell.length_b   1.00
_cell.length_c   1.00
_cell.angle_alpha   90.00
_cell.angle_beta   90.00
_cell.angle_gamma   90.00
#
_symmetry.space_group_name_H-M   'P 1'
#
loop_
_entity.id
_entity.type
_entity.pdbx_description
1 polymer '5D3(Fab) heavy chain variable domain|Mus musculus'
2 polymer '5D3(Fab) light chain variable domain'
3 polymer 'Broad substrate specificity ATP-binding cassette transporter ABCG2'
4 branched 2-acetamido-2-deoxy-beta-D-glucopyranose-(1-4)-2-acetamido-2-deoxy-beta-D-glucopyranose
5 non-polymer CHOLESTEROL
6 non-polymer (2S,5S,8S)-14-cyclopentyloxy-2-(2-methylpropyl)-5-(phenylmethyl)-3,6,17-triazatetracyclo[8.7.0.0^{3,8}.0^{11,16}]heptadeca-1(10),11,13,15-tetraene-4,7-dione
#
loop_
_entity_poly.entity_id
_entity_poly.type
_entity_poly.pdbx_seq_one_letter_code
_entity_poly.pdbx_strand_id
1 'polypeptide(L)'
;QVQLQESGPGLVKPSQSLSLTCTVTGFSITSDYAWNWIRQFPGKKLEWMGYINFDGGTTYNPSLRGRISITRDTSKNQFF
LQLRSVTPEDTATYYCATFYGAKGTLDYWGQGTSVTVSSAKTTPPSVYPLAPVCGDTSGSSVTLGCLVKGYFPEPVTLTW
NSGSLSSGVHTFPAVLQSDLYTLSSSVTVTSSTWPSQSITCNVAHPASSTKVDKKIEPRGP
;
D,F
2 'polypeptide(L)'
;DIVLTQSPSSFSVSLGDRVTISCKASGYILNRLAWYQQKPGNAPRLLISGATSLETGFPSRFSGTGSGKDYTLSISSLQT
EDVGTYYCQQYWSTPWTFGGGTKLEIRRADAAPTVSIFPPSSEQLTSGGASVVCFLNNFYPKDINVKWKIDGSERQNGVL
NSWTDQDSKDSTYSMSSTLTLTKDEYERHNSYTCEATHKTSTSPIVKSFNRNEC
;
E,C
3 'polypeptide(L)'
;MDYKDDDDKGSSSSNVEVFIPVSQGNTNGFPATASNDLKAFTEGAVLSFHNICYRVKLKSGFLPCRKPVEKEILSNINGI
MKPGLNAILGPTGGGKSSLLDVLAARKDPSGLSGDVLINGAPRPANFKCNSGYVVQDDVVMGTLTVRENLQFSAALRLAT
TMTNHEKNERINRVIQELGLDKVADSKVGTQFIRGVSGGERKRTSIGMELITDPSILFLDEPTTGLDSSTANAVLLLLKR
MSKQGRTIIFSIHQPRYSIFKLFDSLTLLASGRLMFHGPAQEALGYFESAGYHCEAYNNPADFFLDIINGDSTAVALNRE
EDFKATEIIEPSKQDKPLIEKLAEIYVNSSFYKETKAELHQLSGGEKKKKITVFKEISYTTSFCHQLRWVSKRSFKNLLG
NPQASIAQIIVTVVLGLVIGAIYFGLKNDSTGIQNRAGVLFFLTTNQCFSSVSAVELFVVEKKLFIHEYISGYYRVSSYF
LGKLLSDLLPMRMLPSIIFTCIVYFMLGLKPKADAFFVMMFTLMMVAYSASSMALAIAAGQSVVSVATLLMTICFVFMMI
FSGLLVNLTTIASWLSWLQYFSIPRYGFTALQHNEFLGQNFCPGLNATGNNPCNYATCTGEEYLVKQGIDLSPWGLWKNH
VALACMIVIFLTIAYLKLLFLKKYS
;
B,A
#
loop_
_chem_comp.id
_chem_comp.type
_chem_comp.name
_chem_comp.formula
CLR non-polymer CHOLESTEROL 'C27 H46 O'
I3T non-polymer (2S,5S,8S)-14-cyclopentyloxy-2-(2-methylpropyl)-5-(phenylmethyl)-3,6,17-triazatetracyclo[8.7.0.0^{3,8}.0^{11,16}]heptadeca-1(10),11,13,15-tetraene-4,7-dione 'C30 H35 N3 O3'
NAG D-saccharide, beta linking 2-acetamido-2-deoxy-beta-D-glucopyranose 'C8 H15 N O6'
#
# COMPACT_ATOMS: atom_id res chain seq x y z
N VAL A 2 10.36 51.54 -18.52
CA VAL A 2 10.67 51.89 -19.89
C VAL A 2 11.72 52.99 -19.93
N GLN A 3 11.75 53.80 -18.88
CA GLN A 3 12.76 54.85 -18.73
C GLN A 3 13.11 54.92 -17.26
N LEU A 4 14.31 54.48 -16.91
CA LEU A 4 14.72 54.33 -15.53
C LEU A 4 15.87 55.27 -15.21
N GLN A 5 16.08 55.49 -13.92
CA GLN A 5 17.09 56.43 -13.44
C GLN A 5 17.45 56.06 -12.02
N GLU A 6 18.68 55.61 -11.81
CA GLU A 6 19.13 55.28 -10.47
C GLU A 6 19.41 56.55 -9.68
N SER A 7 19.65 56.35 -8.38
CA SER A 7 20.01 57.43 -7.49
C SER A 7 20.37 56.83 -6.14
N GLY A 8 21.29 57.48 -5.45
CA GLY A 8 21.70 57.05 -4.14
C GLY A 8 23.08 57.52 -3.77
N PRO A 9 23.52 57.20 -2.55
CA PRO A 9 24.85 57.62 -2.13
C PRO A 9 25.93 57.02 -3.01
N GLY A 10 26.95 57.81 -3.28
CA GLY A 10 28.13 57.37 -3.99
C GLY A 10 29.26 56.93 -3.09
N LEU A 11 29.01 56.77 -1.80
CA LEU A 11 30.05 56.44 -0.85
C LEU A 11 29.40 55.83 0.39
N VAL A 12 30.02 54.78 0.92
CA VAL A 12 29.46 54.03 2.02
C VAL A 12 30.58 53.54 2.93
N LYS A 13 30.31 53.48 4.22
CA LYS A 13 31.26 52.94 5.16
C LYS A 13 31.12 51.43 5.27
N PRO A 14 32.20 50.71 5.56
CA PRO A 14 32.14 49.26 5.61
C PRO A 14 31.15 48.75 6.63
N SER A 15 30.45 47.68 6.27
CA SER A 15 29.58 46.94 7.20
C SER A 15 28.59 47.86 7.90
N GLN A 16 28.01 48.80 7.15
CA GLN A 16 26.96 49.64 7.69
C GLN A 16 25.63 49.43 7.00
N SER A 17 25.53 49.74 5.71
CA SER A 17 24.32 49.49 4.92
C SER A 17 24.55 50.05 3.52
N LEU A 18 23.56 49.82 2.66
CA LEU A 18 23.55 50.40 1.33
C LEU A 18 22.11 50.52 0.87
N SER A 19 21.74 51.69 0.33
CA SER A 19 20.38 51.93 -0.10
C SER A 19 20.39 52.70 -1.41
N LEU A 20 19.63 52.20 -2.39
CA LEU A 20 19.54 52.81 -3.70
C LEU A 20 18.09 52.95 -4.11
N THR A 21 17.87 53.71 -5.18
CA THR A 21 16.54 54.05 -5.63
C THR A 21 16.52 54.15 -7.14
N CYS A 22 15.46 53.61 -7.75
CA CYS A 22 15.24 53.69 -9.19
C CYS A 22 13.83 54.19 -9.42
N THR A 23 13.72 55.30 -10.14
CA THR A 23 12.43 55.89 -10.47
C THR A 23 12.07 55.53 -11.91
N VAL A 24 10.83 55.09 -12.10
CA VAL A 24 10.34 54.64 -13.40
C VAL A 24 9.41 55.70 -13.97
N THR A 25 9.59 55.98 -15.26
CA THR A 25 8.73 56.90 -15.99
C THR A 25 8.31 56.23 -17.28
N GLY A 26 7.02 56.32 -17.59
CA GLY A 26 6.48 55.70 -18.77
C GLY A 26 5.83 54.36 -18.53
N PHE A 27 5.66 53.95 -17.28
CA PHE A 27 5.13 52.64 -16.96
C PHE A 27 4.89 52.57 -15.46
N SER A 28 3.94 51.73 -15.07
CA SER A 28 3.64 51.50 -13.67
C SER A 28 4.23 50.16 -13.24
N ILE A 29 5.05 50.18 -12.19
CA ILE A 29 5.79 48.99 -11.82
C ILE A 29 4.89 47.88 -11.31
N THR A 30 3.64 48.19 -10.99
CA THR A 30 2.70 47.20 -10.52
C THR A 30 1.87 46.62 -11.65
N SER A 31 2.23 46.89 -12.90
CA SER A 31 1.40 46.52 -14.04
C SER A 31 1.79 45.17 -14.65
N ASP A 32 2.98 45.07 -15.24
CA ASP A 32 3.30 43.88 -16.01
C ASP A 32 4.64 43.22 -15.71
N TYR A 33 5.68 44.00 -15.47
CA TYR A 33 7.04 43.50 -15.62
C TYR A 33 7.68 43.14 -14.29
N ALA A 34 8.92 42.67 -14.38
CA ALA A 34 9.79 42.42 -13.24
C ALA A 34 10.97 43.38 -13.29
N TRP A 35 11.43 43.79 -12.12
CA TRP A 35 12.38 44.88 -11.95
C TRP A 35 13.58 44.38 -11.18
N ASN A 36 14.73 44.33 -11.85
CA ASN A 36 15.93 43.70 -11.34
C ASN A 36 16.93 44.72 -10.83
N TRP A 37 17.92 44.21 -10.12
CA TRP A 37 19.10 44.97 -9.72
C TRP A 37 20.32 44.18 -10.15
N ILE A 38 21.26 44.86 -10.79
CA ILE A 38 22.43 44.23 -11.39
C ILE A 38 23.65 45.07 -11.08
N ARG A 39 24.78 44.42 -10.87
CA ARG A 39 26.03 45.11 -10.59
C ARG A 39 27.14 44.57 -11.48
N GLN A 40 28.09 45.45 -11.77
CA GLN A 40 29.24 45.15 -12.59
C GLN A 40 30.50 45.57 -11.84
N PHE A 41 31.27 44.59 -11.39
CA PHE A 41 32.47 44.88 -10.64
C PHE A 41 33.53 45.51 -11.55
N PRO A 42 34.49 46.21 -10.99
CA PRO A 42 35.69 46.55 -11.77
C PRO A 42 36.42 45.27 -12.14
N GLY A 43 37.03 45.27 -13.32
CA GLY A 43 37.39 44.00 -13.91
C GLY A 43 36.12 43.31 -14.33
N LYS A 44 35.48 43.88 -15.35
CA LYS A 44 34.07 43.69 -15.64
C LYS A 44 33.62 42.26 -15.44
N LYS A 45 32.62 42.09 -14.56
CA LYS A 45 32.05 40.79 -14.25
C LYS A 45 30.64 41.06 -13.75
N LEU A 46 29.66 40.87 -14.63
CA LEU A 46 28.27 41.15 -14.28
C LEU A 46 27.73 40.10 -13.32
N GLU A 47 26.94 40.55 -12.36
CA GLU A 47 26.27 39.68 -11.40
C GLU A 47 24.82 40.10 -11.27
N TRP A 48 23.94 39.12 -11.16
CA TRP A 48 22.52 39.35 -10.97
C TRP A 48 22.17 39.13 -9.51
N MET A 49 21.44 40.10 -8.95
CA MET A 49 21.20 40.17 -7.51
C MET A 49 19.80 39.75 -7.12
N GLY A 50 18.79 40.30 -7.77
CA GLY A 50 17.43 39.88 -7.52
C GLY A 50 16.44 40.79 -8.21
N TYR A 51 15.16 40.45 -8.05
CA TYR A 51 14.09 41.21 -8.63
C TYR A 51 12.88 41.22 -7.70
N ILE A 52 12.00 42.15 -7.97
CA ILE A 52 10.68 42.21 -7.36
C ILE A 52 9.65 42.25 -8.47
N ASN A 53 8.76 41.26 -8.48
CA ASN A 53 7.78 41.14 -9.53
C ASN A 53 6.73 42.23 -9.40
N PHE A 54 5.76 42.22 -10.30
CA PHE A 54 4.70 43.22 -10.31
C PHE A 54 3.68 43.00 -9.20
N ASP A 55 3.66 41.84 -8.58
CA ASP A 55 2.70 41.52 -7.53
C ASP A 55 3.31 41.61 -6.14
N GLY A 56 4.51 42.15 -6.02
CA GLY A 56 5.19 42.26 -4.77
C GLY A 56 6.10 41.11 -4.44
N GLY A 57 5.98 40.00 -5.14
CA GLY A 57 6.88 38.89 -4.93
C GLY A 57 8.30 39.23 -5.34
N THR A 58 9.24 38.54 -4.71
CA THR A 58 10.66 38.85 -4.88
C THR A 58 11.46 37.57 -4.91
N THR A 59 12.63 37.65 -5.51
CA THR A 59 13.55 36.54 -5.62
C THR A 59 14.97 37.07 -5.61
N TYR A 60 15.84 36.40 -4.87
CA TYR A 60 17.19 36.89 -4.63
C TYR A 60 18.21 35.83 -5.00
N ASN A 61 19.42 36.28 -5.27
CA ASN A 61 20.52 35.37 -5.58
C ASN A 61 21.00 34.70 -4.30
N PRO A 62 21.14 33.37 -4.28
CA PRO A 62 21.58 32.71 -3.05
C PRO A 62 22.92 33.17 -2.54
N SER A 63 23.81 33.63 -3.41
CA SER A 63 25.13 34.07 -2.96
C SER A 63 25.03 35.23 -1.98
N LEU A 64 23.91 35.94 -1.96
CA LEU A 64 23.66 37.04 -1.04
C LEU A 64 22.66 36.53 -0.01
N ARG A 65 23.18 35.91 1.05
CA ARG A 65 22.35 35.19 2.00
C ARG A 65 21.87 36.15 3.06
N GLY A 66 20.70 36.74 2.81
CA GLY A 66 20.04 37.58 3.78
C GLY A 66 20.56 39.00 3.86
N ARG A 67 21.56 39.36 3.08
CA ARG A 67 22.06 40.73 3.09
C ARG A 67 21.25 41.67 2.22
N ILE A 68 20.31 41.17 1.43
CA ILE A 68 19.66 41.95 0.39
C ILE A 68 18.16 41.88 0.57
N SER A 69 17.49 42.99 0.29
CA SER A 69 16.03 43.05 0.30
C SER A 69 15.59 44.15 -0.65
N ILE A 70 14.55 43.86 -1.44
CA ILE A 70 14.05 44.77 -2.46
C ILE A 70 12.59 45.07 -2.15
N THR A 71 12.24 46.34 -2.19
CA THR A 71 10.91 46.82 -1.86
C THR A 71 10.43 47.76 -2.96
N ARG A 72 9.26 48.34 -2.76
CA ARG A 72 8.68 49.25 -3.73
C ARG A 72 7.74 50.22 -3.05
N ASP A 73 7.51 51.35 -3.72
CA ASP A 73 6.50 52.33 -3.33
C ASP A 73 5.69 52.66 -4.56
N THR A 74 4.50 52.06 -4.68
CA THR A 74 3.68 52.23 -5.86
C THR A 74 3.14 53.65 -6.02
N SER A 75 3.22 54.47 -4.98
CA SER A 75 2.70 55.83 -5.08
C SER A 75 3.41 56.61 -6.17
N LYS A 76 4.74 56.52 -6.22
CA LYS A 76 5.56 57.30 -7.14
C LYS A 76 6.43 56.43 -8.04
N ASN A 77 6.10 55.14 -8.15
CA ASN A 77 6.79 54.23 -9.06
C ASN A 77 8.28 54.15 -8.75
N GLN A 78 8.58 53.60 -7.58
CA GLN A 78 9.95 53.38 -7.15
C GLN A 78 10.11 51.97 -6.63
N PHE A 79 11.29 51.40 -6.87
CA PHE A 79 11.70 50.17 -6.21
C PHE A 79 13.13 50.36 -5.72
N PHE A 80 13.41 49.81 -4.55
CA PHE A 80 14.60 50.14 -3.79
C PHE A 80 15.50 48.92 -3.65
N LEU A 81 16.73 49.19 -3.19
CA LEU A 81 17.71 48.17 -2.88
C LEU A 81 18.23 48.44 -1.48
N GLN A 82 18.31 47.39 -0.68
CA GLN A 82 18.85 47.49 0.68
C GLN A 82 19.86 46.36 0.84
N LEU A 83 21.14 46.70 0.72
CA LEU A 83 22.23 45.73 0.82
C LEU A 83 22.99 46.05 2.09
N ARG A 84 22.80 45.22 3.11
CA ARG A 84 23.36 45.46 4.42
C ARG A 84 24.61 44.62 4.64
N SER A 85 25.38 45.01 5.66
CA SER A 85 26.67 44.37 5.95
C SER A 85 27.60 44.48 4.75
N VAL A 86 27.94 45.71 4.42
CA VAL A 86 28.74 46.00 3.25
C VAL A 86 30.21 45.74 3.52
N THR A 87 30.95 45.42 2.47
CA THR A 87 32.38 45.19 2.51
C THR A 87 33.01 45.85 1.30
N PRO A 88 34.30 46.17 1.37
CA PRO A 88 34.94 46.79 0.20
C PRO A 88 34.91 45.93 -1.03
N GLU A 89 34.62 44.63 -0.90
CA GLU A 89 34.52 43.76 -2.05
C GLU A 89 33.36 44.14 -2.93
N ASP A 90 32.22 44.50 -2.34
CA ASP A 90 31.01 44.81 -3.09
C ASP A 90 30.94 46.29 -3.44
N THR A 91 32.03 46.81 -4.01
CA THR A 91 32.05 48.11 -4.64
C THR A 91 31.99 47.90 -6.14
N ALA A 92 31.04 48.55 -6.79
CA ALA A 92 30.75 48.25 -8.18
C ALA A 92 29.77 49.28 -8.72
N THR A 93 29.43 49.11 -9.99
CA THR A 93 28.45 49.93 -10.67
C THR A 93 27.11 49.20 -10.65
N TYR A 94 26.08 49.85 -10.15
CA TYR A 94 24.78 49.23 -9.93
C TYR A 94 23.79 49.74 -10.96
N TYR A 95 22.97 48.83 -11.46
CA TYR A 95 22.01 49.10 -12.50
C TYR A 95 20.64 48.62 -12.08
N CYS A 96 19.60 49.34 -12.51
CA CYS A 96 18.25 48.84 -12.46
C CYS A 96 17.80 48.50 -13.87
N ALA A 97 17.13 47.36 -14.01
CA ALA A 97 16.79 46.82 -15.30
C ALA A 97 15.37 46.31 -15.28
N THR A 98 14.94 45.79 -16.42
CA THR A 98 13.58 45.34 -16.62
C THR A 98 13.58 43.99 -17.32
N PHE A 99 12.60 43.16 -16.96
CA PHE A 99 12.51 41.79 -17.45
C PHE A 99 11.07 41.50 -17.79
N TYR A 100 10.81 41.18 -19.06
CA TYR A 100 9.45 40.99 -19.52
C TYR A 100 8.88 39.67 -19.02
N GLY A 101 9.46 38.56 -19.47
CA GLY A 101 9.01 37.26 -19.02
C GLY A 101 8.50 36.40 -20.15
N ALA A 102 7.73 37.00 -21.04
CA ALA A 102 7.35 36.32 -22.27
C ALA A 102 8.52 36.19 -23.21
N LYS A 103 9.39 37.18 -23.23
CA LYS A 103 10.59 37.21 -24.06
C LYS A 103 11.81 36.69 -23.32
N GLY A 104 11.98 37.09 -22.06
CA GLY A 104 12.97 36.53 -21.19
C GLY A 104 14.21 37.37 -20.98
N THR A 105 14.41 38.41 -21.77
CA THR A 105 15.64 39.17 -21.74
C THR A 105 15.47 40.47 -20.99
N LEU A 106 16.61 41.06 -20.64
CA LEU A 106 16.66 42.36 -19.99
C LEU A 106 16.71 43.42 -21.08
N ASP A 107 15.57 44.04 -21.34
CA ASP A 107 15.43 44.95 -22.47
C ASP A 107 15.91 46.34 -22.12
N TYR A 108 15.37 46.91 -21.04
CA TYR A 108 15.61 48.30 -20.67
C TYR A 108 16.49 48.35 -19.44
N TRP A 109 17.50 49.21 -19.48
CA TRP A 109 18.46 49.37 -18.41
C TRP A 109 18.49 50.83 -17.97
N GLY A 110 19.20 51.06 -16.87
CA GLY A 110 19.49 52.39 -16.40
C GLY A 110 20.87 52.85 -16.84
N GLN A 111 21.18 54.10 -16.48
CA GLN A 111 22.48 54.65 -16.82
C GLN A 111 23.58 54.12 -15.92
N GLY A 112 23.24 53.77 -14.69
CA GLY A 112 24.19 53.21 -13.76
C GLY A 112 24.82 54.23 -12.84
N THR A 113 24.91 53.89 -11.56
CA THR A 113 25.54 54.74 -10.56
C THR A 113 26.65 53.97 -9.86
N SER A 114 27.79 54.62 -9.70
CA SER A 114 28.91 54.01 -9.02
C SER A 114 28.68 54.02 -7.51
N VAL A 115 29.34 53.07 -6.84
CA VAL A 115 29.30 52.97 -5.39
C VAL A 115 30.69 52.60 -4.91
N THR A 116 31.18 53.31 -3.91
CA THR A 116 32.50 53.11 -3.37
C THR A 116 32.40 52.74 -1.89
N VAL A 117 33.07 51.67 -1.51
CA VAL A 117 33.09 51.18 -0.14
C VAL A 117 34.53 51.31 0.35
N SER A 118 34.81 52.35 1.12
CA SER A 118 36.16 52.59 1.61
C SER A 118 36.05 53.30 2.96
N SER A 119 37.17 53.88 3.40
CA SER A 119 37.23 54.49 4.73
C SER A 119 38.32 55.56 4.77
N ASP B 1 -19.36 19.33 -25.09
CA ASP B 1 -18.39 20.31 -25.64
C ASP B 1 -18.69 21.67 -25.04
N ILE B 2 -18.17 22.72 -25.67
CA ILE B 2 -18.43 24.10 -25.27
C ILE B 2 -19.23 24.76 -26.38
N VAL B 3 -20.46 25.16 -26.06
CA VAL B 3 -21.39 25.73 -27.02
C VAL B 3 -21.51 27.21 -26.72
N LEU B 4 -21.24 28.03 -27.72
CA LEU B 4 -21.29 29.48 -27.59
C LEU B 4 -22.62 30.00 -28.11
N THR B 5 -23.14 31.01 -27.42
CA THR B 5 -24.47 31.55 -27.69
C THR B 5 -24.37 33.06 -27.86
N GLN B 6 -24.94 33.55 -28.95
CA GLN B 6 -25.09 34.98 -29.18
C GLN B 6 -26.58 35.30 -29.11
N SER B 7 -26.98 35.99 -28.04
CA SER B 7 -28.41 36.25 -27.86
C SER B 7 -28.98 37.11 -28.98
N PRO B 8 -28.37 38.22 -29.38
CA PRO B 8 -28.94 39.00 -30.49
C PRO B 8 -28.61 38.42 -31.86
N SER B 9 -29.46 37.51 -32.34
CA SER B 9 -29.30 36.99 -33.70
C SER B 9 -29.42 38.09 -34.75
N SER B 10 -30.03 39.22 -34.40
CA SER B 10 -30.16 40.33 -35.32
C SER B 10 -30.23 41.63 -34.53
N PHE B 11 -29.85 42.71 -35.18
CA PHE B 11 -29.87 44.05 -34.59
C PHE B 11 -30.43 45.03 -35.62
N SER B 12 -30.57 46.28 -35.19
CA SER B 12 -31.05 47.33 -36.08
C SER B 12 -30.63 48.67 -35.48
N VAL B 13 -29.75 49.39 -36.18
CA VAL B 13 -29.20 50.64 -35.68
C VAL B 13 -28.98 51.61 -36.84
N SER B 14 -28.50 52.80 -36.52
CA SER B 14 -28.19 53.83 -37.50
C SER B 14 -26.78 54.34 -37.28
N LEU B 15 -26.29 55.09 -38.26
CA LEU B 15 -24.92 55.61 -38.18
C LEU B 15 -24.76 56.52 -36.98
N GLY B 16 -23.54 56.55 -36.44
CA GLY B 16 -23.25 57.26 -35.21
C GLY B 16 -23.72 56.56 -33.96
N ASP B 17 -24.68 55.64 -34.07
CA ASP B 17 -25.19 54.93 -32.92
C ASP B 17 -24.11 54.02 -32.34
N ARG B 18 -24.33 53.60 -31.10
CA ARG B 18 -23.46 52.65 -30.41
C ARG B 18 -24.19 51.34 -30.26
N VAL B 19 -23.52 50.25 -30.64
CA VAL B 19 -24.12 48.92 -30.64
C VAL B 19 -23.23 47.98 -29.86
N THR B 20 -23.85 47.06 -29.13
CA THR B 20 -23.14 46.12 -28.28
C THR B 20 -23.60 44.71 -28.61
N ILE B 21 -22.64 43.80 -28.65
CA ILE B 21 -22.88 42.41 -29.02
C ILE B 21 -22.24 41.52 -27.97
N SER B 22 -22.90 40.40 -27.67
CA SER B 22 -22.51 39.56 -26.56
C SER B 22 -22.47 38.10 -26.96
N CYS B 23 -21.59 37.34 -26.32
CA CYS B 23 -21.45 35.92 -26.51
C CYS B 23 -21.42 35.26 -25.14
N LYS B 24 -22.17 34.18 -24.98
CA LYS B 24 -22.22 33.43 -23.74
C LYS B 24 -21.72 32.01 -23.99
N ALA B 25 -20.82 31.55 -23.14
CA ALA B 25 -20.24 30.22 -23.25
C ALA B 25 -20.80 29.31 -22.17
N SER B 26 -20.81 28.01 -22.47
CA SER B 26 -21.27 27.01 -21.53
C SER B 26 -20.21 26.65 -20.49
N GLY B 27 -18.99 27.15 -20.64
CA GLY B 27 -17.93 26.86 -19.70
C GLY B 27 -16.99 28.05 -19.63
N TYR B 28 -15.96 27.90 -18.81
CA TYR B 28 -14.99 28.96 -18.62
C TYR B 28 -14.00 28.96 -19.78
N ILE B 29 -13.70 30.15 -20.28
CA ILE B 29 -13.00 30.32 -21.56
C ILE B 29 -11.67 31.02 -21.34
N LEU B 30 -11.61 31.85 -20.31
CA LEU B 30 -10.36 32.49 -19.90
C LEU B 30 -9.79 33.38 -21.01
N ASN B 31 -10.66 34.21 -21.56
CA ASN B 31 -10.27 35.19 -22.56
C ASN B 31 -9.69 34.56 -23.81
N ARG B 32 -9.90 33.27 -24.01
CA ARG B 32 -9.60 32.61 -25.27
C ARG B 32 -10.80 32.74 -26.21
N LEU B 33 -11.09 33.99 -26.54
CA LEU B 33 -12.26 34.36 -27.32
C LEU B 33 -11.83 35.24 -28.47
N ALA B 34 -12.43 35.02 -29.64
CA ALA B 34 -12.11 35.77 -30.84
C ALA B 34 -13.38 36.17 -31.55
N TRP B 35 -13.32 37.31 -32.25
CA TRP B 35 -14.44 37.84 -32.99
C TRP B 35 -14.08 37.98 -34.46
N TYR B 36 -14.93 37.47 -35.33
CA TYR B 36 -14.73 37.50 -36.76
C TYR B 36 -15.80 38.36 -37.42
N GLN B 37 -15.39 39.11 -38.43
CA GLN B 37 -16.28 39.95 -39.21
C GLN B 37 -16.36 39.39 -40.62
N GLN B 38 -17.59 39.22 -41.11
CA GLN B 38 -17.83 38.61 -42.40
C GLN B 38 -18.76 39.49 -43.22
N LYS B 39 -18.25 40.00 -44.32
CA LYS B 39 -19.08 40.61 -45.33
C LYS B 39 -19.68 39.54 -46.23
N PRO B 40 -20.83 39.79 -46.83
CA PRO B 40 -21.43 38.78 -47.70
C PRO B 40 -20.52 38.49 -48.89
N GLY B 41 -20.46 37.22 -49.26
CA GLY B 41 -19.63 36.79 -50.37
C GLY B 41 -18.15 36.98 -50.12
N ASN B 42 -17.69 36.76 -48.90
CA ASN B 42 -16.29 36.91 -48.56
C ASN B 42 -15.98 36.00 -47.38
N ALA B 43 -14.72 35.70 -47.22
CA ALA B 43 -14.32 34.89 -46.09
C ALA B 43 -14.28 35.74 -44.82
N PRO B 44 -14.47 35.12 -43.67
CA PRO B 44 -14.39 35.86 -42.41
C PRO B 44 -13.00 36.45 -42.21
N ARG B 45 -12.97 37.57 -41.51
CA ARG B 45 -11.75 38.32 -41.26
C ARG B 45 -11.58 38.49 -39.77
N LEU B 46 -10.39 38.17 -39.27
CA LEU B 46 -10.13 38.29 -37.85
C LEU B 46 -10.18 39.75 -37.42
N LEU B 47 -10.75 39.97 -36.27
CA LEU B 47 -10.97 41.30 -35.75
C LEU B 47 -10.43 41.49 -34.34
N ILE B 48 -10.57 40.50 -33.48
CA ILE B 48 -10.16 40.60 -32.08
C ILE B 48 -9.68 39.25 -31.61
N SER B 49 -8.58 39.25 -30.85
CA SER B 49 -8.06 38.06 -30.22
C SER B 49 -7.79 38.35 -28.75
N GLY B 50 -7.99 37.33 -27.92
CA GLY B 50 -7.82 37.49 -26.50
C GLY B 50 -8.95 38.20 -25.80
N ALA B 51 -10.01 38.55 -26.52
CA ALA B 51 -11.19 39.26 -26.06
C ALA B 51 -10.95 40.74 -25.87
N THR B 52 -9.72 41.21 -25.96
CA THR B 52 -9.42 42.64 -25.85
C THR B 52 -8.55 43.15 -26.97
N SER B 53 -7.60 42.35 -27.43
CA SER B 53 -6.65 42.83 -28.42
C SER B 53 -7.34 43.11 -29.74
N LEU B 54 -6.76 44.03 -30.49
CA LEU B 54 -7.29 44.47 -31.78
C LEU B 54 -6.24 44.24 -32.85
N GLU B 55 -6.68 43.75 -34.00
CA GLU B 55 -5.78 43.44 -35.09
C GLU B 55 -5.55 44.66 -35.95
N THR B 56 -4.34 44.77 -36.49
CA THR B 56 -3.98 45.90 -37.32
C THR B 56 -4.69 45.80 -38.65
N GLY B 57 -5.45 46.83 -39.00
CA GLY B 57 -6.25 46.83 -40.20
C GLY B 57 -7.66 47.29 -39.92
N PHE B 58 -7.94 47.54 -38.64
CA PHE B 58 -9.25 47.98 -38.20
C PHE B 58 -9.11 49.23 -37.36
N PRO B 59 -10.12 50.09 -37.35
CA PRO B 59 -10.06 51.29 -36.52
C PRO B 59 -10.10 50.95 -35.04
N SER B 60 -9.69 51.92 -34.22
CA SER B 60 -9.86 51.78 -32.78
C SER B 60 -11.27 52.19 -32.38
N ARG B 61 -12.26 51.63 -33.07
CA ARG B 61 -13.66 51.77 -32.70
C ARG B 61 -14.24 50.49 -32.17
N PHE B 62 -13.58 49.37 -32.39
CA PHE B 62 -13.98 48.07 -31.88
C PHE B 62 -13.23 47.78 -30.59
N SER B 63 -13.94 47.36 -29.56
CA SER B 63 -13.33 47.01 -28.30
C SER B 63 -13.97 45.73 -27.79
N GLY B 64 -13.21 44.98 -27.01
CA GLY B 64 -13.68 43.74 -26.41
C GLY B 64 -13.51 43.76 -24.91
N THR B 65 -14.49 43.19 -24.21
CA THR B 65 -14.46 43.12 -22.77
C THR B 65 -15.18 41.86 -22.33
N GLY B 66 -14.70 41.25 -21.24
CA GLY B 66 -15.37 40.10 -20.68
C GLY B 66 -14.47 39.24 -19.82
N SER B 67 -15.08 38.58 -18.84
CA SER B 67 -14.36 37.70 -17.93
C SER B 67 -15.19 36.47 -17.65
N GLY B 68 -14.59 35.30 -17.82
CA GLY B 68 -15.24 34.05 -17.49
C GLY B 68 -16.06 33.45 -18.60
N LYS B 69 -17.37 33.66 -18.52
CA LYS B 69 -18.31 33.13 -19.49
C LYS B 69 -18.99 34.21 -20.31
N ASP B 70 -18.93 35.46 -19.88
CA ASP B 70 -19.67 36.56 -20.50
C ASP B 70 -18.69 37.46 -21.20
N TYR B 71 -18.84 37.60 -22.52
CA TYR B 71 -18.00 38.45 -23.33
C TYR B 71 -18.88 39.31 -24.23
N THR B 72 -18.39 40.53 -24.49
CA THR B 72 -19.12 41.48 -25.31
C THR B 72 -18.18 42.16 -26.28
N LEU B 73 -18.74 42.61 -27.40
CA LEU B 73 -18.04 43.40 -28.41
C LEU B 73 -18.74 44.74 -28.52
N SER B 74 -17.95 45.81 -28.58
CA SER B 74 -18.45 47.17 -28.58
C SER B 74 -18.03 47.87 -29.85
N ILE B 75 -19.00 48.35 -30.60
CA ILE B 75 -18.77 49.17 -31.78
C ILE B 75 -19.33 50.55 -31.45
N SER B 76 -18.43 51.50 -31.21
CA SER B 76 -18.83 52.87 -30.88
C SER B 76 -18.83 53.71 -32.15
N SER B 77 -19.98 54.34 -32.42
CA SER B 77 -20.13 55.19 -33.59
C SER B 77 -19.88 54.42 -34.88
N LEU B 78 -20.74 53.43 -35.12
CA LEU B 78 -20.59 52.59 -36.31
C LEU B 78 -20.82 53.39 -37.57
N GLN B 79 -20.08 53.04 -38.61
CA GLN B 79 -20.26 53.59 -39.95
C GLN B 79 -21.02 52.59 -40.82
N THR B 80 -21.06 52.86 -42.11
CA THR B 80 -21.71 51.93 -43.04
C THR B 80 -20.87 50.70 -43.28
N GLU B 81 -19.54 50.87 -43.36
CA GLU B 81 -18.65 49.77 -43.69
C GLU B 81 -18.64 48.67 -42.64
N ASP B 82 -19.18 48.93 -41.46
CA ASP B 82 -19.18 47.96 -40.38
C ASP B 82 -20.39 47.04 -40.39
N VAL B 83 -21.28 47.20 -41.37
CA VAL B 83 -22.46 46.33 -41.45
C VAL B 83 -22.03 44.95 -41.92
N GLY B 84 -22.47 43.92 -41.21
CA GLY B 84 -22.20 42.57 -41.63
C GLY B 84 -22.49 41.59 -40.52
N THR B 85 -21.98 40.37 -40.71
CA THR B 85 -22.24 39.27 -39.80
C THR B 85 -21.02 39.05 -38.92
N TYR B 86 -21.25 38.91 -37.61
CA TYR B 86 -20.20 38.75 -36.62
C TYR B 86 -20.34 37.43 -35.91
N TYR B 87 -19.21 36.82 -35.59
CA TYR B 87 -19.15 35.52 -34.96
C TYR B 87 -18.19 35.56 -33.77
N CYS B 88 -18.50 34.78 -32.74
CA CYS B 88 -17.60 34.56 -31.63
C CYS B 88 -17.07 33.14 -31.67
N GLN B 89 -15.77 33.00 -31.50
CA GLN B 89 -15.07 31.73 -31.52
C GLN B 89 -14.30 31.55 -30.22
N GLN B 90 -14.20 30.31 -29.78
CA GLN B 90 -13.39 29.94 -28.63
C GLN B 90 -12.32 28.96 -29.07
N TYR B 91 -11.09 29.24 -28.68
CA TYR B 91 -9.94 28.39 -28.99
C TYR B 91 -9.29 27.87 -27.71
N TRP B 92 -10.13 27.45 -26.77
CA TRP B 92 -9.68 26.85 -25.52
C TRP B 92 -9.62 25.33 -25.61
N SER B 93 -10.66 24.71 -26.15
CA SER B 93 -10.74 23.27 -26.31
C SER B 93 -10.73 22.91 -27.79
N THR B 94 -10.20 21.72 -28.10
CA THR B 94 -9.90 21.40 -29.49
C THR B 94 -11.10 21.46 -30.42
N PRO B 95 -12.29 20.95 -30.07
CA PRO B 95 -13.43 21.13 -30.97
C PRO B 95 -13.90 22.57 -31.01
N TRP B 96 -13.14 23.41 -31.71
CA TRP B 96 -13.43 24.83 -31.74
C TRP B 96 -14.84 25.08 -32.23
N THR B 97 -15.57 25.93 -31.51
CA THR B 97 -16.96 26.22 -31.79
C THR B 97 -17.13 27.71 -32.05
N PHE B 98 -17.89 28.01 -33.09
CA PHE B 98 -18.28 29.37 -33.40
C PHE B 98 -19.67 29.65 -32.85
N GLY B 99 -20.01 30.93 -32.83
CA GLY B 99 -21.36 31.35 -32.53
C GLY B 99 -22.25 31.18 -33.73
N GLY B 100 -23.51 31.56 -33.54
CA GLY B 100 -24.50 31.42 -34.59
C GLY B 100 -24.56 32.57 -35.55
N GLY B 101 -24.04 33.72 -35.17
CA GLY B 101 -24.07 34.88 -36.02
C GLY B 101 -24.92 35.99 -35.44
N THR B 102 -24.51 37.23 -35.72
CA THR B 102 -25.25 38.42 -35.29
C THR B 102 -25.23 39.41 -36.44
N LYS B 103 -26.24 39.33 -37.29
CA LYS B 103 -26.32 40.17 -38.48
C LYS B 103 -26.75 41.58 -38.09
N LEU B 104 -25.93 42.57 -38.44
CA LEU B 104 -26.30 43.96 -38.31
C LEU B 104 -27.10 44.42 -39.51
N GLU B 105 -27.87 45.49 -39.31
CA GLU B 105 -28.66 46.09 -40.36
C GLU B 105 -28.58 47.61 -40.19
N ILE B 106 -29.40 48.33 -40.94
CA ILE B 106 -29.40 49.79 -40.92
C ILE B 106 -30.84 50.28 -40.93
N ARG B 107 -31.13 51.26 -40.10
CA ARG B 107 -32.44 51.92 -40.09
C ARG B 107 -32.36 53.28 -40.78
N VAL C 2 -0.05 31.54 -45.99
CA VAL C 2 -0.14 32.98 -46.02
C VAL C 2 -0.99 33.45 -47.18
N GLN C 3 -1.02 32.63 -48.24
CA GLN C 3 -1.87 32.90 -49.39
C GLN C 3 -2.39 31.55 -49.88
N LEU C 4 -3.67 31.30 -49.68
CA LEU C 4 -4.27 30.01 -49.94
C LEU C 4 -5.30 30.10 -51.05
N GLN C 5 -5.63 28.94 -51.61
CA GLN C 5 -6.53 28.88 -52.76
C GLN C 5 -7.12 27.47 -52.80
N GLU C 6 -8.43 27.37 -52.57
CA GLU C 6 -9.08 26.08 -52.65
C GLU C 6 -9.26 25.65 -54.10
N SER C 7 -9.69 24.40 -54.26
CA SER C 7 -9.99 23.85 -55.57
C SER C 7 -10.60 22.47 -55.38
N GLY C 8 -11.49 22.11 -56.28
CA GLY C 8 -12.11 20.81 -56.25
C GLY C 8 -13.45 20.78 -56.95
N PRO C 9 -14.07 19.61 -57.01
CA PRO C 9 -15.37 19.51 -57.67
C PRO C 9 -16.41 20.39 -57.00
N GLY C 10 -17.25 20.99 -57.81
CA GLY C 10 -18.39 21.76 -57.34
C GLY C 10 -19.68 20.97 -57.27
N LEU C 11 -19.60 19.65 -57.42
CA LEU C 11 -20.80 18.82 -57.46
C LEU C 11 -20.40 17.39 -57.12
N VAL C 12 -21.24 16.73 -56.32
CA VAL C 12 -20.94 15.40 -55.81
C VAL C 12 -22.23 14.60 -55.70
N LYS C 13 -22.12 13.31 -55.94
CA LYS C 13 -23.25 12.42 -55.78
C LYS C 13 -23.36 11.94 -54.33
N PRO C 14 -24.57 11.66 -53.85
CA PRO C 14 -24.73 11.27 -52.46
C PRO C 14 -23.96 9.99 -52.11
N SER C 15 -23.39 9.99 -50.91
CA SER C 15 -22.76 8.80 -50.34
C SER C 15 -21.75 8.18 -51.28
N GLN C 16 -20.94 9.03 -51.93
CA GLN C 16 -19.85 8.54 -52.75
C GLN C 16 -18.48 8.96 -52.21
N SER C 17 -18.18 10.25 -52.17
CA SER C 17 -16.94 10.76 -51.59
C SER C 17 -16.91 12.27 -51.80
N LEU C 18 -15.87 12.88 -51.25
CA LEU C 18 -15.60 14.30 -51.48
C LEU C 18 -14.11 14.53 -51.30
N SER C 19 -13.52 15.26 -52.25
CA SER C 19 -12.09 15.53 -52.20
C SER C 19 -11.82 16.97 -52.61
N LEU C 20 -11.04 17.67 -51.80
CA LEU C 20 -10.69 19.06 -52.05
C LEU C 20 -9.19 19.26 -51.90
N THR C 21 -8.73 20.43 -52.33
CA THR C 21 -7.31 20.72 -52.40
C THR C 21 -7.09 22.20 -52.10
N CYS C 22 -6.07 22.49 -51.31
CA CYS C 22 -5.66 23.86 -51.00
C CYS C 22 -4.17 23.98 -51.25
N THR C 23 -3.80 24.92 -52.12
CA THR C 23 -2.40 25.16 -52.45
C THR C 23 -1.93 26.39 -51.71
N VAL C 24 -0.77 26.29 -51.08
CA VAL C 24 -0.20 27.35 -50.28
C VAL C 24 0.94 28.00 -51.03
N THR C 25 0.97 29.33 -51.00
CA THR C 25 2.04 30.11 -51.59
C THR C 25 2.52 31.13 -50.57
N GLY C 26 3.83 31.26 -50.44
CA GLY C 26 4.42 32.15 -49.47
C GLY C 26 4.82 31.50 -48.18
N PHE C 27 4.78 30.18 -48.09
CA PHE C 27 5.06 29.48 -46.84
C PHE C 27 5.09 27.99 -47.13
N SER C 28 5.84 27.26 -46.31
CA SER C 28 5.94 25.82 -46.41
C SER C 28 5.11 25.19 -45.30
N ILE C 29 4.18 24.32 -45.69
CA ILE C 29 3.22 23.80 -44.73
C ILE C 29 3.88 22.91 -43.68
N THR C 30 5.11 22.47 -43.92
CA THR C 30 5.82 21.65 -42.97
C THR C 30 6.70 22.46 -42.02
N SER C 31 6.52 23.79 -42.02
CA SER C 31 7.43 24.66 -41.27
C SER C 31 6.92 24.98 -39.87
N ASP C 32 5.81 25.71 -39.76
CA ASP C 32 5.41 26.23 -38.45
C ASP C 32 3.95 26.00 -38.05
N TYR C 33 3.02 26.11 -38.98
CA TYR C 33 1.63 26.36 -38.62
C TYR C 33 0.79 25.08 -38.70
N ALA C 34 -0.49 25.25 -38.35
CA ALA C 34 -1.52 24.25 -38.52
C ALA C 34 -2.52 24.70 -39.57
N TRP C 35 -3.06 23.74 -40.30
CA TRP C 35 -3.85 24.00 -41.50
C TRP C 35 -5.19 23.33 -41.36
N ASN C 36 -6.24 24.13 -41.27
CA ASN C 36 -7.58 23.68 -40.93
C ASN C 36 -8.47 23.59 -42.16
N TRP C 37 -9.61 22.94 -41.97
CA TRP C 37 -10.70 22.93 -42.93
C TRP C 37 -11.97 23.34 -42.20
N ILE C 38 -12.70 24.26 -42.81
CA ILE C 38 -13.86 24.86 -42.18
C ILE C 38 -14.97 24.96 -43.22
N ARG C 39 -16.21 24.79 -42.76
CA ARG C 39 -17.37 24.88 -43.64
C ARG C 39 -18.43 25.77 -43.04
N GLN C 40 -19.19 26.41 -43.93
CA GLN C 40 -20.26 27.31 -43.55
C GLN C 40 -21.52 26.88 -44.29
N PHE C 41 -22.48 26.34 -43.56
CA PHE C 41 -23.71 25.88 -44.16
C PHE C 41 -24.54 27.07 -44.65
N PRO C 42 -25.46 26.83 -45.59
CA PRO C 42 -26.48 27.85 -45.85
C PRO C 42 -27.34 28.02 -44.61
N GLY C 43 -27.79 29.25 -44.39
CA GLY C 43 -28.27 29.57 -43.06
C GLY C 43 -27.07 29.62 -42.13
N LYS C 44 -26.24 30.63 -42.35
CA LYS C 44 -24.84 30.64 -41.93
C LYS C 44 -24.64 30.04 -40.55
N LYS C 45 -23.80 29.01 -40.51
CA LYS C 45 -23.47 28.31 -39.27
C LYS C 45 -22.10 27.67 -39.49
N LEU C 46 -21.07 28.32 -38.97
CA LEU C 46 -19.71 27.84 -39.16
C LEU C 46 -19.46 26.58 -38.34
N GLU C 47 -18.73 25.65 -38.93
CA GLU C 47 -18.33 24.42 -38.26
C GLU C 47 -16.85 24.16 -38.53
N TRP C 48 -16.15 23.69 -37.51
CA TRP C 48 -14.76 23.34 -37.61
C TRP C 48 -14.62 21.83 -37.74
N MET C 49 -13.83 21.39 -38.71
CA MET C 49 -13.76 20.01 -39.12
C MET C 49 -12.49 19.31 -38.66
N GLY C 50 -11.33 19.91 -38.91
CA GLY C 50 -10.09 19.36 -38.40
C GLY C 50 -8.91 20.08 -38.99
N TYR C 51 -7.74 19.63 -38.55
CA TYR C 51 -6.48 20.21 -39.02
C TYR C 51 -5.42 19.14 -39.12
N ILE C 52 -4.37 19.47 -39.85
CA ILE C 52 -3.15 18.69 -39.92
C ILE C 52 -1.99 19.60 -39.54
N ASN C 53 -1.26 19.24 -38.49
CA ASN C 53 -0.20 20.07 -37.99
C ASN C 53 0.98 20.03 -38.95
N PHE C 54 2.05 20.74 -38.59
CA PHE C 54 3.23 20.82 -39.43
C PHE C 54 4.07 19.55 -39.39
N ASP C 55 3.84 18.67 -38.42
CA ASP C 55 4.60 17.45 -38.28
C ASP C 55 3.85 16.23 -38.79
N GLY C 56 2.73 16.43 -39.48
CA GLY C 56 1.92 15.35 -39.98
C GLY C 56 0.82 14.91 -39.06
N GLY C 57 0.87 15.31 -37.80
CA GLY C 57 -0.21 14.99 -36.89
C GLY C 57 -1.51 15.68 -37.28
N THR C 58 -2.61 15.07 -36.89
CA THR C 58 -3.93 15.52 -37.30
C THR C 58 -4.91 15.37 -36.16
N THR C 59 -5.98 16.15 -36.22
CA THR C 59 -7.04 16.14 -35.23
C THR C 59 -8.34 16.48 -35.91
N TYR C 60 -9.39 15.75 -35.56
CA TYR C 60 -10.67 15.84 -36.24
C TYR C 60 -11.79 16.10 -35.24
N ASN C 61 -12.87 16.66 -35.75
CA ASN C 61 -14.04 16.92 -34.93
C ASN C 61 -14.78 15.61 -34.67
N PRO C 62 -15.13 15.31 -33.41
CA PRO C 62 -15.80 14.04 -33.14
C PRO C 62 -17.11 13.86 -33.88
N SER C 63 -17.81 14.94 -34.19
CA SER C 63 -19.09 14.82 -34.88
C SER C 63 -18.93 14.14 -36.24
N LEU C 64 -17.73 14.12 -36.78
CA LEU C 64 -17.44 13.45 -38.04
C LEU C 64 -16.66 12.18 -37.70
N ARG C 65 -17.39 11.11 -37.43
CA ARG C 65 -16.81 9.88 -36.88
C ARG C 65 -16.32 9.02 -38.03
N GLY C 66 -15.05 9.22 -38.40
CA GLY C 66 -14.41 8.38 -39.37
C GLY C 66 -14.70 8.71 -40.81
N ARG C 67 -15.52 9.71 -41.08
CA ARG C 67 -15.82 10.10 -42.45
C ARG C 67 -14.77 11.03 -43.05
N ILE C 68 -13.84 11.52 -42.25
CA ILE C 68 -12.95 12.60 -42.67
C ILE C 68 -11.50 12.17 -42.47
N SER C 69 -10.64 12.60 -43.38
CA SER C 69 -9.21 12.38 -43.27
C SER C 69 -8.50 13.48 -44.04
N ILE C 70 -7.43 14.00 -43.44
CA ILE C 70 -6.67 15.11 -43.99
C ILE C 70 -5.23 14.66 -44.20
N THR C 71 -4.70 14.94 -45.38
CA THR C 71 -3.36 14.54 -45.76
C THR C 71 -2.61 15.74 -46.33
N ARG C 72 -1.39 15.48 -46.80
CA ARG C 72 -0.57 16.55 -47.36
C ARG C 72 0.41 15.98 -48.35
N ASP C 73 0.90 16.85 -49.24
CA ASP C 73 1.98 16.54 -50.16
C ASP C 73 2.99 17.68 -50.08
N THR C 74 4.08 17.46 -49.33
CA THR C 74 5.05 18.51 -49.10
C THR C 74 5.80 18.91 -50.35
N SER C 75 5.72 18.12 -51.42
CA SER C 75 6.45 18.46 -52.64
C SER C 75 6.01 19.79 -53.20
N LYS C 76 4.69 20.03 -53.25
CA LYS C 76 4.12 21.21 -53.87
C LYS C 76 3.26 22.01 -52.89
N ASN C 77 3.39 21.77 -51.59
CA ASN C 77 2.70 22.54 -50.56
C ASN C 77 1.18 22.45 -50.74
N GLN C 78 0.66 21.25 -50.55
CA GLN C 78 -0.77 20.99 -50.61
C GLN C 78 -1.21 20.18 -49.40
N PHE C 79 -2.42 20.47 -48.93
CA PHE C 79 -3.09 19.61 -47.96
C PHE C 79 -4.52 19.41 -48.43
N PHE C 80 -5.02 18.20 -48.24
CA PHE C 80 -6.24 17.74 -48.87
C PHE C 80 -7.33 17.46 -47.85
N LEU C 81 -8.53 17.29 -48.37
CA LEU C 81 -9.69 16.89 -47.58
C LEU C 81 -10.34 15.70 -48.25
N GLN C 82 -10.67 14.69 -47.47
CA GLN C 82 -11.35 13.50 -47.96
C GLN C 82 -12.53 13.23 -47.04
N LEU C 83 -13.72 13.63 -47.48
CA LEU C 83 -14.94 13.48 -46.71
C LEU C 83 -15.82 12.45 -47.41
N ARG C 84 -15.87 11.25 -46.86
CA ARG C 84 -16.54 10.13 -47.48
C ARG C 84 -17.92 9.92 -46.88
N SER C 85 -18.75 9.16 -47.60
CA SER C 85 -20.14 8.93 -47.22
C SER C 85 -20.90 10.26 -47.12
N VAL C 86 -21.00 10.91 -48.26
CA VAL C 86 -21.59 12.24 -48.34
C VAL C 86 -23.11 12.14 -48.32
N THR C 87 -23.75 13.18 -47.83
CA THR C 87 -25.19 13.31 -47.78
C THR C 87 -25.56 14.74 -48.19
N PRO C 88 -26.78 14.95 -48.66
CA PRO C 88 -27.19 16.32 -49.03
C PRO C 88 -27.13 17.29 -47.88
N GLU C 89 -27.06 16.80 -46.65
CA GLU C 89 -26.96 17.70 -45.51
C GLU C 89 -25.64 18.45 -45.51
N ASP C 90 -24.55 17.78 -45.87
CA ASP C 90 -23.23 18.40 -45.84
C ASP C 90 -22.90 19.06 -47.17
N THR C 91 -23.80 19.90 -47.65
CA THR C 91 -23.55 20.81 -48.74
C THR C 91 -23.33 22.19 -48.15
N ALA C 92 -22.22 22.82 -48.49
CA ALA C 92 -21.82 24.04 -47.82
C ALA C 92 -20.64 24.65 -48.56
N THR C 93 -20.17 25.76 -48.03
CA THR C 93 -19.00 26.45 -48.54
C THR C 93 -17.81 26.06 -47.67
N TYR C 94 -16.75 25.57 -48.32
CA TYR C 94 -15.61 25.01 -47.63
C TYR C 94 -14.41 25.96 -47.74
N TYR C 95 -13.69 26.10 -46.64
CA TYR C 95 -12.58 27.02 -46.52
C TYR C 95 -11.37 26.28 -46.02
N CYS C 96 -10.19 26.71 -46.48
CA CYS C 96 -8.94 26.32 -45.85
C CYS C 96 -8.37 27.53 -45.12
N ALA C 97 -7.88 27.28 -43.91
CA ALA C 97 -7.47 28.35 -43.02
C ALA C 97 -6.15 27.99 -42.37
N THR C 98 -5.67 28.88 -41.53
CA THR C 98 -4.37 28.77 -40.89
C THR C 98 -4.49 29.11 -39.42
N PHE C 99 -3.71 28.43 -38.60
CA PHE C 99 -3.77 28.55 -37.15
C PHE C 99 -2.35 28.59 -36.62
N TYR C 100 -2.00 29.70 -35.96
CA TYR C 100 -0.62 29.88 -35.51
C TYR C 100 -0.33 29.00 -34.30
N GLY C 101 -1.00 29.25 -33.19
CA GLY C 101 -0.82 28.45 -32.00
C GLY C 101 -0.31 29.26 -30.82
N ALA C 102 0.65 30.13 -31.09
CA ALA C 102 1.07 31.09 -30.08
C ALA C 102 0.01 32.15 -29.84
N LYS C 103 -0.69 32.54 -30.90
CA LYS C 103 -1.76 33.52 -30.84
C LYS C 103 -3.12 32.88 -30.68
N GLY C 104 -3.38 31.80 -31.42
CA GLY C 104 -4.54 30.97 -31.21
C GLY C 104 -5.66 31.17 -32.20
N THR C 105 -5.60 32.20 -33.03
CA THR C 105 -6.70 32.55 -33.90
C THR C 105 -6.43 32.10 -35.33
N LEU C 106 -7.50 32.09 -36.13
CA LEU C 106 -7.44 31.78 -37.54
C LEU C 106 -7.19 33.08 -38.28
N ASP C 107 -5.94 33.29 -38.69
CA ASP C 107 -5.54 34.57 -39.25
C ASP C 107 -5.83 34.64 -40.74
N TYR C 108 -5.35 33.66 -41.49
CA TYR C 108 -5.42 33.67 -42.94
C TYR C 108 -6.43 32.63 -43.41
N TRP C 109 -7.28 33.03 -44.34
CA TRP C 109 -8.33 32.20 -44.88
C TRP C 109 -8.20 32.11 -46.39
N GLY C 110 -9.00 31.24 -46.98
CA GLY C 110 -9.14 31.14 -48.41
C GLY C 110 -10.37 31.88 -48.90
N GLN C 111 -10.54 31.88 -50.22
CA GLN C 111 -11.68 32.54 -50.81
C GLN C 111 -12.94 31.71 -50.66
N GLY C 112 -12.81 30.39 -50.60
CA GLY C 112 -13.95 29.54 -50.40
C GLY C 112 -14.53 28.98 -51.69
N THR C 113 -14.83 27.69 -51.71
CA THR C 113 -15.43 27.03 -52.85
C THR C 113 -16.72 26.35 -52.41
N SER C 114 -17.77 26.52 -53.21
CA SER C 114 -19.05 25.90 -52.93
C SER C 114 -19.02 24.43 -53.29
N VAL C 115 -19.86 23.66 -52.63
CA VAL C 115 -20.02 22.24 -52.89
C VAL C 115 -21.50 21.91 -52.81
N THR C 116 -22.00 21.19 -53.82
CA THR C 116 -23.40 20.84 -53.91
C THR C 116 -23.53 19.32 -53.92
N VAL C 117 -24.40 18.81 -53.07
CA VAL C 117 -24.67 17.38 -52.95
C VAL C 117 -26.12 17.17 -53.36
N SER C 118 -26.33 16.72 -54.59
CA SER C 118 -27.68 16.51 -55.11
C SER C 118 -27.63 15.37 -56.12
N SER C 119 -28.69 15.25 -56.91
CA SER C 119 -28.82 14.15 -57.85
C SER C 119 -29.73 14.52 -59.00
N ALA D 45 23.93 -50.34 19.16
CA ALA D 45 24.16 -48.91 19.31
C ALA D 45 23.64 -48.41 20.64
N VAL D 46 24.54 -47.88 21.47
CA VAL D 46 24.20 -47.39 22.80
C VAL D 46 24.66 -45.95 22.91
N LEU D 47 23.78 -45.08 23.39
CA LEU D 47 24.07 -43.67 23.60
C LEU D 47 24.13 -43.41 25.09
N SER D 48 25.26 -42.88 25.55
CA SER D 48 25.50 -42.66 26.96
C SER D 48 25.88 -41.22 27.19
N PHE D 49 25.24 -40.59 28.17
CA PHE D 49 25.55 -39.24 28.57
C PHE D 49 25.86 -39.21 30.05
N HIS D 50 26.81 -38.36 30.44
CA HIS D 50 27.36 -38.35 31.79
C HIS D 50 27.53 -36.92 32.24
N ASN D 51 26.82 -36.55 33.30
CA ASN D 51 26.96 -35.24 33.95
C ASN D 51 26.70 -34.11 32.96
N ILE D 52 25.61 -34.25 32.21
CA ILE D 52 25.17 -33.18 31.32
C ILE D 52 24.74 -31.98 32.14
N CYS D 53 25.25 -30.81 31.77
CA CYS D 53 24.85 -29.55 32.41
C CYS D 53 24.91 -28.47 31.34
N TYR D 54 23.74 -27.99 30.92
CA TYR D 54 23.63 -27.02 29.83
C TYR D 54 23.04 -25.74 30.38
N ARG D 55 23.70 -24.63 30.10
CA ARG D 55 23.25 -23.32 30.55
C ARG D 55 23.26 -22.34 29.38
N VAL D 56 22.38 -21.36 29.47
CA VAL D 56 22.25 -20.35 28.42
C VAL D 56 22.58 -18.97 28.99
N LYS D 71 20.70 -19.42 34.85
CA LYS D 71 19.66 -20.22 34.24
C LYS D 71 20.24 -21.41 33.49
N GLU D 72 19.88 -22.61 33.93
CA GLU D 72 20.34 -23.85 33.32
C GLU D 72 19.13 -24.70 32.98
N ILE D 73 18.96 -25.01 31.70
CA ILE D 73 17.86 -25.88 31.30
C ILE D 73 18.11 -27.31 31.77
N LEU D 74 19.37 -27.73 31.82
CA LEU D 74 19.76 -29.01 32.40
C LEU D 74 20.79 -28.78 33.49
N SER D 75 20.59 -29.44 34.63
CA SER D 75 21.46 -29.25 35.78
C SER D 75 22.51 -30.35 35.91
N ASN D 76 22.07 -31.59 36.11
CA ASN D 76 22.98 -32.73 36.18
C ASN D 76 22.20 -33.97 35.77
N ILE D 77 22.65 -34.62 34.72
CA ILE D 77 21.92 -35.74 34.14
C ILE D 77 22.90 -36.84 33.78
N ASN D 78 22.54 -38.08 34.11
CA ASN D 78 23.28 -39.26 33.73
C ASN D 78 22.29 -40.28 33.20
N GLY D 79 22.72 -41.07 32.22
CA GLY D 79 21.87 -42.08 31.66
C GLY D 79 22.51 -42.74 30.46
N ILE D 80 21.97 -43.90 30.12
CA ILE D 80 22.37 -44.62 28.92
C ILE D 80 21.11 -45.10 28.22
N MET D 81 21.19 -45.21 26.90
CA MET D 81 20.08 -45.65 26.07
C MET D 81 20.58 -46.75 25.16
N LYS D 82 19.91 -47.89 25.20
CA LYS D 82 20.25 -49.07 24.43
C LYS D 82 19.18 -49.33 23.38
N PRO D 83 19.44 -50.24 22.44
CA PRO D 83 18.46 -50.52 21.40
C PRO D 83 17.09 -50.83 21.98
N GLY D 84 16.09 -50.15 21.47
CA GLY D 84 14.74 -50.30 21.97
C GLY D 84 14.01 -48.97 21.90
N LEU D 85 12.84 -48.96 22.53
CA LEU D 85 11.96 -47.81 22.48
C LEU D 85 12.16 -46.94 23.72
N ASN D 86 13.31 -46.30 23.78
CA ASN D 86 13.59 -45.35 24.84
C ASN D 86 12.64 -44.18 24.78
N ALA D 87 12.45 -43.52 25.93
CA ALA D 87 11.50 -42.43 26.02
C ALA D 87 11.99 -41.39 27.00
N ILE D 88 11.32 -40.23 26.97
CA ILE D 88 11.66 -39.07 27.79
C ILE D 88 10.37 -38.34 28.10
N LEU D 89 10.02 -38.24 29.38
CA LEU D 89 8.76 -37.64 29.81
C LEU D 89 9.02 -36.56 30.84
N GLY D 90 7.96 -35.82 31.13
CA GLY D 90 8.03 -34.73 32.08
C GLY D 90 7.10 -33.61 31.71
N PRO D 91 7.15 -32.53 32.48
CA PRO D 91 6.35 -31.35 32.16
C PRO D 91 6.99 -30.53 31.04
N THR D 92 6.24 -29.55 30.57
CA THR D 92 6.65 -28.80 29.39
C THR D 92 7.98 -28.07 29.63
N GLY D 93 8.11 -27.42 30.77
CA GLY D 93 9.36 -26.74 31.09
C GLY D 93 10.49 -27.68 31.43
N GLY D 94 10.16 -28.92 31.80
CA GLY D 94 11.19 -29.92 32.02
C GLY D 94 12.00 -30.12 30.75
N GLY D 95 13.32 -30.14 30.90
CA GLY D 95 14.17 -30.15 29.72
C GLY D 95 14.20 -31.47 28.99
N LYS D 96 13.03 -31.99 28.64
CA LYS D 96 12.99 -33.18 27.78
C LYS D 96 13.33 -32.80 26.35
N SER D 97 12.74 -31.72 25.84
CA SER D 97 13.07 -31.25 24.51
C SER D 97 14.52 -30.77 24.46
N SER D 98 14.95 -30.04 25.47
CA SER D 98 16.34 -29.58 25.52
C SER D 98 17.30 -30.76 25.56
N LEU D 99 16.99 -31.77 26.36
CA LEU D 99 17.85 -32.95 26.42
C LEU D 99 17.90 -33.66 25.08
N LEU D 100 16.75 -33.80 24.43
CA LEU D 100 16.70 -34.47 23.15
C LEU D 100 17.55 -33.72 22.12
N ASP D 101 17.45 -32.38 22.12
CA ASP D 101 18.28 -31.59 21.23
C ASP D 101 19.76 -31.77 21.55
N VAL D 102 20.09 -31.80 22.84
CA VAL D 102 21.49 -31.94 23.25
C VAL D 102 22.06 -33.24 22.73
N LEU D 103 21.33 -34.34 22.90
CA LEU D 103 21.84 -35.63 22.44
C LEU D 103 21.86 -35.71 20.92
N ALA D 104 20.93 -35.03 20.26
CA ALA D 104 20.90 -35.03 18.82
C ALA D 104 21.91 -34.07 18.21
N ALA D 105 22.44 -33.14 19.02
CA ALA D 105 23.42 -32.15 18.61
C ALA D 105 22.81 -31.01 17.82
N ARG D 106 21.52 -30.75 18.02
CA ARG D 106 20.85 -29.60 17.44
C ARG D 106 20.90 -28.38 18.34
N LYS D 107 21.91 -28.28 19.19
CA LYS D 107 22.06 -27.18 20.12
C LYS D 107 23.50 -26.69 20.11
N ASP D 108 23.70 -25.51 20.69
CA ASP D 108 25.01 -24.88 20.70
C ASP D 108 25.96 -25.66 21.61
N PRO D 109 27.07 -26.18 21.11
CA PRO D 109 27.98 -26.94 21.97
C PRO D 109 28.60 -26.13 23.09
N SER D 110 28.68 -24.81 22.94
CA SER D 110 29.39 -23.99 23.92
C SER D 110 28.73 -24.07 25.28
N GLY D 111 27.40 -23.95 25.33
CA GLY D 111 26.69 -24.01 26.60
C GLY D 111 26.74 -25.37 27.27
N LEU D 112 27.10 -26.41 26.52
CA LEU D 112 27.22 -27.74 27.08
C LEU D 112 28.39 -27.80 28.05
N SER D 113 28.30 -28.72 29.02
CA SER D 113 29.33 -28.83 30.05
C SER D 113 29.69 -30.28 30.35
N GLY D 114 29.15 -31.26 29.62
CA GLY D 114 29.43 -32.66 29.87
C GLY D 114 29.86 -33.38 28.62
N ASP D 115 30.02 -34.68 28.76
CA ASP D 115 30.53 -35.54 27.69
C ASP D 115 29.45 -36.50 27.23
N VAL D 116 29.42 -36.75 25.92
CA VAL D 116 28.45 -37.63 25.30
C VAL D 116 29.20 -38.66 24.47
N LEU D 117 28.81 -39.92 24.59
CA LEU D 117 29.53 -41.01 23.98
C LEU D 117 28.56 -41.94 23.25
N ILE D 118 29.13 -42.69 22.30
CA ILE D 118 28.39 -43.68 21.52
C ILE D 118 29.26 -44.92 21.47
N ASN D 119 28.83 -45.98 22.15
CA ASN D 119 29.63 -47.20 22.24
C ASN D 119 31.02 -46.89 22.80
N GLY D 120 31.08 -45.93 23.72
CA GLY D 120 32.33 -45.54 24.32
C GLY D 120 33.14 -44.54 23.53
N ALA D 121 32.63 -44.07 22.39
CA ALA D 121 33.34 -43.18 21.51
C ALA D 121 32.61 -41.85 21.44
N PRO D 122 33.30 -40.71 21.57
CA PRO D 122 32.60 -39.43 21.51
C PRO D 122 31.94 -39.20 20.16
N ARG D 123 30.97 -38.30 20.15
CA ARG D 123 30.26 -37.98 18.92
C ARG D 123 31.21 -37.31 17.93
N PRO D 124 31.32 -37.80 16.70
CA PRO D 124 32.09 -37.09 15.69
C PRO D 124 31.32 -35.87 15.18
N ALA D 125 31.95 -35.15 14.25
CA ALA D 125 31.34 -33.95 13.70
C ALA D 125 30.35 -34.23 12.59
N ASN D 126 30.37 -35.44 12.02
CA ASN D 126 29.41 -35.83 11.01
C ASN D 126 28.22 -36.58 11.61
N PHE D 127 28.07 -36.54 12.93
CA PHE D 127 27.01 -37.30 13.59
C PHE D 127 25.64 -36.79 13.21
N LYS D 128 25.45 -35.47 13.18
CA LYS D 128 24.12 -34.93 12.88
C LYS D 128 23.65 -35.39 11.50
N CYS D 129 24.55 -35.40 10.52
CA CYS D 129 24.19 -35.86 9.19
C CYS D 129 23.85 -37.34 9.19
N ASN D 130 24.61 -38.15 9.95
CA ASN D 130 24.41 -39.59 9.92
C ASN D 130 23.08 -39.98 10.55
N SER D 131 22.75 -39.40 11.70
CA SER D 131 21.58 -39.81 12.46
C SER D 131 20.32 -39.24 11.82
N GLY D 132 19.21 -39.40 12.51
CA GLY D 132 17.94 -38.87 12.04
C GLY D 132 17.21 -38.14 13.14
N TYR D 133 16.55 -37.05 12.77
CA TYR D 133 15.77 -36.26 13.70
C TYR D 133 14.45 -35.89 13.03
N VAL D 134 13.36 -36.19 13.72
CA VAL D 134 12.01 -35.95 13.23
C VAL D 134 11.39 -34.84 14.05
N VAL D 135 10.86 -33.84 13.37
CA VAL D 135 10.39 -32.64 14.02
C VAL D 135 8.93 -32.80 14.42
N GLN D 136 8.52 -32.00 15.40
CA GLN D 136 7.13 -32.04 15.85
C GLN D 136 6.19 -31.63 14.74
N ASP D 137 6.51 -30.56 14.02
CA ASP D 137 5.73 -30.07 12.90
C ASP D 137 6.37 -30.60 11.62
N ASP D 138 5.59 -31.32 10.82
CA ASP D 138 6.11 -31.90 9.59
C ASP D 138 6.61 -30.84 8.62
N VAL D 139 7.77 -31.11 8.03
CA VAL D 139 8.41 -30.19 7.09
C VAL D 139 8.22 -30.64 5.64
N VAL D 140 7.39 -31.66 5.41
CA VAL D 140 7.25 -32.18 4.07
C VAL D 140 6.64 -31.10 3.16
N MET D 141 6.81 -31.31 1.86
CA MET D 141 6.23 -30.42 0.86
C MET D 141 4.84 -30.93 0.54
N GLY D 142 3.82 -30.18 0.94
CA GLY D 142 2.45 -30.63 0.76
C GLY D 142 2.12 -30.85 -0.70
N THR D 143 2.64 -30.01 -1.58
CA THR D 143 2.33 -30.13 -3.00
C THR D 143 2.85 -31.45 -3.57
N LEU D 144 4.06 -31.83 -3.20
CA LEU D 144 4.69 -32.98 -3.84
C LEU D 144 4.08 -34.28 -3.33
N THR D 145 4.36 -35.34 -4.05
CA THR D 145 3.94 -36.68 -3.66
C THR D 145 4.96 -37.31 -2.74
N VAL D 146 4.49 -38.27 -1.96
CA VAL D 146 5.37 -39.06 -1.10
C VAL D 146 6.63 -39.48 -1.84
N ARG D 147 6.44 -40.12 -2.99
CA ARG D 147 7.58 -40.65 -3.73
C ARG D 147 8.54 -39.55 -4.14
N GLU D 148 8.01 -38.38 -4.50
CA GLU D 148 8.87 -37.28 -4.90
C GLU D 148 9.72 -36.79 -3.73
N ASN D 149 9.12 -36.65 -2.55
CA ASN D 149 9.88 -36.24 -1.38
C ASN D 149 10.97 -37.25 -1.04
N LEU D 150 10.64 -38.54 -1.09
CA LEU D 150 11.65 -39.54 -0.81
C LEU D 150 12.78 -39.48 -1.84
N GLN D 151 12.45 -39.24 -3.11
CA GLN D 151 13.48 -39.10 -4.12
C GLN D 151 14.37 -37.89 -3.83
N PHE D 152 13.76 -36.79 -3.41
CA PHE D 152 14.54 -35.61 -3.04
C PHE D 152 15.55 -35.94 -1.95
N SER D 153 15.07 -36.54 -0.87
CA SER D 153 15.95 -36.87 0.25
C SER D 153 17.01 -37.87 -0.18
N ALA D 154 16.66 -38.85 -0.99
CA ALA D 154 17.64 -39.84 -1.42
C ALA D 154 18.71 -39.21 -2.29
N ALA D 155 18.32 -38.30 -3.18
CA ALA D 155 19.28 -37.68 -4.06
C ALA D 155 20.25 -36.81 -3.30
N LEU D 156 19.76 -36.06 -2.31
CA LEU D 156 20.64 -35.15 -1.60
C LEU D 156 21.46 -35.85 -0.52
N ARG D 157 20.80 -36.61 0.36
CA ARG D 157 21.51 -37.21 1.48
C ARG D 157 22.46 -38.30 1.02
N LEU D 158 22.00 -39.21 0.18
CA LEU D 158 22.84 -40.33 -0.22
C LEU D 158 23.95 -39.88 -1.16
N ALA D 159 24.83 -40.82 -1.46
CA ALA D 159 25.96 -40.56 -2.32
C ALA D 159 25.54 -40.51 -3.78
N THR D 160 26.25 -39.68 -4.56
CA THR D 160 25.90 -39.52 -5.97
C THR D 160 26.30 -40.74 -6.79
N THR D 161 27.33 -41.48 -6.34
CA THR D 161 27.82 -42.60 -7.12
C THR D 161 26.73 -43.65 -7.33
N MET D 162 25.86 -43.83 -6.35
CA MET D 162 24.84 -44.86 -6.44
C MET D 162 23.89 -44.57 -7.60
N THR D 163 23.53 -45.63 -8.32
CA THR D 163 22.62 -45.51 -9.44
C THR D 163 21.20 -45.20 -8.97
N ASN D 164 20.45 -44.50 -9.82
CA ASN D 164 19.09 -44.12 -9.45
C ASN D 164 18.22 -45.34 -9.18
N HIS D 165 18.55 -46.48 -9.79
CA HIS D 165 17.76 -47.68 -9.57
C HIS D 165 17.87 -48.15 -8.13
N GLU D 166 19.08 -48.11 -7.55
CA GLU D 166 19.24 -48.50 -6.15
C GLU D 166 18.46 -47.56 -5.24
N LYS D 167 18.49 -46.26 -5.54
CA LYS D 167 17.74 -45.31 -4.73
C LYS D 167 16.24 -45.60 -4.81
N ASN D 168 15.75 -45.90 -6.00
CA ASN D 168 14.34 -46.27 -6.13
C ASN D 168 14.03 -47.54 -5.34
N GLU D 169 14.97 -48.49 -5.33
CA GLU D 169 14.77 -49.71 -4.55
C GLU D 169 14.67 -49.39 -3.06
N ARG D 170 15.56 -48.53 -2.58
CA ARG D 170 15.52 -48.14 -1.17
C ARG D 170 14.22 -47.46 -0.84
N ILE D 171 13.75 -46.57 -1.72
CA ILE D 171 12.49 -45.88 -1.47
C ILE D 171 11.35 -46.87 -1.41
N ASN D 172 11.34 -47.84 -2.32
CA ASN D 172 10.26 -48.84 -2.32
C ASN D 172 10.31 -49.67 -1.05
N ARG D 173 11.51 -50.04 -0.61
CA ARG D 173 11.65 -50.78 0.63
C ARG D 173 11.08 -49.98 1.80
N VAL D 174 11.43 -48.70 1.87
CA VAL D 174 10.93 -47.85 2.95
C VAL D 174 9.41 -47.77 2.91
N ILE D 175 8.85 -47.62 1.70
CA ILE D 175 7.40 -47.54 1.58
C ILE D 175 6.75 -48.83 2.05
N GLN D 176 7.35 -49.97 1.70
CA GLN D 176 6.83 -51.25 2.16
C GLN D 176 6.87 -51.33 3.68
N GLU D 177 7.97 -50.88 4.30
CA GLU D 177 8.09 -50.95 5.75
C GLU D 177 7.05 -50.07 6.43
N LEU D 178 6.81 -48.89 5.90
CA LEU D 178 5.90 -47.93 6.53
C LEU D 178 4.46 -48.11 6.11
N GLY D 179 4.16 -49.04 5.22
CA GLY D 179 2.80 -49.24 4.78
C GLY D 179 2.24 -48.06 4.04
N LEU D 180 3.01 -47.54 3.08
CA LEU D 180 2.61 -46.39 2.28
C LEU D 180 2.41 -46.73 0.81
N ASP D 181 2.42 -48.02 0.46
CA ASP D 181 2.31 -48.41 -0.95
C ASP D 181 1.13 -47.75 -1.63
N LYS D 182 0.00 -47.67 -0.94
CA LYS D 182 -1.22 -47.17 -1.56
C LYS D 182 -1.18 -45.66 -1.75
N VAL D 183 -0.42 -44.95 -0.92
CA VAL D 183 -0.40 -43.49 -0.94
C VAL D 183 0.93 -42.98 -1.47
N ALA D 184 1.66 -43.81 -2.22
CA ALA D 184 2.95 -43.39 -2.76
C ALA D 184 2.81 -42.19 -3.66
N ASP D 185 1.75 -42.15 -4.47
CA ASP D 185 1.63 -41.17 -5.55
C ASP D 185 0.49 -40.19 -5.31
N SER D 186 0.01 -40.07 -4.08
CA SER D 186 -1.01 -39.11 -3.74
C SER D 186 -0.41 -37.93 -3.01
N LYS D 187 -0.90 -36.73 -3.33
CA LYS D 187 -0.34 -35.52 -2.75
C LYS D 187 -0.54 -35.50 -1.24
N VAL D 188 0.45 -34.93 -0.55
CA VAL D 188 0.40 -34.86 0.90
C VAL D 188 -0.69 -33.91 1.37
N GLY D 189 -0.95 -32.85 0.63
CA GLY D 189 -2.02 -31.93 0.98
C GLY D 189 -1.56 -30.54 1.34
N THR D 190 -2.41 -29.54 1.04
CA THR D 190 -2.12 -28.14 1.30
C THR D 190 -3.44 -27.42 1.50
N GLN D 191 -3.38 -26.08 1.56
CA GLN D 191 -4.59 -25.29 1.73
C GLN D 191 -5.55 -25.48 0.57
N PHE D 192 -5.02 -25.48 -0.66
CA PHE D 192 -5.85 -25.61 -1.85
C PHE D 192 -5.94 -27.04 -2.37
N ILE D 193 -5.07 -27.94 -1.90
CA ILE D 193 -5.04 -29.31 -2.36
C ILE D 193 -5.57 -30.23 -1.27
N ARG D 194 -6.21 -31.31 -1.69
CA ARG D 194 -6.70 -32.31 -0.76
C ARG D 194 -5.53 -33.09 -0.15
N GLY D 195 -5.66 -33.43 1.13
CA GLY D 195 -4.55 -33.98 1.88
C GLY D 195 -4.85 -35.33 2.50
N VAL D 196 -3.79 -36.11 2.70
CA VAL D 196 -3.88 -37.41 3.36
C VAL D 196 -3.90 -37.20 4.87
N SER D 197 -4.20 -38.24 5.62
CA SER D 197 -4.33 -38.15 7.07
C SER D 197 -2.99 -37.80 7.71
N GLY D 198 -3.08 -37.28 8.94
CA GLY D 198 -1.87 -36.89 9.66
C GLY D 198 -0.92 -38.04 9.88
N GLY D 199 -1.46 -39.25 10.09
CA GLY D 199 -0.61 -40.41 10.25
C GLY D 199 0.25 -40.67 9.03
N GLU D 200 -0.34 -40.51 7.84
CA GLU D 200 0.42 -40.66 6.61
C GLU D 200 1.50 -39.59 6.50
N ARG D 201 1.15 -38.35 6.87
CA ARG D 201 2.14 -37.28 6.92
C ARG D 201 3.33 -37.68 7.78
N LYS D 202 3.07 -38.18 8.98
CA LYS D 202 4.14 -38.52 9.91
C LYS D 202 4.96 -39.68 9.40
N ARG D 203 4.31 -40.70 8.83
CA ARG D 203 5.05 -41.81 8.26
C ARG D 203 5.95 -41.35 7.12
N THR D 204 5.48 -40.38 6.34
CA THR D 204 6.32 -39.81 5.29
C THR D 204 7.51 -39.09 5.89
N SER D 205 7.28 -38.28 6.91
CA SER D 205 8.37 -37.54 7.54
C SER D 205 9.42 -38.49 8.07
N ILE D 206 8.99 -39.60 8.68
CA ILE D 206 9.93 -40.63 9.10
C ILE D 206 10.62 -41.27 7.92
N GLY D 207 9.93 -41.41 6.80
CA GLY D 207 10.54 -42.01 5.63
C GLY D 207 11.74 -41.24 5.13
N MET D 208 11.66 -39.91 5.20
CA MET D 208 12.76 -39.08 4.71
C MET D 208 14.04 -39.31 5.50
N GLU D 209 13.94 -39.85 6.71
CA GLU D 209 15.09 -40.03 7.58
C GLU D 209 15.70 -41.42 7.51
N LEU D 210 14.89 -42.44 7.24
CA LEU D 210 15.39 -43.80 7.16
C LEU D 210 16.11 -44.09 5.84
N ILE D 211 16.08 -43.16 4.89
CA ILE D 211 16.73 -43.40 3.60
C ILE D 211 18.19 -43.76 3.80
N THR D 212 18.88 -43.01 4.66
CA THR D 212 20.28 -43.26 4.94
C THR D 212 20.49 -44.36 5.96
N ASP D 213 19.43 -45.04 6.39
CA ASP D 213 19.53 -46.20 7.25
C ASP D 213 20.25 -45.85 8.55
N PRO D 214 19.67 -45.01 9.39
CA PRO D 214 20.35 -44.61 10.62
C PRO D 214 20.22 -45.66 11.72
N SER D 215 21.29 -45.81 12.49
CA SER D 215 21.23 -46.67 13.66
C SER D 215 20.52 -45.99 14.81
N ILE D 216 20.62 -44.67 14.91
CA ILE D 216 19.96 -43.89 15.95
C ILE D 216 18.94 -42.97 15.30
N LEU D 217 17.82 -42.79 15.97
CA LEU D 217 16.68 -42.07 15.42
C LEU D 217 16.01 -41.27 16.52
N PHE D 218 15.81 -39.98 16.29
CA PHE D 218 15.25 -39.08 17.28
C PHE D 218 13.91 -38.53 16.80
N LEU D 219 13.01 -38.32 17.75
CA LEU D 219 11.67 -37.83 17.47
C LEU D 219 11.28 -36.83 18.55
N ASP D 220 10.49 -35.84 18.16
CA ASP D 220 10.02 -34.79 19.06
C ASP D 220 8.50 -34.75 19.01
N GLU D 221 7.86 -35.23 20.07
CA GLU D 221 6.41 -35.20 20.20
C GLU D 221 5.74 -35.83 18.97
N PRO D 222 6.07 -37.08 18.66
CA PRO D 222 5.47 -37.71 17.48
C PRO D 222 3.97 -37.85 17.56
N THR D 223 3.43 -37.99 18.77
CA THR D 223 2.01 -38.22 18.94
C THR D 223 1.22 -36.92 19.01
N THR D 224 1.85 -35.83 19.43
CA THR D 224 1.14 -34.57 19.59
C THR D 224 0.57 -34.13 18.25
N GLY D 225 -0.63 -33.57 18.30
CA GLY D 225 -1.33 -33.18 17.09
C GLY D 225 -1.98 -34.31 16.34
N LEU D 226 -2.07 -35.49 16.94
CA LEU D 226 -2.67 -36.66 16.31
C LEU D 226 -3.83 -37.16 17.16
N ASP D 227 -4.59 -38.08 16.57
CA ASP D 227 -5.65 -38.76 17.30
C ASP D 227 -5.09 -39.95 18.07
N SER D 228 -5.90 -40.49 18.97
CA SER D 228 -5.42 -41.56 19.84
C SER D 228 -5.08 -42.81 19.05
N SER D 229 -5.99 -43.24 18.16
CA SER D 229 -5.72 -44.45 17.38
C SER D 229 -4.54 -44.26 16.45
N THR D 230 -4.45 -43.09 15.81
CA THR D 230 -3.31 -42.83 14.94
C THR D 230 -2.01 -42.83 15.73
N ALA D 231 -2.02 -42.21 16.91
CA ALA D 231 -0.83 -42.21 17.75
C ALA D 231 -0.41 -43.62 18.12
N ASN D 232 -1.38 -44.45 18.50
CA ASN D 232 -1.06 -45.83 18.87
C ASN D 232 -0.50 -46.58 17.67
N ALA D 233 -1.06 -46.37 16.48
CA ALA D 233 -0.55 -47.03 15.30
C ALA D 233 0.89 -46.62 15.01
N VAL D 234 1.19 -45.33 15.13
CA VAL D 234 2.55 -44.86 14.89
C VAL D 234 3.52 -45.47 15.89
N LEU D 235 3.12 -45.52 17.16
CA LEU D 235 4.01 -46.09 18.18
C LEU D 235 4.22 -47.58 17.95
N LEU D 236 3.19 -48.29 17.52
CA LEU D 236 3.36 -49.70 17.19
C LEU D 236 4.31 -49.87 16.02
N LEU D 237 4.23 -48.97 15.05
CA LEU D 237 5.18 -49.00 13.94
C LEU D 237 6.61 -48.78 14.42
N LEU D 238 6.79 -47.83 15.33
CA LEU D 238 8.13 -47.58 15.85
C LEU D 238 8.65 -48.80 16.61
N LYS D 239 7.79 -49.44 17.40
CA LYS D 239 8.20 -50.65 18.11
C LYS D 239 8.53 -51.78 17.15
N ARG D 240 7.82 -51.84 16.02
CA ARG D 240 8.20 -52.79 14.97
C ARG D 240 9.61 -52.49 14.46
N MET D 241 9.91 -51.21 14.24
CA MET D 241 11.24 -50.85 13.74
C MET D 241 12.32 -51.20 14.74
N SER D 242 12.08 -50.93 16.03
CA SER D 242 13.09 -51.18 17.04
C SER D 242 13.50 -52.66 17.08
N LYS D 243 12.58 -53.54 16.73
CA LYS D 243 12.88 -54.97 16.74
C LYS D 243 14.02 -55.30 15.79
N GLN D 244 14.18 -54.53 14.71
CA GLN D 244 15.22 -54.83 13.74
C GLN D 244 16.62 -54.54 14.28
N GLY D 245 16.74 -53.67 15.28
CA GLY D 245 18.02 -53.37 15.88
C GLY D 245 18.38 -51.91 15.86
N ARG D 246 17.39 -51.03 15.78
CA ARG D 246 17.62 -49.60 15.77
C ARG D 246 17.35 -49.02 17.14
N THR D 247 18.18 -48.06 17.54
CA THR D 247 17.93 -47.29 18.74
C THR D 247 17.00 -46.14 18.42
N ILE D 248 15.98 -45.95 19.26
CA ILE D 248 14.97 -44.93 19.05
C ILE D 248 14.81 -44.13 20.33
N ILE D 249 14.72 -42.83 20.19
CA ILE D 249 14.63 -41.90 21.31
C ILE D 249 13.57 -40.87 20.97
N PHE D 250 12.67 -40.62 21.90
CA PHE D 250 11.60 -39.66 21.64
C PHE D 250 11.08 -39.08 22.93
N SER D 251 10.31 -38.00 22.79
CA SER D 251 9.71 -37.28 23.89
C SER D 251 8.20 -37.27 23.71
N ILE D 252 7.46 -37.43 24.81
CA ILE D 252 6.02 -37.50 24.78
C ILE D 252 5.47 -36.53 25.82
N HIS D 253 4.19 -36.19 25.66
CA HIS D 253 3.47 -35.34 26.59
C HIS D 253 2.21 -36.07 27.05
N GLN D 254 2.17 -36.41 28.34
CA GLN D 254 1.03 -37.07 28.99
C GLN D 254 0.41 -38.14 28.10
N PRO D 255 1.10 -39.28 27.92
CA PRO D 255 0.57 -40.36 27.09
C PRO D 255 -0.53 -41.16 27.76
N ARG D 256 -0.94 -42.25 27.11
CA ARG D 256 -1.91 -43.19 27.66
C ARG D 256 -1.17 -44.46 28.11
N TYR D 257 -1.92 -45.38 28.72
CA TYR D 257 -1.28 -46.51 29.38
C TYR D 257 -0.66 -47.48 28.38
N SER D 258 -1.33 -47.73 27.26
CA SER D 258 -0.73 -48.59 26.25
C SER D 258 0.58 -47.99 25.75
N ILE D 259 0.59 -46.67 25.55
CA ILE D 259 1.80 -45.97 25.18
C ILE D 259 2.88 -46.21 26.23
N PHE D 260 2.54 -46.01 27.50
CA PHE D 260 3.50 -46.17 28.58
C PHE D 260 3.95 -47.61 28.75
N LYS D 261 3.19 -48.57 28.21
CA LYS D 261 3.59 -49.97 28.31
C LYS D 261 4.50 -50.36 27.16
N LEU D 262 4.31 -49.75 26.00
CA LEU D 262 5.16 -50.07 24.85
C LEU D 262 6.63 -49.76 25.11
N PHE D 263 6.92 -48.87 26.06
CA PHE D 263 8.29 -48.44 26.29
C PHE D 263 9.15 -49.57 26.83
N ASP D 264 10.44 -49.48 26.58
CA ASP D 264 11.44 -50.38 27.14
C ASP D 264 12.35 -49.72 28.15
N SER D 265 12.60 -48.42 27.99
CA SER D 265 13.36 -47.63 28.94
C SER D 265 12.66 -46.29 29.13
N LEU D 266 12.90 -45.66 30.27
CA LEU D 266 12.21 -44.44 30.64
C LEU D 266 13.18 -43.44 31.23
N THR D 267 12.88 -42.17 31.01
CA THR D 267 13.65 -41.07 31.55
C THR D 267 12.67 -39.95 31.90
N LEU D 268 12.83 -39.36 33.07
CA LEU D 268 11.90 -38.39 33.60
C LEU D 268 12.66 -37.14 34.03
N LEU D 269 12.05 -35.97 33.81
CA LEU D 269 12.73 -34.71 34.04
C LEU D 269 11.76 -33.68 34.59
N ALA D 270 12.32 -32.74 35.34
CA ALA D 270 11.59 -31.56 35.80
C ALA D 270 12.59 -30.53 36.28
N SER D 271 12.45 -29.30 35.80
CA SER D 271 13.39 -28.22 36.12
C SER D 271 14.83 -28.65 35.89
N GLY D 272 15.05 -29.40 34.82
CA GLY D 272 16.38 -29.87 34.50
C GLY D 272 16.91 -30.91 35.46
N ARG D 273 16.04 -31.53 36.25
CA ARG D 273 16.44 -32.50 37.26
C ARG D 273 15.98 -33.88 36.86
N LEU D 274 16.91 -34.84 36.89
CA LEU D 274 16.61 -36.22 36.59
C LEU D 274 15.88 -36.83 37.79
N MET D 275 14.56 -36.87 37.72
CA MET D 275 13.78 -37.49 38.78
C MET D 275 13.91 -39.00 38.77
N PHE D 276 14.02 -39.60 37.59
CA PHE D 276 14.12 -41.04 37.49
C PHE D 276 14.75 -41.41 36.16
N HIS D 277 15.34 -42.61 36.13
CA HIS D 277 15.82 -43.19 34.89
C HIS D 277 15.96 -44.69 35.11
N GLY D 278 15.49 -45.46 34.12
CA GLY D 278 15.54 -46.90 34.18
C GLY D 278 14.38 -47.50 33.43
N PRO D 279 14.20 -48.82 33.57
CA PRO D 279 13.08 -49.47 32.90
C PRO D 279 11.74 -48.87 33.33
N ALA D 280 10.82 -48.82 32.38
CA ALA D 280 9.57 -48.12 32.60
C ALA D 280 8.76 -48.76 33.72
N GLN D 281 8.74 -50.09 33.77
CA GLN D 281 7.91 -50.78 34.75
C GLN D 281 8.34 -50.46 36.17
N GLU D 282 9.65 -50.41 36.41
CA GLU D 282 10.18 -50.19 37.75
C GLU D 282 9.91 -48.78 38.27
N ALA D 283 9.45 -47.86 37.42
CA ALA D 283 9.18 -46.50 37.88
C ALA D 283 8.08 -46.49 38.94
N LEU D 284 7.01 -47.23 38.69
CA LEU D 284 5.91 -47.29 39.64
C LEU D 284 6.38 -47.90 40.96
N GLY D 285 7.14 -48.98 40.90
CA GLY D 285 7.65 -49.58 42.11
C GLY D 285 8.57 -48.64 42.88
N TYR D 286 9.42 -47.91 42.17
CA TYR D 286 10.31 -46.96 42.81
C TYR D 286 9.51 -45.87 43.52
N PHE D 287 8.49 -45.33 42.86
CA PHE D 287 7.69 -44.29 43.48
C PHE D 287 6.92 -44.83 44.67
N GLU D 288 6.40 -46.06 44.57
CA GLU D 288 5.71 -46.67 45.70
C GLU D 288 6.66 -46.82 46.89
N SER D 289 7.87 -47.30 46.64
CA SER D 289 8.85 -47.45 47.71
C SER D 289 9.31 -46.10 48.25
N ALA D 290 9.13 -45.02 47.47
CA ALA D 290 9.54 -43.70 47.94
C ALA D 290 8.57 -43.11 48.95
N GLY D 291 7.34 -43.60 49.02
CA GLY D 291 6.36 -43.07 49.96
C GLY D 291 5.17 -42.44 49.27
N TYR D 292 4.82 -42.93 48.09
CA TYR D 292 3.67 -42.47 47.34
C TYR D 292 2.84 -43.68 46.92
N HIS D 293 1.53 -43.48 46.78
CA HIS D 293 0.62 -44.55 46.46
C HIS D 293 -0.27 -44.16 45.30
N CYS D 294 -0.46 -45.09 44.36
CA CYS D 294 -1.25 -44.85 43.17
C CYS D 294 -2.52 -45.68 43.24
N GLU D 295 -3.66 -45.01 43.19
CA GLU D 295 -4.95 -45.69 43.18
C GLU D 295 -5.25 -46.25 41.80
N ALA D 296 -6.10 -47.27 41.76
CA ALA D 296 -6.41 -47.93 40.51
C ALA D 296 -7.10 -46.97 39.54
N TYR D 297 -7.08 -47.33 38.27
CA TYR D 297 -7.65 -46.52 37.19
C TYR D 297 -6.94 -45.17 37.06
N ASN D 298 -5.72 -45.08 37.55
CA ASN D 298 -4.90 -43.88 37.44
C ASN D 298 -3.71 -44.19 36.53
N ASN D 299 -3.54 -43.36 35.51
CA ASN D 299 -2.48 -43.60 34.53
C ASN D 299 -1.12 -43.34 35.18
N PRO D 300 -0.15 -44.26 35.04
CA PRO D 300 1.14 -44.05 35.70
C PRO D 300 1.81 -42.74 35.31
N ALA D 301 1.72 -42.33 34.05
CA ALA D 301 2.35 -41.09 33.62
C ALA D 301 1.70 -39.90 34.30
N ASP D 302 0.37 -39.87 34.33
CA ASP D 302 -0.33 -38.80 35.03
C ASP D 302 -0.02 -38.84 36.52
N PHE D 303 0.20 -40.05 37.07
CA PHE D 303 0.61 -40.16 38.46
C PHE D 303 1.95 -39.47 38.68
N PHE D 304 2.91 -39.72 37.80
CA PHE D 304 4.21 -39.07 37.90
C PHE D 304 4.06 -37.55 37.82
N LEU D 305 3.30 -37.07 36.84
CA LEU D 305 3.16 -35.64 36.65
C LEU D 305 2.48 -34.99 37.85
N ASP D 306 1.48 -35.65 38.41
CA ASP D 306 0.83 -35.14 39.61
C ASP D 306 1.80 -35.08 40.77
N ILE D 307 2.66 -36.10 40.91
CA ILE D 307 3.67 -36.07 41.95
C ILE D 307 4.56 -34.85 41.78
N ILE D 308 4.98 -34.58 40.53
CA ILE D 308 5.83 -33.43 40.27
C ILE D 308 5.11 -32.15 40.66
N ASN D 309 3.85 -32.02 40.26
CA ASN D 309 3.10 -30.79 40.53
C ASN D 309 2.89 -30.59 42.03
N GLY D 310 2.57 -31.67 42.75
CA GLY D 310 2.28 -31.57 44.16
C GLY D 310 0.96 -32.21 44.54
N ASP D 311 0.46 -33.10 43.68
CA ASP D 311 -0.80 -33.78 43.92
C ASP D 311 -1.91 -32.77 44.23
N LEU D 338 10.45 -30.01 47.22
CA LEU D 338 9.81 -31.16 46.57
C LEU D 338 10.71 -31.72 45.48
N ILE D 339 11.13 -30.83 44.57
CA ILE D 339 11.93 -31.27 43.44
C ILE D 339 13.28 -31.80 43.90
N GLU D 340 13.97 -31.03 44.75
CA GLU D 340 15.25 -31.47 45.26
C GLU D 340 15.09 -32.74 46.10
N LYS D 341 13.98 -32.87 46.81
CA LYS D 341 13.73 -34.08 47.59
C LYS D 341 13.70 -35.30 46.68
N LEU D 342 12.96 -35.21 45.57
CA LEU D 342 12.88 -36.32 44.63
C LEU D 342 14.23 -36.60 43.99
N ALA D 343 14.98 -35.55 43.63
CA ALA D 343 16.29 -35.76 43.03
C ALA D 343 17.22 -36.49 43.99
N GLU D 344 17.20 -36.08 45.27
CA GLU D 344 18.03 -36.76 46.27
C GLU D 344 17.60 -38.20 46.46
N ILE D 345 16.29 -38.45 46.48
CA ILE D 345 15.81 -39.82 46.59
C ILE D 345 16.36 -40.66 45.45
N TYR D 346 16.27 -40.16 44.22
CA TYR D 346 16.76 -40.94 43.09
C TYR D 346 18.27 -41.14 43.19
N VAL D 347 19.01 -40.12 43.62
CA VAL D 347 20.44 -40.28 43.79
C VAL D 347 20.73 -41.41 44.78
N ASN D 348 19.93 -41.50 45.84
CA ASN D 348 20.12 -42.57 46.82
C ASN D 348 19.72 -43.94 46.30
N SER D 349 19.03 -44.01 45.17
CA SER D 349 18.49 -45.28 44.70
C SER D 349 19.59 -46.16 44.11
N SER D 350 19.21 -47.42 43.85
CA SER D 350 20.13 -48.38 43.25
C SER D 350 20.28 -48.15 41.75
N PHE D 351 19.24 -47.63 41.09
CA PHE D 351 19.33 -47.37 39.66
C PHE D 351 20.44 -46.37 39.35
N TYR D 352 20.52 -45.30 40.15
CA TYR D 352 21.59 -44.33 39.97
C TYR D 352 22.95 -44.98 40.18
N LYS D 353 23.06 -45.86 41.17
CA LYS D 353 24.31 -46.57 41.41
C LYS D 353 24.72 -47.36 40.17
N GLU D 354 23.81 -48.16 39.63
CA GLU D 354 24.14 -48.99 38.48
C GLU D 354 24.49 -48.13 37.26
N THR D 355 23.73 -47.07 37.04
CA THR D 355 24.00 -46.20 35.89
C THR D 355 25.37 -45.55 36.00
N LYS D 356 25.71 -45.05 37.20
CA LYS D 356 27.00 -44.41 37.39
C LYS D 356 28.13 -45.41 37.21
N ALA D 357 27.96 -46.62 37.74
CA ALA D 357 28.98 -47.64 37.56
C ALA D 357 29.18 -47.96 36.09
N GLU D 358 28.09 -48.13 35.35
CA GLU D 358 28.21 -48.47 33.93
C GLU D 358 28.88 -47.33 33.16
N LEU D 359 28.53 -46.08 33.48
CA LEU D 359 29.17 -44.95 32.82
C LEU D 359 30.67 -44.94 33.08
N HIS D 360 31.06 -45.08 34.35
CA HIS D 360 32.47 -45.07 34.68
C HIS D 360 33.20 -46.25 34.04
N GLN D 361 32.48 -47.34 33.78
CA GLN D 361 33.06 -48.44 33.01
C GLN D 361 33.30 -48.01 31.56
N LEU D 362 32.31 -47.36 30.95
CA LEU D 362 32.45 -46.97 29.55
C LEU D 362 33.56 -45.96 29.35
N SER D 363 33.64 -44.96 30.23
CA SER D 363 34.67 -43.93 30.09
C SER D 363 36.06 -44.52 30.15
N GLY D 364 36.30 -45.43 31.11
CA GLY D 364 37.59 -46.06 31.25
C GLY D 364 37.67 -47.40 30.54
N TYR D 379 31.31 -31.46 0.71
CA TYR D 379 30.00 -31.97 1.08
C TYR D 379 29.77 -33.36 0.48
N THR D 380 28.64 -33.96 0.85
CA THR D 380 28.29 -35.27 0.31
C THR D 380 28.15 -35.22 -1.20
N THR D 381 27.50 -34.18 -1.72
CA THR D 381 27.21 -34.05 -3.13
C THR D 381 27.89 -32.80 -3.70
N SER D 382 27.88 -32.73 -5.03
CA SER D 382 28.42 -31.57 -5.72
C SER D 382 27.47 -30.38 -5.60
N PHE D 383 27.81 -29.30 -6.30
CA PHE D 383 27.00 -28.09 -6.24
C PHE D 383 25.87 -28.12 -7.27
N CYS D 384 26.19 -28.51 -8.50
CA CYS D 384 25.18 -28.54 -9.55
C CYS D 384 24.04 -29.46 -9.18
N HIS D 385 24.34 -30.58 -8.52
CA HIS D 385 23.30 -31.53 -8.14
C HIS D 385 22.31 -30.89 -7.18
N GLN D 386 22.83 -30.22 -6.15
CA GLN D 386 21.97 -29.57 -5.18
C GLN D 386 21.15 -28.48 -5.84
N LEU D 387 21.79 -27.69 -6.71
CA LEU D 387 21.08 -26.61 -7.40
C LEU D 387 19.94 -27.16 -8.24
N ARG D 388 20.23 -28.22 -9.00
CA ARG D 388 19.22 -28.81 -9.87
C ARG D 388 18.03 -29.31 -9.07
N TRP D 389 18.30 -30.02 -7.97
CA TRP D 389 17.18 -30.64 -7.26
C TRP D 389 16.39 -29.60 -6.46
N VAL D 390 17.06 -28.60 -5.90
CA VAL D 390 16.34 -27.54 -5.22
C VAL D 390 15.44 -26.79 -6.20
N SER D 391 15.98 -26.47 -7.38
CA SER D 391 15.18 -25.77 -8.38
C SER D 391 14.00 -26.60 -8.82
N LYS D 392 14.23 -27.90 -9.04
CA LYS D 392 13.14 -28.79 -9.45
C LYS D 392 12.04 -28.82 -8.41
N ARG D 393 12.40 -28.94 -7.14
CA ARG D 393 11.39 -28.96 -6.08
C ARG D 393 10.63 -27.64 -6.02
N SER D 394 11.34 -26.52 -6.12
CA SER D 394 10.68 -25.23 -6.06
C SER D 394 9.73 -25.04 -7.22
N PHE D 395 10.13 -25.46 -8.41
CA PHE D 395 9.24 -25.35 -9.56
C PHE D 395 8.02 -26.25 -9.41
N LYS D 396 8.19 -27.47 -8.93
CA LYS D 396 7.04 -28.33 -8.66
C LYS D 396 6.08 -27.66 -7.69
N ASN D 397 6.61 -27.09 -6.61
CA ASN D 397 5.75 -26.43 -5.64
C ASN D 397 5.05 -25.23 -6.25
N LEU D 398 5.76 -24.48 -7.09
CA LEU D 398 5.18 -23.31 -7.74
C LEU D 398 4.02 -23.71 -8.66
N LEU D 399 4.23 -24.74 -9.48
CA LEU D 399 3.18 -25.19 -10.37
C LEU D 399 2.02 -25.82 -9.59
N GLY D 400 2.31 -26.45 -8.46
CA GLY D 400 1.31 -27.10 -7.65
C GLY D 400 0.61 -26.20 -6.67
N ASN D 401 0.85 -24.89 -6.77
CA ASN D 401 0.08 -23.89 -6.05
C ASN D 401 -0.39 -22.83 -7.05
N PRO D 402 -1.22 -23.22 -8.01
CA PRO D 402 -1.51 -22.31 -9.12
C PRO D 402 -2.15 -21.01 -8.69
N GLN D 403 -2.84 -20.99 -7.55
CA GLN D 403 -3.59 -19.78 -7.19
C GLN D 403 -2.68 -18.57 -7.11
N ALA D 404 -1.58 -18.67 -6.38
CA ALA D 404 -0.76 -17.49 -6.11
C ALA D 404 -0.21 -16.87 -7.38
N SER D 405 0.31 -17.68 -8.29
CA SER D 405 0.92 -17.17 -9.51
C SER D 405 -0.13 -16.75 -10.53
N ILE D 406 -1.12 -17.61 -10.75
CA ILE D 406 -2.12 -17.35 -11.78
C ILE D 406 -2.96 -16.14 -11.43
N ALA D 407 -3.23 -15.93 -10.14
CA ALA D 407 -3.97 -14.74 -9.73
C ALA D 407 -3.21 -13.47 -10.09
N GLN D 408 -1.90 -13.46 -9.83
CA GLN D 408 -1.11 -12.28 -10.17
C GLN D 408 -1.06 -12.06 -11.66
N ILE D 409 -0.92 -13.14 -12.45
CA ILE D 409 -0.86 -12.99 -13.90
C ILE D 409 -2.19 -12.43 -14.42
N ILE D 410 -3.30 -12.97 -13.94
CA ILE D 410 -4.61 -12.49 -14.37
C ILE D 410 -4.81 -11.04 -13.96
N VAL D 411 -4.34 -10.68 -12.77
CA VAL D 411 -4.51 -9.31 -12.29
C VAL D 411 -3.69 -8.35 -13.13
N THR D 412 -2.47 -8.74 -13.51
CA THR D 412 -1.68 -7.87 -14.36
C THR D 412 -2.32 -7.70 -15.73
N VAL D 413 -2.89 -8.77 -16.28
CA VAL D 413 -3.59 -8.66 -17.55
C VAL D 413 -4.76 -7.68 -17.43
N VAL D 414 -5.56 -7.82 -16.37
CA VAL D 414 -6.70 -6.95 -16.18
C VAL D 414 -6.25 -5.50 -16.03
N LEU D 415 -5.19 -5.28 -15.26
CA LEU D 415 -4.68 -3.93 -15.05
C LEU D 415 -4.18 -3.34 -16.36
N GLY D 416 -3.48 -4.12 -17.16
CA GLY D 416 -3.07 -3.63 -18.46
C GLY D 416 -4.24 -3.22 -19.32
N LEU D 417 -5.30 -4.03 -19.33
CA LEU D 417 -6.48 -3.68 -20.12
C LEU D 417 -7.11 -2.39 -19.62
N VAL D 418 -7.22 -2.24 -18.31
CA VAL D 418 -7.85 -1.04 -17.74
C VAL D 418 -7.01 0.20 -18.05
N ILE D 419 -5.70 0.09 -17.88
CA ILE D 419 -4.81 1.21 -18.18
C ILE D 419 -4.91 1.59 -19.65
N GLY D 420 -4.93 0.60 -20.54
CA GLY D 420 -5.10 0.89 -21.95
C GLY D 420 -6.42 1.59 -22.24
N ALA D 421 -7.48 1.18 -21.55
CA ALA D 421 -8.78 1.79 -21.79
C ALA D 421 -8.81 3.25 -21.33
N ILE D 422 -8.28 3.52 -20.14
CA ILE D 422 -8.33 4.86 -19.59
C ILE D 422 -7.47 5.81 -20.41
N TYR D 423 -6.24 5.40 -20.73
CA TYR D 423 -5.29 6.25 -21.42
C TYR D 423 -5.29 6.03 -22.93
N PHE D 424 -6.33 5.42 -23.47
CA PHE D 424 -6.33 5.09 -24.88
C PHE D 424 -6.16 6.34 -25.73
N GLY D 425 -5.23 6.28 -26.68
CA GLY D 425 -5.03 7.35 -27.63
C GLY D 425 -4.43 8.60 -27.03
N LEU D 426 -3.18 8.50 -26.60
CA LEU D 426 -2.49 9.67 -26.09
C LEU D 426 -2.31 10.71 -27.19
N LYS D 427 -2.61 11.95 -26.85
CA LYS D 427 -2.60 13.04 -27.82
C LYS D 427 -1.43 13.97 -27.56
N ASN D 428 -0.88 14.51 -28.64
CA ASN D 428 0.22 15.46 -28.57
C ASN D 428 -0.35 16.87 -28.40
N ASP D 429 -0.87 17.11 -27.21
CA ASP D 429 -1.38 18.40 -26.82
C ASP D 429 -0.97 18.65 -25.37
N SER D 430 -1.59 19.67 -24.76
CA SER D 430 -1.19 20.07 -23.42
C SER D 430 -1.32 18.93 -22.42
N THR D 431 -2.35 18.09 -22.58
CA THR D 431 -2.61 17.00 -21.65
C THR D 431 -1.76 15.77 -21.90
N GLY D 432 -0.98 15.74 -22.98
CA GLY D 432 -0.17 14.57 -23.26
C GLY D 432 0.93 14.39 -22.23
N ILE D 433 1.54 15.48 -21.79
CA ILE D 433 2.62 15.40 -20.82
C ILE D 433 2.11 14.80 -19.51
N GLN D 434 1.00 15.34 -19.02
CA GLN D 434 0.42 14.87 -17.77
C GLN D 434 0.11 13.39 -17.82
N ASN D 435 -0.58 12.97 -18.88
CA ASN D 435 -1.00 11.57 -18.98
C ASN D 435 0.18 10.63 -19.13
N ARG D 436 1.17 11.01 -19.95
CA ARG D 436 2.35 10.16 -20.11
C ARG D 436 3.08 9.99 -18.79
N ALA D 437 3.35 11.10 -18.11
CA ALA D 437 4.04 11.01 -16.83
C ALA D 437 3.25 10.16 -15.85
N GLY D 438 1.94 10.35 -15.80
CA GLY D 438 1.13 9.59 -14.87
C GLY D 438 1.17 8.10 -15.13
N VAL D 439 1.03 7.71 -16.39
CA VAL D 439 0.98 6.29 -16.69
C VAL D 439 2.33 5.63 -16.41
N LEU D 440 3.42 6.31 -16.76
CA LEU D 440 4.73 5.71 -16.50
C LEU D 440 4.98 5.60 -15.00
N PHE D 441 4.62 6.62 -14.24
CA PHE D 441 4.73 6.57 -12.79
C PHE D 441 3.92 5.42 -12.22
N PHE D 442 2.70 5.23 -12.72
CA PHE D 442 1.87 4.15 -12.21
C PHE D 442 2.50 2.80 -12.50
N LEU D 443 3.02 2.61 -13.71
CA LEU D 443 3.66 1.34 -14.03
C LEU D 443 4.82 1.05 -13.09
N THR D 444 5.70 2.03 -12.90
CA THR D 444 6.87 1.81 -12.05
C THR D 444 6.46 1.48 -10.63
N THR D 445 5.55 2.28 -10.06
CA THR D 445 5.14 2.06 -8.68
C THR D 445 4.38 0.75 -8.52
N ASN D 446 3.62 0.35 -9.53
CA ASN D 446 2.94 -0.93 -9.46
C ASN D 446 3.93 -2.08 -9.41
N GLN D 447 4.99 -2.01 -10.21
CA GLN D 447 6.03 -3.04 -10.12
C GLN D 447 6.63 -3.06 -8.72
N CYS D 448 7.02 -1.89 -8.21
CA CYS D 448 7.65 -1.84 -6.89
C CYS D 448 6.74 -2.44 -5.83
N PHE D 449 5.46 -2.08 -5.83
CA PHE D 449 4.57 -2.54 -4.77
C PHE D 449 4.14 -3.99 -4.94
N SER D 450 3.99 -4.47 -6.18
CA SER D 450 3.66 -5.87 -6.39
C SER D 450 4.85 -6.77 -6.10
N SER D 451 6.06 -6.22 -6.03
CA SER D 451 7.22 -7.01 -5.64
C SER D 451 7.31 -7.26 -4.14
N VAL D 452 6.24 -7.03 -3.39
CA VAL D 452 6.24 -7.31 -1.95
C VAL D 452 6.05 -8.79 -1.66
N SER D 453 5.49 -9.56 -2.60
CA SER D 453 5.26 -10.97 -2.35
C SER D 453 6.55 -11.75 -2.10
N ALA D 454 7.70 -11.23 -2.52
CA ALA D 454 8.96 -11.93 -2.33
C ALA D 454 9.30 -12.12 -0.86
N VAL D 455 8.66 -11.35 0.03
CA VAL D 455 8.90 -11.51 1.45
C VAL D 455 8.55 -12.93 1.90
N GLU D 456 7.44 -13.46 1.38
CA GLU D 456 6.96 -14.77 1.77
C GLU D 456 7.89 -15.91 1.34
N LEU D 457 8.86 -15.64 0.47
CA LEU D 457 9.66 -16.71 -0.13
C LEU D 457 10.47 -17.46 0.91
N PHE D 458 11.43 -16.79 1.54
CA PHE D 458 12.31 -17.44 2.51
C PHE D 458 11.69 -17.55 3.89
N VAL D 459 10.76 -16.66 4.22
CA VAL D 459 10.17 -16.66 5.56
C VAL D 459 9.42 -17.95 5.82
N VAL D 460 8.65 -18.41 4.83
CA VAL D 460 7.77 -19.56 5.03
C VAL D 460 8.57 -20.83 5.25
N GLU D 461 9.61 -21.06 4.44
CA GLU D 461 10.36 -22.30 4.46
C GLU D 461 11.59 -22.24 5.35
N LYS D 462 11.57 -21.41 6.39
CA LYS D 462 12.75 -21.25 7.23
C LYS D 462 13.06 -22.53 7.99
N LYS D 463 12.05 -23.15 8.58
CA LYS D 463 12.29 -24.33 9.41
C LYS D 463 12.82 -25.48 8.57
N LEU D 464 12.24 -25.68 7.38
CA LEU D 464 12.72 -26.72 6.48
C LEU D 464 14.15 -26.45 6.06
N PHE D 465 14.48 -25.18 5.77
CA PHE D 465 15.83 -24.84 5.37
C PHE D 465 16.82 -25.17 6.48
N ILE D 466 16.48 -24.82 7.71
CA ILE D 466 17.36 -25.10 8.83
C ILE D 466 17.55 -26.60 9.00
N HIS D 467 16.45 -27.34 8.96
CA HIS D 467 16.53 -28.78 9.18
C HIS D 467 17.35 -29.46 8.10
N GLU D 468 17.22 -29.03 6.85
CA GLU D 468 17.96 -29.66 5.77
C GLU D 468 19.41 -29.19 5.73
N TYR D 469 19.71 -28.00 6.23
CA TYR D 469 21.10 -27.56 6.26
C TYR D 469 21.86 -28.27 7.36
N ILE D 470 21.25 -28.42 8.54
CA ILE D 470 21.90 -29.14 9.63
C ILE D 470 22.15 -30.58 9.22
N SER D 471 21.15 -31.22 8.61
CA SER D 471 21.25 -32.62 8.25
C SER D 471 22.19 -32.86 7.07
N GLY D 472 22.70 -31.81 6.44
CA GLY D 472 23.68 -31.97 5.40
C GLY D 472 23.13 -32.12 4.00
N TYR D 473 21.88 -31.72 3.77
CA TYR D 473 21.30 -31.83 2.44
C TYR D 473 22.07 -30.97 1.44
N TYR D 474 22.25 -29.68 1.75
CA TYR D 474 22.79 -28.74 0.79
C TYR D 474 23.46 -27.59 1.51
N ARG D 475 24.23 -26.83 0.75
CA ARG D 475 24.83 -25.60 1.22
C ARG D 475 23.82 -24.46 1.12
N VAL D 476 24.19 -23.32 1.69
CA VAL D 476 23.33 -22.14 1.62
C VAL D 476 23.31 -21.58 0.20
N SER D 477 24.46 -21.59 -0.46
CA SER D 477 24.55 -21.02 -1.80
C SER D 477 23.57 -21.69 -2.75
N SER D 478 23.53 -23.02 -2.73
CA SER D 478 22.65 -23.74 -3.63
C SER D 478 21.20 -23.40 -3.35
N TYR D 479 20.80 -23.41 -2.08
CA TYR D 479 19.43 -23.08 -1.73
C TYR D 479 19.08 -21.71 -2.24
N PHE D 480 19.90 -20.72 -1.93
CA PHE D 480 19.62 -19.34 -2.31
C PHE D 480 19.48 -19.20 -3.82
N LEU D 481 20.49 -19.68 -4.56
CA LEU D 481 20.50 -19.46 -5.99
C LEU D 481 19.40 -20.25 -6.69
N GLY D 482 19.17 -21.49 -6.30
CA GLY D 482 18.13 -22.28 -6.92
C GLY D 482 16.75 -21.72 -6.64
N LYS D 483 16.51 -21.27 -5.41
CA LYS D 483 15.21 -20.72 -5.09
C LYS D 483 14.98 -19.38 -5.78
N LEU D 484 16.04 -18.60 -6.02
CA LEU D 484 15.89 -17.42 -6.85
C LEU D 484 15.57 -17.80 -8.29
N LEU D 485 16.35 -18.72 -8.84
CA LEU D 485 16.23 -19.09 -10.24
C LEU D 485 14.89 -19.71 -10.55
N SER D 486 14.25 -20.34 -9.56
CA SER D 486 13.00 -21.04 -9.81
C SER D 486 11.80 -20.10 -9.71
N ASP D 487 11.62 -19.49 -8.55
CA ASP D 487 10.42 -18.70 -8.29
C ASP D 487 10.55 -17.25 -8.73
N LEU D 488 11.58 -16.56 -8.26
CA LEU D 488 11.66 -15.11 -8.45
C LEU D 488 11.71 -14.74 -9.92
N LEU D 489 12.54 -15.43 -10.69
CA LEU D 489 12.87 -14.99 -12.04
C LEU D 489 11.63 -14.95 -12.94
N PRO D 490 11.03 -16.09 -13.26
CA PRO D 490 9.92 -16.07 -14.23
C PRO D 490 8.74 -15.20 -13.81
N MET D 491 8.37 -15.24 -12.53
CA MET D 491 7.16 -14.56 -12.09
C MET D 491 7.31 -13.06 -12.12
N ARG D 492 8.52 -12.55 -11.98
CA ARG D 492 8.75 -11.11 -12.15
C ARG D 492 8.95 -10.73 -13.60
N MET D 493 9.44 -11.65 -14.42
CA MET D 493 9.69 -11.33 -15.82
C MET D 493 8.40 -11.28 -16.63
N LEU D 494 7.48 -12.21 -16.41
CA LEU D 494 6.28 -12.27 -17.23
C LEU D 494 5.43 -11.01 -17.12
N PRO D 495 5.07 -10.53 -15.93
CA PRO D 495 4.17 -9.38 -15.85
C PRO D 495 4.65 -8.16 -16.60
N SER D 496 5.96 -7.90 -16.59
CA SER D 496 6.49 -6.75 -17.31
C SER D 496 6.24 -6.89 -18.80
N ILE D 497 6.47 -8.07 -19.34
CA ILE D 497 6.24 -8.30 -20.77
C ILE D 497 4.78 -8.11 -21.09
N ILE D 498 3.90 -8.64 -20.24
CA ILE D 498 2.46 -8.54 -20.50
C ILE D 498 2.03 -7.07 -20.49
N PHE D 499 2.41 -6.33 -19.45
CA PHE D 499 2.08 -4.92 -19.38
C PHE D 499 2.58 -4.19 -20.62
N THR D 500 3.84 -4.37 -20.97
CA THR D 500 4.40 -3.68 -22.12
C THR D 500 3.62 -3.98 -23.39
N CYS D 501 3.46 -5.26 -23.69
CA CYS D 501 2.78 -5.63 -24.93
C CYS D 501 1.39 -5.05 -24.99
N ILE D 502 0.64 -5.14 -23.90
CA ILE D 502 -0.74 -4.67 -23.91
C ILE D 502 -0.80 -3.16 -24.09
N VAL D 503 -0.06 -2.41 -23.26
CA VAL D 503 -0.31 -0.98 -23.19
C VAL D 503 0.41 -0.20 -24.28
N TYR D 504 1.59 -0.65 -24.69
CA TYR D 504 2.43 0.19 -25.55
C TYR D 504 1.68 0.60 -26.81
N PHE D 505 1.00 -0.35 -27.46
CA PHE D 505 0.34 -0.06 -28.71
C PHE D 505 -1.04 0.57 -28.51
N MET D 506 -1.74 0.20 -27.45
CA MET D 506 -3.03 0.83 -27.15
C MET D 506 -2.87 2.32 -26.91
N LEU D 507 -1.94 2.68 -26.03
CA LEU D 507 -1.75 4.09 -25.69
C LEU D 507 -1.25 4.88 -26.89
N GLY D 508 -0.27 4.35 -27.59
CA GLY D 508 0.30 5.03 -28.74
C GLY D 508 1.61 5.68 -28.40
N LEU D 509 2.45 4.98 -27.65
CA LEU D 509 3.77 5.47 -27.32
C LEU D 509 4.64 5.37 -28.55
N LYS D 510 5.91 5.67 -28.41
CA LYS D 510 6.78 5.80 -29.57
C LYS D 510 6.85 4.48 -30.33
N PRO D 511 6.45 4.45 -31.61
CA PRO D 511 6.40 3.19 -32.36
C PRO D 511 7.75 2.79 -32.93
N LYS D 512 8.62 2.33 -32.05
CA LYS D 512 9.95 1.85 -32.41
C LYS D 512 10.26 0.62 -31.58
N ALA D 513 11.01 -0.30 -32.18
CA ALA D 513 11.35 -1.53 -31.46
C ALA D 513 12.24 -1.24 -30.27
N ASP D 514 13.21 -0.35 -30.45
CA ASP D 514 14.16 -0.07 -29.37
C ASP D 514 13.47 0.49 -28.15
N ALA D 515 12.52 1.41 -28.35
CA ALA D 515 11.79 1.97 -27.22
C ALA D 515 10.98 0.89 -26.51
N PHE D 516 10.32 0.03 -27.28
CA PHE D 516 9.58 -1.08 -26.73
C PHE D 516 10.45 -1.93 -25.81
N PHE D 517 11.61 -2.35 -26.32
CA PHE D 517 12.45 -3.24 -25.56
C PHE D 517 13.10 -2.56 -24.37
N VAL D 518 13.43 -1.27 -24.50
CA VAL D 518 13.96 -0.54 -23.37
C VAL D 518 12.93 -0.45 -22.26
N MET D 519 11.68 -0.21 -22.62
CA MET D 519 10.61 -0.16 -21.63
C MET D 519 10.49 -1.50 -20.91
N MET D 520 10.48 -2.59 -21.68
CA MET D 520 10.39 -3.92 -21.08
C MET D 520 11.55 -4.17 -20.13
N PHE D 521 12.77 -3.88 -20.59
CA PHE D 521 13.96 -4.13 -19.79
C PHE D 521 13.96 -3.31 -18.52
N THR D 522 13.55 -2.05 -18.60
CA THR D 522 13.54 -1.19 -17.41
C THR D 522 12.53 -1.69 -16.40
N LEU D 523 11.34 -2.08 -16.85
CA LEU D 523 10.35 -2.60 -15.92
C LEU D 523 10.85 -3.89 -15.26
N MET D 524 11.49 -4.75 -16.05
CA MET D 524 12.06 -5.97 -15.50
C MET D 524 13.08 -5.68 -14.41
N MET D 525 13.99 -4.73 -14.68
CA MET D 525 15.02 -4.41 -13.70
C MET D 525 14.41 -3.81 -12.43
N VAL D 526 13.40 -2.97 -12.58
CA VAL D 526 12.74 -2.40 -11.40
C VAL D 526 12.14 -3.51 -10.55
N ALA D 527 11.46 -4.46 -11.20
CA ALA D 527 10.83 -5.54 -10.45
C ALA D 527 11.87 -6.36 -9.71
N TYR D 528 12.97 -6.70 -10.39
CA TYR D 528 14.01 -7.50 -9.74
C TYR D 528 14.63 -6.74 -8.57
N SER D 529 14.89 -5.45 -8.73
CA SER D 529 15.50 -4.68 -7.66
C SER D 529 14.60 -4.61 -6.44
N ALA D 530 13.31 -4.35 -6.65
CA ALA D 530 12.39 -4.30 -5.51
C ALA D 530 12.27 -5.65 -4.84
N SER D 531 12.22 -6.74 -5.62
CA SER D 531 12.16 -8.06 -5.02
C SER D 531 13.41 -8.36 -4.20
N SER D 532 14.58 -7.98 -4.71
CA SER D 532 15.81 -8.18 -3.95
C SER D 532 15.79 -7.41 -2.64
N MET D 533 15.33 -6.16 -2.70
CA MET D 533 15.16 -5.39 -1.47
C MET D 533 14.28 -6.14 -0.48
N ALA D 534 13.16 -6.67 -0.96
CA ALA D 534 12.24 -7.40 -0.09
C ALA D 534 12.91 -8.61 0.54
N LEU D 535 13.64 -9.38 -0.26
CA LEU D 535 14.35 -10.55 0.27
C LEU D 535 15.32 -10.13 1.35
N ALA D 536 16.11 -9.09 1.09
CA ALA D 536 17.07 -8.63 2.09
C ALA D 536 16.39 -8.25 3.37
N ILE D 537 15.23 -7.58 3.28
CA ILE D 537 14.52 -7.19 4.48
C ILE D 537 13.99 -8.40 5.22
N ALA D 538 13.49 -9.39 4.49
CA ALA D 538 12.71 -10.47 5.07
C ALA D 538 13.50 -11.74 5.35
N ALA D 539 14.70 -11.87 4.79
CA ALA D 539 15.48 -13.08 5.01
C ALA D 539 15.85 -13.23 6.48
N GLY D 540 15.91 -14.47 6.94
CA GLY D 540 16.22 -14.72 8.33
C GLY D 540 15.17 -14.19 9.28
N GLN D 541 13.90 -14.38 8.95
CA GLN D 541 12.79 -13.92 9.77
C GLN D 541 11.69 -14.97 9.74
N SER D 542 10.81 -14.88 10.74
CA SER D 542 9.62 -15.72 10.79
C SER D 542 8.33 -14.91 10.80
N VAL D 543 8.41 -13.59 10.96
CA VAL D 543 7.24 -12.72 11.01
C VAL D 543 7.14 -11.99 9.68
N VAL D 544 5.99 -12.13 9.03
CA VAL D 544 5.78 -11.52 7.72
C VAL D 544 5.32 -10.07 7.84
N SER D 545 4.60 -9.73 8.90
CA SER D 545 3.97 -8.42 8.97
C SER D 545 5.00 -7.30 9.00
N VAL D 546 6.01 -7.44 9.84
CA VAL D 546 7.00 -6.37 10.01
C VAL D 546 7.72 -6.10 8.70
N ALA D 547 8.10 -7.16 7.99
CA ALA D 547 8.79 -6.98 6.72
C ALA D 547 7.91 -6.26 5.70
N THR D 548 6.64 -6.66 5.62
CA THR D 548 5.73 -6.00 4.70
C THR D 548 5.59 -4.53 5.03
N LEU D 549 5.46 -4.20 6.31
CA LEU D 549 5.35 -2.82 6.72
C LEU D 549 6.59 -2.03 6.35
N LEU D 550 7.78 -2.60 6.58
CA LEU D 550 9.01 -1.91 6.26
C LEU D 550 9.12 -1.67 4.76
N MET D 551 8.78 -2.66 3.96
CA MET D 551 8.83 -2.49 2.50
C MET D 551 7.87 -1.41 2.06
N THR D 552 6.65 -1.41 2.59
CA THR D 552 5.68 -0.40 2.21
C THR D 552 6.19 1.00 2.56
N ILE D 553 6.75 1.15 3.75
CA ILE D 553 7.24 2.47 4.18
C ILE D 553 8.38 2.92 3.28
N CYS D 554 9.33 2.02 3.00
CA CYS D 554 10.45 2.39 2.14
C CYS D 554 9.97 2.81 0.77
N PHE D 555 9.06 2.05 0.17
CA PHE D 555 8.54 2.42 -1.14
C PHE D 555 7.83 3.76 -1.09
N VAL D 556 7.08 4.02 -0.02
CA VAL D 556 6.36 5.28 0.08
C VAL D 556 7.33 6.45 0.12
N PHE D 557 8.42 6.31 0.88
CA PHE D 557 9.41 7.38 0.90
C PHE D 557 10.22 7.45 -0.39
N MET D 558 10.24 6.37 -1.17
CA MET D 558 10.94 6.38 -2.44
C MET D 558 10.15 7.10 -3.52
N MET D 559 8.82 6.95 -3.51
CA MET D 559 8.01 7.56 -4.55
C MET D 559 8.05 9.07 -4.50
N ILE D 560 8.22 9.65 -3.32
CA ILE D 560 8.31 11.10 -3.20
C ILE D 560 9.45 11.62 -4.04
N PHE D 561 10.60 10.96 -3.99
CA PHE D 561 11.77 11.34 -4.76
C PHE D 561 11.77 10.75 -6.16
N SER D 562 10.62 10.23 -6.63
CA SER D 562 10.56 9.64 -7.95
C SER D 562 10.80 10.69 -9.03
N GLY D 563 10.15 11.83 -8.92
CA GLY D 563 10.32 12.89 -9.89
C GLY D 563 9.03 13.43 -10.45
N LEU D 564 7.92 13.13 -9.80
CA LEU D 564 6.62 13.66 -10.21
C LEU D 564 6.01 14.56 -9.15
N LEU D 565 5.91 14.09 -7.90
CA LEU D 565 5.29 14.88 -6.85
C LEU D 565 6.13 16.10 -6.52
N VAL D 566 7.44 15.95 -6.47
CA VAL D 566 8.35 17.03 -6.15
C VAL D 566 9.44 17.09 -7.21
N ASN D 567 9.73 18.30 -7.67
CA ASN D 567 10.82 18.49 -8.61
C ASN D 567 12.16 18.38 -7.88
N LEU D 568 13.04 17.54 -8.43
CA LEU D 568 14.29 17.23 -7.75
C LEU D 568 15.26 18.39 -7.73
N THR D 569 15.14 19.33 -8.66
CA THR D 569 16.01 20.50 -8.65
C THR D 569 15.75 21.40 -7.45
N THR D 570 14.48 21.57 -7.08
CA THR D 570 14.12 22.48 -6.00
C THR D 570 14.56 22.00 -4.64
N ILE D 571 14.77 20.69 -4.47
CA ILE D 571 15.05 20.15 -3.15
C ILE D 571 16.39 20.70 -2.67
N ALA D 572 16.46 20.97 -1.37
CA ALA D 572 17.66 21.54 -0.78
C ALA D 572 18.84 20.57 -0.91
N SER D 573 20.03 21.14 -0.92
CA SER D 573 21.24 20.34 -1.13
C SER D 573 21.49 19.38 0.01
N TRP D 574 21.08 19.74 1.23
CA TRP D 574 21.30 18.87 2.37
C TRP D 574 20.30 17.73 2.44
N LEU D 575 19.40 17.65 1.49
CA LEU D 575 18.40 16.58 1.45
C LEU D 575 18.25 15.95 0.08
N SER D 576 18.86 16.51 -0.96
CA SER D 576 18.69 15.99 -2.30
C SER D 576 19.44 14.68 -2.51
N TRP D 577 20.51 14.46 -1.73
CA TRP D 577 21.31 13.26 -1.91
C TRP D 577 20.49 12.00 -1.70
N LEU D 578 19.36 12.09 -1.02
CA LEU D 578 18.51 10.93 -0.78
C LEU D 578 17.86 10.40 -2.05
N GLN D 579 17.90 11.15 -3.14
CA GLN D 579 17.24 10.72 -4.36
C GLN D 579 18.00 9.63 -5.09
N TYR D 580 19.21 9.30 -4.65
CA TYR D 580 19.98 8.21 -5.22
C TYR D 580 19.69 6.88 -4.54
N PHE D 581 18.80 6.86 -3.56
CA PHE D 581 18.34 5.65 -2.91
C PHE D 581 16.92 5.30 -3.31
N SER D 582 16.54 5.63 -4.54
CA SER D 582 15.20 5.41 -5.04
C SER D 582 15.25 4.61 -6.33
N ILE D 583 14.51 3.52 -6.37
CA ILE D 583 14.38 2.66 -7.54
C ILE D 583 13.37 3.27 -8.51
N PRO D 584 12.21 3.72 -8.01
CA PRO D 584 11.26 4.38 -8.90
C PRO D 584 11.85 5.56 -9.63
N ARG D 585 12.75 6.30 -8.99
CA ARG D 585 13.39 7.41 -9.68
C ARG D 585 14.10 6.95 -10.93
N TYR D 586 14.90 5.89 -10.81
CA TYR D 586 15.69 5.43 -11.95
C TYR D 586 14.78 4.88 -13.04
N GLY D 587 13.79 4.07 -12.67
CA GLY D 587 12.90 3.53 -13.68
C GLY D 587 12.10 4.61 -14.38
N PHE D 588 11.53 5.53 -13.61
CA PHE D 588 10.72 6.59 -14.16
C PHE D 588 11.54 7.51 -15.05
N THR D 589 12.76 7.83 -14.64
CA THR D 589 13.64 8.65 -15.45
C THR D 589 13.96 7.98 -16.77
N ALA D 590 14.26 6.68 -16.73
CA ALA D 590 14.56 5.98 -17.98
C ALA D 590 13.36 5.98 -18.91
N LEU D 591 12.17 5.73 -18.37
CA LEU D 591 10.98 5.69 -19.22
C LEU D 591 10.69 7.07 -19.82
N GLN D 592 10.76 8.12 -19.01
CA GLN D 592 10.57 9.47 -19.52
C GLN D 592 11.55 9.79 -20.63
N HIS D 593 12.83 9.47 -20.41
CA HIS D 593 13.83 9.71 -21.44
C HIS D 593 13.51 8.96 -22.72
N ASN D 594 13.07 7.71 -22.59
CA ASN D 594 12.79 6.91 -23.77
C ASN D 594 11.56 7.40 -24.51
N GLU D 595 10.66 8.10 -23.83
CA GLU D 595 9.39 8.48 -24.44
C GLU D 595 9.33 9.92 -24.92
N PHE D 596 9.72 10.88 -24.08
CA PHE D 596 9.51 12.29 -24.39
C PHE D 596 10.51 12.84 -25.41
N LEU D 597 11.58 12.12 -25.68
CA LEU D 597 12.74 12.69 -26.35
C LEU D 597 12.40 13.18 -27.77
N GLY D 598 11.38 12.61 -28.39
CA GLY D 598 11.01 13.01 -29.74
C GLY D 598 9.61 13.55 -29.90
N GLN D 599 9.11 14.31 -28.92
CA GLN D 599 7.71 14.69 -28.86
C GLN D 599 7.55 16.20 -28.91
N ASN D 600 6.46 16.64 -29.52
CA ASN D 600 6.02 18.02 -29.54
C ASN D 600 4.61 18.09 -29.00
N PHE D 601 4.38 18.98 -28.04
CA PHE D 601 3.13 19.03 -27.29
C PHE D 601 2.35 20.30 -27.51
N CYS D 602 2.70 21.10 -28.51
CA CYS D 602 1.99 22.33 -28.83
C CYS D 602 1.67 22.35 -30.31
N PRO D 603 0.39 22.30 -30.70
CA PRO D 603 0.07 22.30 -32.14
C PRO D 603 0.16 23.69 -32.73
N GLY D 604 0.83 23.79 -33.87
CA GLY D 604 1.05 25.05 -34.53
C GLY D 604 2.31 25.78 -34.15
N LEU D 605 3.10 25.25 -33.22
CA LEU D 605 4.25 25.97 -32.71
C LEU D 605 5.49 25.08 -32.77
N ASN D 606 6.61 25.70 -33.12
CA ASN D 606 7.91 25.05 -33.14
C ASN D 606 8.80 25.64 -32.04
N ALA D 607 8.66 25.10 -30.83
CA ALA D 607 9.55 25.54 -29.75
C ALA D 607 10.94 24.95 -29.91
N THR D 608 11.06 23.80 -30.55
CA THR D 608 12.37 23.17 -30.72
C THR D 608 13.33 24.11 -31.43
N GLY D 609 12.90 24.67 -32.57
CA GLY D 609 13.77 25.57 -33.30
C GLY D 609 14.04 26.85 -32.54
N ASN D 610 12.98 27.49 -32.06
CA ASN D 610 13.11 28.70 -31.26
C ASN D 610 11.81 28.89 -30.49
N ASN D 611 11.92 29.33 -29.25
CA ASN D 611 10.78 29.45 -28.36
C ASN D 611 10.25 30.88 -28.37
N PRO D 612 9.06 31.12 -28.92
CA PRO D 612 8.51 32.50 -28.84
C PRO D 612 8.27 32.95 -27.42
N CYS D 613 7.57 32.16 -26.62
CA CYS D 613 7.32 32.47 -25.22
C CYS D 613 8.18 31.60 -24.33
N ASN D 614 8.83 32.23 -23.35
CA ASN D 614 9.77 31.55 -22.48
C ASN D 614 9.09 30.54 -21.57
N TYR D 615 7.77 30.62 -21.40
CA TYR D 615 7.02 29.71 -20.55
C TYR D 615 5.98 29.01 -21.42
N ALA D 616 6.36 27.91 -22.04
CA ALA D 616 5.41 27.16 -22.84
C ALA D 616 5.48 25.67 -22.60
N THR D 617 6.67 25.11 -22.47
CA THR D 617 6.86 23.67 -22.35
C THR D 617 6.22 22.95 -23.53
N CYS D 618 6.78 23.20 -24.71
CA CYS D 618 6.23 22.70 -25.96
C CYS D 618 7.05 21.58 -26.58
N THR D 619 8.04 21.05 -25.85
CA THR D 619 8.82 19.92 -26.33
C THR D 619 9.09 18.99 -25.17
N GLY D 620 9.48 17.76 -25.52
CA GLY D 620 9.86 16.81 -24.51
C GLY D 620 11.17 17.17 -23.83
N GLU D 621 12.11 17.71 -24.60
CA GLU D 621 13.40 18.09 -24.04
C GLU D 621 13.25 19.13 -22.95
N GLU D 622 12.38 20.11 -23.15
CA GLU D 622 12.13 21.10 -22.11
C GLU D 622 11.59 20.45 -20.85
N TYR D 623 10.64 19.52 -21.00
CA TYR D 623 10.09 18.83 -19.84
C TYR D 623 11.17 18.05 -19.11
N LEU D 624 12.03 17.36 -19.86
CA LEU D 624 13.08 16.57 -19.23
C LEU D 624 14.06 17.45 -18.47
N VAL D 625 14.54 18.50 -19.12
CA VAL D 625 15.51 19.38 -18.47
C VAL D 625 14.90 20.04 -17.25
N LYS D 626 13.63 20.41 -17.34
CA LYS D 626 12.94 21.01 -16.21
C LYS D 626 12.82 20.05 -15.04
N GLN D 627 12.90 18.74 -15.30
CA GLN D 627 12.84 17.72 -14.27
C GLN D 627 14.20 17.27 -13.77
N GLY D 628 15.28 17.71 -14.40
CA GLY D 628 16.61 17.34 -13.99
C GLY D 628 17.21 16.17 -14.72
N ILE D 629 16.75 15.88 -15.92
CA ILE D 629 17.17 14.70 -16.67
C ILE D 629 18.10 15.12 -17.80
N ASP D 630 19.06 14.26 -18.09
CA ASP D 630 20.01 14.50 -19.17
C ASP D 630 19.49 13.91 -20.47
N LEU D 631 19.93 14.49 -21.57
CA LEU D 631 19.49 14.10 -22.90
C LEU D 631 20.45 13.14 -23.58
N SER D 632 21.64 12.96 -23.04
CA SER D 632 22.59 12.04 -23.61
C SER D 632 22.16 10.60 -23.35
N PRO D 633 22.60 9.66 -24.19
CA PRO D 633 22.26 8.26 -23.94
C PRO D 633 22.74 7.75 -22.60
N TRP D 634 23.90 8.22 -22.12
CA TRP D 634 24.37 7.82 -20.80
C TRP D 634 23.34 8.16 -19.73
N GLY D 635 22.57 9.24 -19.94
CA GLY D 635 21.52 9.59 -19.02
C GLY D 635 20.36 8.65 -19.02
N LEU D 636 20.35 7.69 -19.94
CA LEU D 636 19.37 6.63 -19.99
C LEU D 636 19.87 5.33 -19.36
N TRP D 637 21.14 5.00 -19.54
CA TRP D 637 21.67 3.72 -19.13
C TRP D 637 22.31 3.76 -17.74
N LYS D 638 22.66 4.94 -17.23
CA LYS D 638 23.19 4.98 -15.88
C LYS D 638 22.15 4.55 -14.87
N ASN D 639 20.88 4.78 -15.17
CA ASN D 639 19.81 4.29 -14.32
C ASN D 639 19.81 2.76 -14.26
N HIS D 640 20.00 2.12 -15.40
CA HIS D 640 20.05 0.66 -15.44
C HIS D 640 21.24 0.12 -14.69
N VAL D 641 22.41 0.73 -14.84
CA VAL D 641 23.57 0.23 -14.11
C VAL D 641 23.36 0.41 -12.60
N ALA D 642 22.73 1.51 -12.20
CA ALA D 642 22.44 1.69 -10.79
C ALA D 642 21.49 0.62 -10.28
N LEU D 643 20.46 0.30 -11.05
CA LEU D 643 19.53 -0.74 -10.66
C LEU D 643 20.24 -2.07 -10.51
N ALA D 644 21.14 -2.39 -11.45
CA ALA D 644 21.88 -3.64 -11.37
C ALA D 644 22.75 -3.68 -10.12
N CYS D 645 23.41 -2.57 -9.80
CA CYS D 645 24.23 -2.52 -8.59
C CYS D 645 23.37 -2.74 -7.34
N MET D 646 22.18 -2.14 -7.32
CA MET D 646 21.26 -2.39 -6.19
C MET D 646 20.91 -3.86 -6.10
N ILE D 647 20.61 -4.48 -7.23
CA ILE D 647 20.27 -5.91 -7.24
C ILE D 647 21.40 -6.71 -6.62
N VAL D 648 22.63 -6.46 -7.07
CA VAL D 648 23.77 -7.21 -6.57
C VAL D 648 23.92 -7.02 -5.07
N ILE D 649 23.84 -5.78 -4.62
CA ILE D 649 24.04 -5.49 -3.20
C ILE D 649 22.99 -6.18 -2.35
N PHE D 650 21.73 -6.08 -2.77
CA PHE D 650 20.65 -6.67 -1.98
C PHE D 650 20.76 -8.18 -1.93
N LEU D 651 21.07 -8.82 -3.04
CA LEU D 651 21.19 -10.27 -3.03
C LEU D 651 22.38 -10.71 -2.18
N THR D 652 23.49 -9.98 -2.24
CA THR D 652 24.61 -10.31 -1.38
C THR D 652 24.24 -10.18 0.09
N ILE D 653 23.51 -9.12 0.43
CA ILE D 653 23.07 -8.94 1.81
C ILE D 653 22.19 -10.10 2.24
N ALA D 654 21.29 -10.54 1.37
CA ALA D 654 20.41 -11.65 1.72
C ALA D 654 21.21 -12.92 1.96
N TYR D 655 22.18 -13.19 1.10
CA TYR D 655 23.01 -14.38 1.29
C TYR D 655 23.75 -14.31 2.62
N LEU D 656 24.28 -13.14 2.96
CA LEU D 656 24.97 -13.00 4.23
C LEU D 656 24.02 -13.20 5.40
N LYS D 657 22.82 -12.64 5.31
CA LYS D 657 21.84 -12.80 6.39
C LYS D 657 21.47 -14.26 6.58
N LEU D 658 21.46 -15.04 5.51
CA LEU D 658 21.21 -16.48 5.65
C LEU D 658 22.42 -17.18 6.24
N LEU D 659 23.62 -16.75 5.86
CA LEU D 659 24.83 -17.44 6.26
C LEU D 659 25.06 -17.35 7.76
N PHE D 660 24.85 -16.18 8.33
CA PHE D 660 25.09 -15.93 9.74
C PHE D 660 23.87 -16.16 10.61
N LEU D 661 22.81 -16.72 10.03
CA LEU D 661 21.64 -17.08 10.81
C LEU D 661 21.95 -18.25 11.73
N LYS D 662 21.33 -18.23 12.91
CA LYS D 662 21.57 -19.25 13.91
C LYS D 662 20.78 -20.50 13.55
N LYS D 663 21.48 -21.55 13.13
CA LYS D 663 20.82 -22.78 12.74
C LYS D 663 20.29 -23.57 13.92
N TYR D 664 20.76 -23.27 15.12
CA TYR D 664 20.36 -24.00 16.31
C TYR D 664 19.13 -23.36 16.97
N ALA E 45 -33.43 -26.65 40.60
CA ALA E 45 -33.47 -26.41 39.17
C ALA E 45 -33.05 -27.65 38.39
N VAL E 46 -33.96 -28.17 37.57
CA VAL E 46 -33.71 -29.38 36.80
C VAL E 46 -33.97 -29.07 35.34
N LEU E 47 -33.04 -29.47 34.48
CA LEU E 47 -33.13 -29.29 33.04
C LEU E 47 -33.34 -30.64 32.40
N SER E 48 -34.41 -30.78 31.65
CA SER E 48 -34.81 -32.04 31.04
C SER E 48 -34.98 -31.86 29.55
N PHE E 49 -34.38 -32.75 28.77
CA PHE E 49 -34.53 -32.77 27.33
C PHE E 49 -35.01 -34.13 26.90
N HIS E 50 -35.87 -34.15 25.88
CA HIS E 50 -36.57 -35.35 25.46
C HIS E 50 -36.59 -35.41 23.94
N ASN E 51 -35.97 -36.46 23.39
CA ASN E 51 -36.00 -36.74 21.96
C ASN E 51 -35.44 -35.57 21.16
N ILE E 52 -34.29 -35.06 21.61
CA ILE E 52 -33.60 -34.02 20.87
C ILE E 52 -33.10 -34.59 19.55
N CYS E 53 -33.37 -33.87 18.47
CA CYS E 53 -32.88 -34.25 17.14
C CYS E 53 -32.64 -32.96 16.36
N TYR E 54 -31.38 -32.62 16.15
CA TYR E 54 -30.98 -31.37 15.52
C TYR E 54 -30.28 -31.68 14.21
N ARG E 55 -30.73 -31.04 13.13
CA ARG E 55 -30.15 -31.24 11.82
C ARG E 55 -29.86 -29.89 11.18
N VAL E 56 -28.86 -29.86 10.30
CA VAL E 56 -28.46 -28.65 9.62
C VAL E 56 -28.64 -28.80 8.12
N LYS E 71 -27.60 -34.83 7.26
CA LYS E 71 -26.61 -34.59 8.30
C LYS E 71 -27.28 -34.08 9.57
N GLU E 72 -27.16 -34.84 10.65
CA GLU E 72 -27.71 -34.48 11.95
C GLU E 72 -26.61 -34.54 12.99
N ILE E 73 -26.33 -33.42 13.63
CA ILE E 73 -25.34 -33.42 14.69
C ILE E 73 -25.85 -34.16 15.91
N LEU E 74 -27.16 -34.11 16.16
CA LEU E 74 -27.80 -34.91 17.20
C LEU E 74 -28.92 -35.75 16.58
N SER E 75 -28.96 -37.03 16.94
CA SER E 75 -29.92 -37.95 16.37
C SER E 75 -31.13 -38.17 17.26
N ASN E 76 -30.92 -38.73 18.45
CA ASN E 76 -31.98 -38.92 19.43
C ASN E 76 -31.36 -38.95 20.80
N ILE E 77 -31.76 -38.02 21.66
CA ILE E 77 -31.14 -37.85 22.96
C ILE E 77 -32.23 -37.60 24.01
N ASN E 78 -32.10 -38.28 25.14
CA ASN E 78 -32.95 -38.07 26.29
C ASN E 78 -32.07 -37.96 27.52
N GLY E 79 -32.49 -37.15 28.47
CA GLY E 79 -31.74 -36.99 29.68
C GLY E 79 -32.30 -35.89 30.55
N ILE E 80 -31.92 -35.92 31.82
CA ILE E 80 -32.27 -34.87 32.77
C ILE E 80 -31.01 -34.52 33.55
N MET E 81 -30.95 -33.27 33.99
CA MET E 81 -29.81 -32.76 34.76
C MET E 81 -30.35 -32.06 35.99
N LYS E 82 -29.88 -32.48 37.15
CA LYS E 82 -30.29 -31.96 38.44
C LYS E 82 -29.16 -31.19 39.08
N PRO E 83 -29.43 -30.48 40.17
CA PRO E 83 -28.38 -29.69 40.82
C PRO E 83 -27.16 -30.54 41.12
N GLY E 84 -26.01 -30.05 40.70
CA GLY E 84 -24.77 -30.77 40.88
C GLY E 84 -23.85 -30.51 39.71
N LEU E 85 -22.78 -31.30 39.66
CA LEU E 85 -21.72 -31.11 38.68
C LEU E 85 -21.95 -32.06 37.50
N ASN E 86 -23.00 -31.78 36.74
CA ASN E 86 -23.26 -32.53 35.53
C ASN E 86 -22.13 -32.35 34.52
N ALA E 87 -21.99 -33.30 33.62
CA ALA E 87 -20.91 -33.30 32.66
C ALA E 87 -21.36 -33.91 31.34
N ILE E 88 -20.53 -33.70 30.32
CA ILE E 88 -20.79 -34.17 28.96
C ILE E 88 -19.45 -34.49 28.32
N LEU E 89 -19.25 -35.75 27.94
CA LEU E 89 -17.98 -36.22 27.40
C LEU E 89 -18.19 -36.91 26.07
N GLY E 90 -17.09 -37.17 25.39
CA GLY E 90 -17.11 -37.82 24.12
C GLY E 90 -15.99 -37.34 23.23
N PRO E 91 -15.97 -37.82 21.99
CA PRO E 91 -14.97 -37.35 21.03
C PRO E 91 -15.34 -35.99 20.46
N THR E 92 -14.39 -35.41 19.72
CA THR E 92 -14.54 -34.03 19.26
C THR E 92 -15.76 -33.88 18.35
N GLY E 93 -15.94 -34.82 17.42
CA GLY E 93 -17.09 -34.76 16.54
C GLY E 93 -18.38 -35.14 17.22
N GLY E 94 -18.31 -35.83 18.36
CA GLY E 94 -19.49 -36.11 19.14
C GLY E 94 -20.15 -34.83 19.57
N GLY E 95 -21.47 -34.75 19.40
CA GLY E 95 -22.16 -33.50 19.61
C GLY E 95 -22.29 -33.11 21.06
N LYS E 96 -21.18 -33.08 21.79
CA LYS E 96 -21.21 -32.55 23.15
C LYS E 96 -21.31 -31.02 23.13
N SER E 97 -20.50 -30.38 22.28
CA SER E 97 -20.60 -28.93 22.13
C SER E 97 -21.93 -28.54 21.52
N SER E 98 -22.39 -29.27 20.51
CA SER E 98 -23.68 -28.99 19.91
C SER E 98 -24.80 -29.16 20.91
N LEU E 99 -24.75 -30.22 21.72
CA LEU E 99 -25.77 -30.43 22.73
C LEU E 99 -25.76 -29.30 23.76
N LEU E 100 -24.58 -28.89 24.18
CA LEU E 100 -24.48 -27.82 25.16
C LEU E 100 -25.05 -26.53 24.61
N ASP E 101 -24.76 -26.23 23.34
CA ASP E 101 -25.34 -25.05 22.71
C ASP E 101 -26.86 -25.18 22.63
N VAL E 102 -27.35 -26.36 22.29
CA VAL E 102 -28.80 -26.58 22.16
C VAL E 102 -29.49 -26.29 23.49
N LEU E 103 -28.96 -26.83 24.58
CA LEU E 103 -29.59 -26.62 25.87
C LEU E 103 -29.44 -25.18 26.34
N ALA E 104 -28.34 -24.53 25.96
CA ALA E 104 -28.13 -23.14 26.34
C ALA E 104 -28.91 -22.18 25.45
N ALA E 105 -29.39 -22.65 24.30
CA ALA E 105 -30.15 -21.87 23.34
C ALA E 105 -29.29 -20.93 22.52
N ARG E 106 -28.00 -21.27 22.36
CA ARG E 106 -27.09 -20.54 21.48
C ARG E 106 -27.08 -21.11 20.08
N LYS E 107 -28.16 -21.75 19.66
CA LYS E 107 -28.26 -22.34 18.33
C LYS E 107 -29.60 -21.99 17.70
N ASP E 108 -29.69 -22.23 16.41
CA ASP E 108 -30.87 -21.89 15.64
C ASP E 108 -32.03 -22.80 16.05
N PRO E 109 -33.14 -22.26 16.56
CA PRO E 109 -34.27 -23.13 16.97
C PRO E 109 -34.88 -23.91 15.83
N SER E 110 -34.74 -23.44 14.58
CA SER E 110 -35.44 -24.08 13.47
C SER E 110 -34.98 -25.51 13.27
N GLY E 111 -33.66 -25.73 13.29
CA GLY E 111 -33.13 -27.07 13.11
C GLY E 111 -33.47 -28.03 14.23
N LEU E 112 -33.88 -27.50 15.37
CA LEU E 112 -34.27 -28.35 16.50
C LEU E 112 -35.55 -29.10 16.17
N SER E 113 -35.72 -30.26 16.82
CA SER E 113 -36.87 -31.11 16.55
C SER E 113 -37.48 -31.70 17.82
N GLY E 114 -37.01 -31.31 19.00
CA GLY E 114 -37.52 -31.84 20.25
C GLY E 114 -37.89 -30.73 21.21
N ASP E 115 -38.26 -31.15 22.41
CA ASP E 115 -38.76 -30.26 23.45
C ASP E 115 -37.78 -30.21 24.62
N VAL E 116 -37.63 -29.02 25.19
CA VAL E 116 -36.73 -28.79 26.31
C VAL E 116 -37.53 -28.13 27.42
N LEU E 117 -37.33 -28.60 28.64
CA LEU E 117 -38.13 -28.16 29.77
C LEU E 117 -37.24 -27.84 30.96
N ILE E 118 -37.78 -27.02 31.86
CA ILE E 118 -37.11 -26.62 33.08
C ILE E 118 -38.14 -26.72 34.20
N ASN E 119 -37.97 -27.70 35.08
CA ASN E 119 -38.94 -27.95 36.14
C ASN E 119 -40.33 -28.19 35.55
N GLY E 120 -40.35 -28.83 34.38
CA GLY E 120 -41.60 -29.13 33.71
C GLY E 120 -42.15 -28.00 32.86
N ALA E 121 -41.44 -26.88 32.76
CA ALA E 121 -41.90 -25.72 32.04
C ALA E 121 -40.96 -25.44 30.87
N PRO E 122 -41.49 -25.19 29.67
CA PRO E 122 -40.60 -24.93 28.53
C PRO E 122 -39.75 -23.68 28.74
N ARG E 123 -38.67 -23.62 27.98
CA ARG E 123 -37.77 -22.48 28.08
C ARG E 123 -38.48 -21.22 27.58
N PRO E 124 -38.51 -20.14 28.35
CA PRO E 124 -39.03 -18.88 27.84
C PRO E 124 -38.03 -18.22 26.89
N ALA E 125 -38.42 -17.06 26.37
CA ALA E 125 -37.58 -16.35 25.42
C ALA E 125 -36.51 -15.50 26.10
N ASN E 126 -36.64 -15.24 27.39
CA ASN E 126 -35.62 -14.52 28.15
C ASN E 126 -34.65 -15.46 28.84
N PHE E 127 -34.66 -16.73 28.48
CA PHE E 127 -33.83 -17.72 29.16
C PHE E 127 -32.34 -17.45 28.93
N LYS E 128 -31.96 -17.13 27.69
CA LYS E 128 -30.55 -16.92 27.40
C LYS E 128 -29.98 -15.79 28.25
N CYS E 129 -30.74 -14.72 28.41
CA CYS E 129 -30.30 -13.60 29.23
C CYS E 129 -30.17 -14.01 30.69
N ASN E 130 -31.13 -14.81 31.18
CA ASN E 130 -31.16 -15.15 32.60
C ASN E 130 -29.99 -16.07 32.97
N SER E 131 -29.72 -17.08 32.15
CA SER E 131 -28.73 -18.08 32.47
C SER E 131 -27.33 -17.53 32.24
N GLY E 132 -26.34 -18.41 32.35
CA GLY E 132 -24.96 -18.04 32.10
C GLY E 132 -24.27 -19.03 31.20
N TYR E 133 -23.42 -18.52 30.32
CA TYR E 133 -22.65 -19.34 29.41
C TYR E 133 -21.22 -18.82 29.38
N VAL E 134 -20.27 -19.73 29.63
CA VAL E 134 -18.86 -19.41 29.67
C VAL E 134 -18.19 -20.03 28.46
N VAL E 135 -17.43 -19.22 27.73
CA VAL E 135 -16.87 -19.64 26.47
C VAL E 135 -15.51 -20.28 26.69
N GLN E 136 -15.11 -21.10 25.71
CA GLN E 136 -13.81 -21.76 25.79
C GLN E 136 -12.68 -20.75 25.79
N ASP E 137 -12.77 -19.75 24.91
CA ASP E 137 -11.78 -18.68 24.84
C ASP E 137 -12.32 -17.48 25.59
N ASP E 138 -11.56 -17.01 26.58
CA ASP E 138 -12.02 -15.89 27.38
C ASP E 138 -12.23 -14.63 26.56
N VAL E 139 -13.33 -13.94 26.84
CA VAL E 139 -13.70 -12.72 26.13
C VAL E 139 -13.41 -11.48 26.95
N VAL E 140 -12.72 -11.63 28.08
CA VAL E 140 -12.48 -10.48 28.94
C VAL E 140 -11.62 -9.45 28.21
N MET E 141 -11.65 -8.23 28.73
CA MET E 141 -10.83 -7.15 28.21
C MET E 141 -9.49 -7.19 28.93
N GLY E 142 -8.43 -7.56 28.21
CA GLY E 142 -7.14 -7.69 28.85
C GLY E 142 -6.66 -6.41 29.48
N THR E 143 -6.94 -5.27 28.83
CA THR E 143 -6.48 -4.00 29.36
C THR E 143 -7.12 -3.69 30.71
N LEU E 144 -8.41 -3.94 30.85
CA LEU E 144 -9.11 -3.50 32.04
C LEU E 144 -8.77 -4.39 33.22
N THR E 145 -9.13 -3.91 34.39
CA THR E 145 -8.95 -4.67 35.62
C THR E 145 -10.17 -5.54 35.88
N VAL E 146 -9.95 -6.60 36.65
CA VAL E 146 -11.03 -7.47 37.09
C VAL E 146 -12.24 -6.66 37.54
N ARG E 147 -12.01 -5.74 38.47
CA ARG E 147 -13.11 -4.97 39.04
C ARG E 147 -13.84 -4.17 37.98
N GLU E 148 -13.10 -3.63 37.01
CA GLU E 148 -13.73 -2.86 35.95
C GLU E 148 -14.64 -3.72 35.09
N ASN E 149 -14.16 -4.91 34.72
CA ASN E 149 -14.99 -5.82 33.94
C ASN E 149 -16.26 -6.21 34.70
N LEU E 150 -16.13 -6.52 35.98
CA LEU E 150 -17.31 -6.87 36.76
C LEU E 150 -18.27 -5.69 36.85
N GLN E 151 -17.76 -4.48 36.98
CA GLN E 151 -18.63 -3.31 36.99
C GLN E 151 -19.34 -3.15 35.65
N PHE E 152 -18.64 -3.39 34.55
CA PHE E 152 -19.27 -3.34 33.24
C PHE E 152 -20.45 -4.30 33.16
N SER E 153 -20.19 -5.56 33.50
CA SER E 153 -21.24 -6.57 33.44
C SER E 153 -22.39 -6.23 34.37
N ALA E 154 -22.09 -5.73 35.57
CA ALA E 154 -23.14 -5.40 36.52
C ALA E 154 -23.99 -4.25 36.02
N ALA E 155 -23.36 -3.25 35.43
CA ALA E 155 -24.10 -2.10 34.94
C ALA E 155 -25.02 -2.49 33.80
N LEU E 156 -24.54 -3.33 32.88
CA LEU E 156 -25.36 -3.65 31.72
C LEU E 156 -26.41 -4.72 32.04
N ARG E 157 -25.98 -5.85 32.61
CA ARG E 157 -26.90 -6.96 32.81
C ARG E 157 -27.95 -6.63 33.87
N LEU E 158 -27.52 -6.10 35.02
CA LEU E 158 -28.46 -5.86 36.09
C LEU E 158 -29.36 -4.67 35.78
N ALA E 159 -30.34 -4.47 36.66
CA ALA E 159 -31.30 -3.41 36.50
C ALA E 159 -30.69 -2.06 36.87
N THR E 160 -31.18 -1.01 36.21
CA THR E 160 -30.64 0.32 36.45
C THR E 160 -31.11 0.88 37.79
N THR E 161 -32.28 0.44 38.26
CA THR E 161 -32.84 1.00 39.49
C THR E 161 -31.90 0.79 40.66
N MET E 162 -31.19 -0.35 40.68
CA MET E 162 -30.34 -0.66 41.81
C MET E 162 -29.22 0.37 41.94
N THR E 163 -28.93 0.74 43.18
CA THR E 163 -27.88 1.71 43.46
C THR E 163 -26.50 1.11 43.20
N ASN E 164 -25.56 1.97 42.84
CA ASN E 164 -24.20 1.50 42.53
C ASN E 164 -23.57 0.82 43.73
N HIS E 165 -23.99 1.17 44.94
CA HIS E 165 -23.43 0.55 46.13
C HIS E 165 -23.78 -0.93 46.20
N GLU E 166 -25.03 -1.27 45.88
CA GLU E 166 -25.42 -2.68 45.87
C GLU E 166 -24.64 -3.46 44.82
N LYS E 167 -24.43 -2.86 43.65
CA LYS E 167 -23.65 -3.53 42.62
C LYS E 167 -22.21 -3.76 43.07
N ASN E 168 -21.62 -2.76 43.74
CA ASN E 168 -20.29 -2.96 44.28
C ASN E 168 -20.27 -4.06 45.34
N GLU E 169 -21.33 -4.14 46.14
CA GLU E 169 -21.41 -5.21 47.12
C GLU E 169 -21.46 -6.57 46.45
N ARG E 170 -22.25 -6.70 45.40
CA ARG E 170 -22.34 -7.95 44.67
C ARG E 170 -21.00 -8.33 44.08
N ILE E 171 -20.30 -7.34 43.51
CA ILE E 171 -18.99 -7.60 42.92
C ILE E 171 -18.03 -8.09 43.99
N ASN E 172 -18.05 -7.45 45.16
CA ASN E 172 -17.14 -7.86 46.23
C ASN E 172 -17.47 -9.26 46.70
N ARG E 173 -18.76 -9.58 46.81
CA ARG E 173 -19.16 -10.93 47.17
C ARG E 173 -18.63 -11.95 46.18
N VAL E 174 -18.79 -11.66 44.89
CA VAL E 174 -18.30 -12.56 43.86
C VAL E 174 -16.80 -12.75 43.96
N ILE E 175 -16.07 -11.65 44.18
CA ILE E 175 -14.62 -11.73 44.30
C ILE E 175 -14.24 -12.59 45.50
N GLN E 176 -14.96 -12.44 46.61
CA GLN E 176 -14.70 -13.26 47.78
C GLN E 176 -14.93 -14.73 47.47
N GLU E 177 -16.02 -15.04 46.75
CA GLU E 177 -16.33 -16.43 46.44
C GLU E 177 -15.26 -17.04 45.53
N LEU E 178 -14.78 -16.29 44.56
CA LEU E 178 -13.84 -16.80 43.58
C LEU E 178 -12.38 -16.68 44.02
N GLY E 179 -12.13 -16.09 45.18
CA GLY E 179 -10.76 -15.94 45.64
C GLY E 179 -9.94 -15.02 44.76
N LEU E 180 -10.50 -13.85 44.42
CA LEU E 180 -9.83 -12.88 43.57
C LEU E 180 -9.51 -11.59 44.31
N ASP E 181 -9.66 -11.56 45.63
CA ASP E 181 -9.45 -10.32 46.38
C ASP E 181 -8.11 -9.69 46.05
N LYS E 182 -7.06 -10.52 45.92
CA LYS E 182 -5.71 -9.99 45.73
C LYS E 182 -5.51 -9.44 44.33
N VAL E 183 -6.24 -9.95 43.35
CA VAL E 183 -6.06 -9.58 41.95
C VAL E 183 -7.22 -8.73 41.45
N ALA E 184 -7.97 -8.11 42.36
CA ALA E 184 -9.11 -7.29 41.95
C ALA E 184 -8.67 -6.16 41.04
N ASP E 185 -7.52 -5.54 41.33
CA ASP E 185 -7.13 -4.30 40.69
C ASP E 185 -5.90 -4.47 39.81
N SER E 186 -5.56 -5.70 39.43
CA SER E 186 -4.45 -5.95 38.54
C SER E 186 -4.96 -6.27 37.14
N LYS E 187 -4.26 -5.76 36.14
CA LYS E 187 -4.70 -5.94 34.78
C LYS E 187 -4.69 -7.42 34.38
N VAL E 188 -5.65 -7.78 33.54
CA VAL E 188 -5.78 -9.16 33.10
C VAL E 188 -4.62 -9.57 32.20
N GLY E 189 -4.12 -8.64 31.40
CA GLY E 189 -2.98 -8.92 30.55
C GLY E 189 -3.25 -8.86 29.07
N THR E 190 -2.24 -8.47 28.29
CA THR E 190 -2.35 -8.34 26.85
C THR E 190 -0.96 -8.57 26.25
N GLN E 191 -0.83 -8.30 24.96
CA GLN E 191 0.45 -8.47 24.28
C GLN E 191 1.51 -7.54 24.87
N PHE E 192 1.14 -6.28 25.13
CA PHE E 192 2.07 -5.31 25.65
C PHE E 192 2.02 -5.18 27.17
N ILE E 193 0.98 -5.70 27.81
CA ILE E 193 0.79 -5.57 29.24
C ILE E 193 1.04 -6.92 29.90
N ARG E 194 1.56 -6.88 31.12
CA ARG E 194 1.77 -8.09 31.90
C ARG E 194 0.44 -8.66 32.36
N GLY E 195 0.34 -9.99 32.37
CA GLY E 195 -0.91 -10.67 32.58
C GLY E 195 -0.89 -11.63 33.75
N VAL E 196 -2.08 -11.85 34.33
CA VAL E 196 -2.27 -12.81 35.40
C VAL E 196 -2.40 -14.20 34.82
N SER E 197 -2.36 -15.22 35.67
CA SER E 197 -2.40 -16.60 35.22
C SER E 197 -3.74 -16.93 34.56
N GLY E 198 -3.72 -18.00 33.76
CA GLY E 198 -4.94 -18.40 33.07
C GLY E 198 -6.07 -18.73 34.01
N GLY E 199 -5.74 -19.31 35.17
CA GLY E 199 -6.78 -19.61 36.15
C GLY E 199 -7.50 -18.36 36.61
N GLU E 200 -6.76 -17.28 36.83
CA GLU E 200 -7.38 -16.02 37.21
C GLU E 200 -8.25 -15.48 36.08
N ARG E 201 -7.77 -15.60 34.84
CA ARG E 201 -8.60 -15.24 33.69
C ARG E 201 -9.92 -15.97 33.72
N LYS E 202 -9.89 -17.29 33.91
CA LYS E 202 -11.11 -18.08 33.88
C LYS E 202 -12.03 -17.75 35.04
N ARG E 203 -11.47 -17.54 36.23
CA ARG E 203 -12.29 -17.15 37.36
C ARG E 203 -12.95 -15.80 37.11
N THR E 204 -12.25 -14.89 36.43
CA THR E 204 -12.86 -13.62 36.07
C THR E 204 -14.01 -13.83 35.08
N SER E 205 -13.78 -14.66 34.07
CA SER E 205 -14.82 -14.91 33.07
C SER E 205 -16.06 -15.48 33.73
N ILE E 206 -15.88 -16.39 34.68
CA ILE E 206 -17.01 -16.90 35.45
C ILE E 206 -17.64 -15.80 36.29
N GLY E 207 -16.83 -14.87 36.80
CA GLY E 207 -17.38 -13.81 37.61
C GLY E 207 -18.37 -12.95 36.86
N MET E 208 -18.11 -12.71 35.57
CA MET E 208 -19.01 -11.88 34.78
C MET E 208 -20.39 -12.48 34.65
N GLU E 209 -20.53 -13.79 34.87
CA GLU E 209 -21.79 -14.48 34.68
C GLU E 209 -22.58 -14.66 35.97
N LEU E 210 -21.91 -14.77 37.11
CA LEU E 210 -22.59 -14.92 38.38
C LEU E 210 -23.18 -13.62 38.91
N ILE E 211 -22.90 -12.50 38.26
CA ILE E 211 -23.40 -11.22 38.75
C ILE E 211 -24.91 -11.27 38.89
N THR E 212 -25.58 -11.79 37.86
CA THR E 212 -27.04 -11.90 37.87
C THR E 212 -27.54 -13.10 38.64
N ASP E 213 -26.65 -13.85 39.30
CA ASP E 213 -27.04 -14.94 40.19
C ASP E 213 -27.84 -15.99 39.43
N PRO E 214 -27.25 -16.69 38.48
CA PRO E 214 -28.02 -17.66 37.70
C PRO E 214 -28.17 -18.98 38.44
N SER E 215 -29.34 -19.59 38.27
CA SER E 215 -29.56 -20.92 38.80
C SER E 215 -28.90 -21.99 37.92
N ILE E 216 -28.82 -21.75 36.62
CA ILE E 216 -28.19 -22.66 35.68
C ILE E 216 -26.97 -21.97 35.08
N LEU E 217 -25.91 -22.75 34.87
CA LEU E 217 -24.62 -22.23 34.45
C LEU E 217 -23.99 -23.20 33.48
N PHE E 218 -23.57 -22.70 32.32
CA PHE E 218 -23.01 -23.53 31.26
C PHE E 218 -21.55 -23.15 31.01
N LEU E 219 -20.75 -24.15 30.67
CA LEU E 219 -19.34 -23.98 30.42
C LEU E 219 -18.93 -24.84 29.23
N ASP E 220 -17.96 -24.35 28.46
CA ASP E 220 -17.46 -25.04 27.28
C ASP E 220 -15.95 -25.22 27.43
N GLU E 221 -15.52 -26.45 27.68
CA GLU E 221 -14.12 -26.80 27.79
C GLU E 221 -13.40 -25.88 28.79
N PRO E 222 -13.87 -25.82 30.03
CA PRO E 222 -13.23 -24.93 31.01
C PRO E 222 -11.79 -25.29 31.29
N THR E 223 -11.43 -26.56 31.18
CA THR E 223 -10.09 -27.00 31.51
C THR E 223 -9.13 -26.88 30.34
N THR E 224 -9.65 -26.93 29.12
CA THR E 224 -8.78 -26.89 27.95
C THR E 224 -7.98 -25.59 27.93
N GLY E 225 -6.72 -25.70 27.51
CA GLY E 225 -5.83 -24.56 27.52
C GLY E 225 -5.27 -24.21 28.88
N LEU E 226 -5.45 -25.07 29.87
CA LEU E 226 -4.94 -24.85 31.23
C LEU E 226 -3.99 -25.97 31.62
N ASP E 227 -3.30 -25.75 32.74
CA ASP E 227 -2.46 -26.76 33.32
C ASP E 227 -3.29 -27.69 34.21
N SER E 228 -2.68 -28.81 34.59
CA SER E 228 -3.41 -29.83 35.32
C SER E 228 -3.84 -29.32 36.70
N SER E 229 -2.91 -28.71 37.44
CA SER E 229 -3.24 -28.21 38.77
C SER E 229 -4.27 -27.08 38.70
N THR E 230 -4.10 -26.18 37.73
CA THR E 230 -5.07 -25.10 37.56
C THR E 230 -6.45 -25.65 37.21
N ALA E 231 -6.49 -26.64 36.33
CA ALA E 231 -7.76 -27.25 35.97
C ALA E 231 -8.42 -27.88 37.19
N ASN E 232 -7.64 -28.59 38.00
CA ASN E 232 -8.21 -29.22 39.19
C ASN E 232 -8.73 -28.17 40.16
N ALA E 233 -8.00 -27.06 40.31
CA ALA E 233 -8.45 -26.00 41.20
C ALA E 233 -9.77 -25.41 40.71
N VAL E 234 -9.88 -25.17 39.40
CA VAL E 234 -11.12 -24.61 38.86
C VAL E 234 -12.28 -25.56 39.09
N LEU E 235 -12.05 -26.86 38.86
CA LEU E 235 -13.14 -27.83 39.03
C LEU E 235 -13.54 -27.93 40.49
N LEU E 236 -12.58 -27.84 41.41
CA LEU E 236 -12.92 -27.85 42.83
C LEU E 236 -13.74 -26.62 43.18
N LEU E 237 -13.40 -25.48 42.58
CA LEU E 237 -14.19 -24.27 42.78
C LEU E 237 -15.63 -24.47 42.30
N LEU E 238 -15.78 -25.06 41.12
CA LEU E 238 -17.12 -25.31 40.60
C LEU E 238 -17.90 -26.24 41.51
N LYS E 239 -17.25 -27.27 42.02
CA LYS E 239 -17.92 -28.19 42.94
C LYS E 239 -18.29 -27.48 44.24
N ARG E 240 -17.47 -26.52 44.68
CA ARG E 240 -17.86 -25.69 45.81
C ARG E 240 -19.13 -24.91 45.50
N MET E 241 -19.21 -24.35 44.29
CA MET E 241 -20.40 -23.57 43.93
C MET E 241 -21.63 -24.44 43.88
N SER E 242 -21.51 -25.65 43.33
CA SER E 242 -22.67 -26.52 43.19
C SER E 242 -23.29 -26.85 44.53
N LYS E 243 -22.48 -26.87 45.59
CA LYS E 243 -22.99 -27.17 46.92
C LYS E 243 -24.05 -26.15 47.36
N GLN E 244 -23.95 -24.91 46.87
CA GLN E 244 -24.89 -23.89 47.29
C GLN E 244 -26.28 -24.11 46.71
N GLY E 245 -26.39 -24.85 45.60
CA GLY E 245 -27.68 -25.16 45.03
C GLY E 245 -27.82 -24.74 43.58
N ARG E 246 -26.70 -24.60 42.87
CA ARG E 246 -26.71 -24.21 41.48
C ARG E 246 -26.53 -25.44 40.59
N THR E 247 -27.26 -25.46 39.48
CA THR E 247 -27.05 -26.46 38.46
C THR E 247 -25.92 -26.03 37.54
N ILE E 248 -25.00 -26.94 37.27
CA ILE E 248 -23.83 -26.67 36.45
C ILE E 248 -23.71 -27.72 35.38
N ILE E 249 -23.41 -27.29 34.16
CA ILE E 249 -23.32 -28.16 33.00
C ILE E 249 -22.09 -27.75 32.22
N PHE E 250 -21.27 -28.73 31.85
CA PHE E 250 -20.05 -28.42 31.12
C PHE E 250 -19.61 -29.61 30.28
N SER E 251 -18.69 -29.33 29.37
CA SER E 251 -18.12 -30.32 28.47
C SER E 251 -16.62 -30.37 28.68
N ILE E 252 -16.06 -31.58 28.63
CA ILE E 252 -14.65 -31.80 28.86
C ILE E 252 -14.09 -32.65 27.73
N HIS E 253 -12.76 -32.61 27.59
CA HIS E 253 -12.04 -33.42 26.61
C HIS E 253 -10.98 -34.23 27.34
N GLN E 254 -11.14 -35.56 27.34
CA GLN E 254 -10.21 -36.52 27.94
C GLN E 254 -9.65 -36.02 29.27
N PRO E 255 -10.48 -36.00 30.32
CA PRO E 255 -10.01 -35.54 31.63
C PRO E 255 -9.14 -36.56 32.36
N ARG E 256 -8.81 -36.25 33.62
CA ARG E 256 -8.08 -37.16 34.49
C ARG E 256 -9.05 -37.78 35.50
N TYR E 257 -8.53 -38.70 36.32
CA TYR E 257 -9.41 -39.50 37.16
C TYR E 257 -10.03 -38.68 38.27
N SER E 258 -9.28 -37.76 38.88
CA SER E 258 -9.87 -36.90 39.90
C SER E 258 -11.00 -36.08 39.30
N ILE E 259 -10.78 -35.58 38.09
CA ILE E 259 -11.82 -34.86 37.37
C ILE E 259 -13.05 -35.75 37.21
N PHE E 260 -12.83 -36.97 36.73
CA PHE E 260 -13.94 -37.90 36.49
C PHE E 260 -14.62 -38.32 37.79
N LYS E 261 -13.96 -38.17 38.92
CA LYS E 261 -14.56 -38.52 40.20
C LYS E 261 -15.38 -37.38 40.77
N LEU E 262 -14.95 -36.15 40.51
CA LEU E 262 -15.70 -34.99 41.01
C LEU E 262 -17.12 -34.94 40.48
N PHE E 263 -17.39 -35.58 39.35
CA PHE E 263 -18.70 -35.48 38.72
C PHE E 263 -19.77 -36.14 39.57
N ASP E 264 -21.00 -35.67 39.40
CA ASP E 264 -22.17 -36.26 40.01
C ASP E 264 -23.10 -36.94 39.01
N SER E 265 -23.13 -36.44 37.77
CA SER E 265 -23.88 -37.04 36.69
C SER E 265 -23.02 -37.01 35.43
N LEU E 266 -23.30 -37.93 34.51
CA LEU E 266 -22.48 -38.09 33.33
C LEU E 266 -23.35 -38.26 32.09
N THR E 267 -22.84 -37.79 30.96
CA THR E 267 -23.50 -37.93 29.67
C THR E 267 -22.42 -38.15 28.63
N LEU E 268 -22.63 -39.12 27.74
CA LEU E 268 -21.64 -39.54 26.78
C LEU E 268 -22.25 -39.53 25.39
N LEU E 269 -21.45 -39.14 24.40
CA LEU E 269 -21.96 -38.95 23.05
C LEU E 269 -20.92 -39.39 22.02
N ALA E 270 -21.43 -39.79 20.86
CA ALA E 270 -20.59 -40.06 19.70
C ALA E 270 -21.48 -40.12 18.47
N SER E 271 -21.10 -39.38 17.43
CA SER E 271 -21.89 -39.30 16.20
C SER E 271 -23.35 -38.95 16.51
N GLY E 272 -23.53 -38.06 17.49
CA GLY E 272 -24.87 -37.67 17.87
C GLY E 272 -25.66 -38.75 18.56
N ARG E 273 -25.01 -39.78 19.05
CA ARG E 273 -25.67 -40.92 19.67
C ARG E 273 -25.38 -40.94 21.15
N LEU E 274 -26.44 -41.05 21.95
CA LEU E 274 -26.31 -41.15 23.41
C LEU E 274 -25.84 -42.55 23.76
N MET E 275 -24.54 -42.70 23.97
CA MET E 275 -24.00 -44.00 24.37
C MET E 275 -24.34 -44.32 25.81
N PHE E 276 -24.40 -43.30 26.67
CA PHE E 276 -24.70 -43.54 28.07
C PHE E 276 -25.21 -42.25 28.70
N HIS E 277 -25.96 -42.42 29.78
CA HIS E 277 -26.36 -41.30 30.62
C HIS E 277 -26.75 -41.83 31.99
N GLY E 278 -26.29 -41.16 33.03
CA GLY E 278 -26.56 -41.55 34.38
C GLY E 278 -25.42 -41.16 35.30
N PRO E 279 -25.46 -41.63 36.54
CA PRO E 279 -24.37 -41.31 37.47
C PRO E 279 -23.03 -41.80 36.94
N ALA E 280 -21.99 -41.02 37.24
CA ALA E 280 -20.68 -41.26 36.64
C ALA E 280 -20.12 -42.61 37.07
N GLN E 281 -20.31 -42.98 38.33
CA GLN E 281 -19.73 -44.21 38.84
C GLN E 281 -20.28 -45.43 38.12
N GLU E 282 -21.58 -45.44 37.86
CA GLU E 282 -22.23 -46.58 37.24
C GLU E 282 -21.82 -46.79 35.79
N ALA E 283 -21.13 -45.83 35.17
CA ALA E 283 -20.72 -46.00 33.78
C ALA E 283 -19.77 -47.18 33.63
N LEU E 284 -18.79 -47.28 34.52
CA LEU E 284 -17.84 -48.39 34.46
C LEU E 284 -18.55 -49.72 34.64
N GLY E 285 -19.47 -49.79 35.61
CA GLY E 285 -20.21 -51.02 35.81
C GLY E 285 -21.05 -51.39 34.61
N TYR E 286 -21.69 -50.40 34.00
CA TYR E 286 -22.51 -50.65 32.83
C TYR E 286 -21.65 -51.20 31.68
N PHE E 287 -20.49 -50.59 31.46
CA PHE E 287 -19.62 -51.07 30.39
C PHE E 287 -19.10 -52.47 30.69
N GLU E 288 -18.76 -52.73 31.96
CA GLU E 288 -18.32 -54.08 32.32
C GLU E 288 -19.41 -55.11 32.05
N SER E 289 -20.64 -54.79 32.45
CA SER E 289 -21.75 -55.68 32.20
C SER E 289 -22.07 -55.82 30.71
N ALA E 290 -21.64 -54.85 29.90
CA ALA E 290 -21.89 -54.91 28.46
C ALA E 290 -20.99 -55.90 27.74
N GLY E 291 -19.86 -56.27 28.34
CA GLY E 291 -18.94 -57.20 27.71
C GLY E 291 -17.59 -56.58 27.40
N TYR E 292 -17.17 -55.62 28.23
CA TYR E 292 -15.88 -54.97 28.10
C TYR E 292 -15.20 -54.99 29.46
N HIS E 293 -13.87 -55.01 29.46
CA HIS E 293 -13.10 -55.10 30.68
C HIS E 293 -12.02 -54.03 30.70
N CYS E 294 -11.85 -53.39 31.85
CA CYS E 294 -10.89 -52.30 32.02
C CYS E 294 -9.78 -52.78 32.95
N GLU E 295 -8.55 -52.75 32.44
CA GLU E 295 -7.40 -53.11 33.25
C GLU E 295 -7.01 -51.96 34.17
N ALA E 296 -6.32 -52.30 35.26
CA ALA E 296 -5.96 -51.30 36.25
C ALA E 296 -5.03 -50.27 35.65
N TYR E 297 -4.93 -49.13 36.33
CA TYR E 297 -4.12 -47.99 35.89
C TYR E 297 -4.60 -47.43 34.55
N ASN E 298 -5.86 -47.69 34.20
CA ASN E 298 -6.47 -47.17 32.99
C ASN E 298 -7.54 -46.18 33.37
N ASN E 299 -7.48 -44.97 32.82
CA ASN E 299 -8.43 -43.94 33.19
C ASN E 299 -9.81 -44.28 32.62
N PRO E 300 -10.88 -44.21 33.42
CA PRO E 300 -12.19 -44.59 32.89
C PRO E 300 -12.61 -43.80 31.66
N ALA E 301 -12.31 -42.50 31.61
CA ALA E 301 -12.68 -41.70 30.45
C ALA E 301 -11.94 -42.17 29.21
N ASP E 302 -10.65 -42.39 29.33
CA ASP E 302 -9.89 -42.93 28.21
C ASP E 302 -10.38 -44.32 27.83
N PHE E 303 -10.84 -45.09 28.81
CA PHE E 303 -11.43 -46.38 28.52
C PHE E 303 -12.67 -46.23 27.64
N PHE E 304 -13.55 -45.29 28.01
CA PHE E 304 -14.73 -45.03 27.20
C PHE E 304 -14.35 -44.62 25.79
N LEU E 305 -13.42 -43.68 25.68
CA LEU E 305 -13.04 -43.17 24.35
C LEU E 305 -12.42 -44.29 23.50
N ASP E 306 -11.60 -45.14 24.11
CA ASP E 306 -11.04 -46.27 23.38
C ASP E 306 -12.13 -47.21 22.91
N ILE E 307 -13.14 -47.45 23.76
CA ILE E 307 -14.27 -48.27 23.35
C ILE E 307 -14.93 -47.68 22.13
N ILE E 308 -15.14 -46.36 22.14
CA ILE E 308 -15.78 -45.70 21.00
C ILE E 308 -14.93 -45.89 19.75
N ASN E 309 -13.61 -45.67 19.87
CA ASN E 309 -12.73 -45.75 18.72
C ASN E 309 -12.68 -47.18 18.16
N GLY E 310 -12.62 -48.17 19.04
CA GLY E 310 -12.50 -49.55 18.62
C GLY E 310 -11.34 -50.27 19.29
N LEU E 338 -20.66 -50.82 15.41
CA LEU E 338 -20.13 -50.57 16.75
C LEU E 338 -20.95 -49.52 17.47
N ILE E 339 -21.12 -48.37 16.81
CA ILE E 339 -21.83 -47.26 17.42
C ILE E 339 -23.29 -47.62 17.66
N GLU E 340 -23.95 -48.14 16.62
CA GLU E 340 -25.35 -48.54 16.77
C GLU E 340 -25.48 -49.66 17.78
N LYS E 341 -24.50 -50.55 17.86
CA LYS E 341 -24.53 -51.62 18.84
C LYS E 341 -24.57 -51.05 20.26
N LEU E 342 -23.70 -50.08 20.54
CA LEU E 342 -23.66 -49.46 21.85
C LEU E 342 -24.96 -48.70 22.14
N ALA E 343 -25.48 -47.98 21.13
CA ALA E 343 -26.72 -47.25 21.34
C ALA E 343 -27.86 -48.21 21.68
N GLU E 344 -27.94 -49.33 20.97
CA GLU E 344 -28.98 -50.31 21.26
C GLU E 344 -28.80 -50.91 22.65
N ILE E 345 -27.55 -51.20 23.04
CA ILE E 345 -27.30 -51.70 24.38
C ILE E 345 -27.83 -50.73 25.42
N TYR E 346 -27.51 -49.44 25.26
CA TYR E 346 -27.97 -48.46 26.24
C TYR E 346 -29.49 -48.37 26.24
N VAL E 347 -30.11 -48.44 25.06
CA VAL E 347 -31.57 -48.41 25.01
C VAL E 347 -32.15 -49.58 25.81
N ASN E 348 -31.51 -50.74 25.72
CA ASN E 348 -31.97 -51.91 26.45
C ASN E 348 -31.72 -51.79 27.96
N SER E 349 -30.92 -50.83 28.40
CA SER E 349 -30.52 -50.77 29.79
C SER E 349 -31.65 -50.24 30.67
N SER E 350 -31.44 -50.36 31.98
CA SER E 350 -32.41 -49.86 32.96
C SER E 350 -32.34 -48.35 33.10
N PHE E 351 -31.16 -47.75 32.90
CA PHE E 351 -31.03 -46.31 33.01
C PHE E 351 -31.92 -45.60 31.99
N TYR E 352 -31.95 -46.10 30.76
CA TYR E 352 -32.83 -45.53 29.75
C TYR E 352 -34.29 -45.66 30.16
N LYS E 353 -34.65 -46.81 30.74
CA LYS E 353 -36.01 -47.00 31.22
C LYS E 353 -36.39 -45.95 32.25
N GLU E 354 -35.54 -45.76 33.25
CA GLU E 354 -35.83 -44.81 34.31
C GLU E 354 -35.90 -43.38 33.75
N THR E 355 -34.97 -43.03 32.89
CA THR E 355 -34.96 -41.68 32.32
C THR E 355 -36.23 -41.43 31.51
N LYS E 356 -36.62 -42.39 30.67
CA LYS E 356 -37.82 -42.22 29.87
C LYS E 356 -39.05 -42.11 30.75
N ALA E 357 -39.15 -42.93 31.79
CA ALA E 357 -40.28 -42.84 32.71
C ALA E 357 -40.34 -41.47 33.35
N GLU E 358 -39.20 -40.98 33.84
CA GLU E 358 -39.19 -39.68 34.51
C GLU E 358 -39.59 -38.57 33.54
N LEU E 359 -39.09 -38.62 32.31
CA LEU E 359 -39.47 -37.62 31.32
C LEU E 359 -40.97 -37.65 31.07
N HIS E 360 -41.52 -38.83 30.83
CA HIS E 360 -42.95 -38.92 30.58
C HIS E 360 -43.76 -38.47 31.79
N GLN E 361 -43.19 -38.60 32.99
CA GLN E 361 -43.83 -38.02 34.18
C GLN E 361 -43.82 -36.51 34.10
N LEU E 362 -42.67 -35.91 33.75
CA LEU E 362 -42.57 -34.46 33.73
C LEU E 362 -43.49 -33.86 32.67
N SER E 363 -43.53 -34.44 31.48
CA SER E 363 -44.36 -33.90 30.41
C SER E 363 -45.84 -33.88 30.82
N GLY E 364 -46.32 -34.97 31.40
CA GLY E 364 -47.70 -35.05 31.83
C GLY E 364 -47.89 -34.68 33.28
N TYR E 379 -35.56 -3.31 26.38
CA TYR E 379 -34.39 -4.00 26.93
C TYR E 379 -34.31 -3.79 28.44
N THR E 380 -33.34 -4.47 29.05
CA THR E 380 -33.12 -4.31 30.49
C THR E 380 -32.79 -2.87 30.84
N THR E 381 -31.94 -2.22 30.05
CA THR E 381 -31.45 -0.88 30.32
C THR E 381 -31.86 0.07 29.20
N SER E 382 -31.68 1.35 29.46
CA SER E 382 -31.95 2.38 28.47
C SER E 382 -30.85 2.40 27.41
N PHE E 383 -30.94 3.38 26.51
CA PHE E 383 -29.98 3.49 25.42
C PHE E 383 -28.75 4.28 25.84
N CYS E 384 -28.97 5.41 26.50
CA CYS E 384 -27.85 6.26 26.91
C CYS E 384 -26.90 5.50 27.84
N HIS E 385 -27.45 4.66 28.70
CA HIS E 385 -26.62 3.91 29.64
C HIS E 385 -25.67 2.97 28.89
N GLN E 386 -26.21 2.22 27.92
CA GLN E 386 -25.39 1.32 27.13
C GLN E 386 -24.33 2.09 26.36
N LEU E 387 -24.73 3.21 25.76
CA LEU E 387 -23.80 4.00 24.98
C LEU E 387 -22.66 4.50 25.85
N ARG E 388 -23.00 5.02 27.02
CA ARG E 388 -22.00 5.56 27.93
C ARG E 388 -21.01 4.49 28.34
N TRP E 389 -21.51 3.31 28.71
CA TRP E 389 -20.60 2.30 29.24
C TRP E 389 -19.76 1.66 28.14
N VAL E 390 -20.34 1.47 26.96
CA VAL E 390 -19.55 0.95 25.84
C VAL E 390 -18.45 1.93 25.48
N SER E 391 -18.78 3.23 25.42
CA SER E 391 -17.76 4.22 25.09
C SER E 391 -16.68 4.27 26.14
N LYS E 392 -17.06 4.19 27.41
CA LYS E 392 -16.09 4.20 28.50
C LYS E 392 -15.13 3.03 28.38
N ARG E 393 -15.66 1.83 28.13
CA ARG E 393 -14.81 0.66 27.99
C ARG E 393 -13.87 0.80 26.79
N SER E 394 -14.40 1.28 25.67
CA SER E 394 -13.55 1.41 24.48
C SER E 394 -12.45 2.42 24.71
N PHE E 395 -12.75 3.53 25.38
CA PHE E 395 -11.74 4.52 25.67
C PHE E 395 -10.68 3.98 26.62
N LYS E 396 -11.10 3.24 27.66
CA LYS E 396 -10.12 2.61 28.54
C LYS E 396 -9.21 1.67 27.76
N ASN E 397 -9.78 0.86 26.88
CA ASN E 397 -8.95 -0.05 26.10
C ASN E 397 -8.00 0.72 25.18
N LEU E 398 -8.49 1.80 24.60
CA LEU E 398 -7.67 2.61 23.71
C LEU E 398 -6.48 3.22 24.45
N LEU E 399 -6.73 3.79 25.62
CA LEU E 399 -5.65 4.36 26.41
C LEU E 399 -4.71 3.29 26.95
N GLY E 400 -5.23 2.10 27.23
CA GLY E 400 -4.45 1.02 27.76
C GLY E 400 -3.75 0.19 26.72
N ASN E 401 -3.77 0.62 25.47
CA ASN E 401 -2.95 0.05 24.40
C ASN E 401 -2.22 1.19 23.70
N PRO E 402 -1.34 1.88 24.41
CA PRO E 402 -0.78 3.13 23.86
C PRO E 402 -0.01 2.92 22.57
N GLN E 403 0.53 1.73 22.33
CA GLN E 403 1.40 1.54 21.18
C GLN E 403 0.67 1.91 19.88
N ALA E 404 -0.51 1.35 19.66
CA ALA E 404 -1.17 1.50 18.37
C ALA E 404 -1.46 2.96 18.04
N SER E 405 -1.98 3.72 19.00
CA SER E 405 -2.34 5.10 18.75
C SER E 405 -1.13 6.02 18.73
N ILE E 406 -0.25 5.87 19.73
CA ILE E 406 0.89 6.76 19.86
C ILE E 406 1.84 6.58 18.69
N ALA E 407 1.99 5.35 18.20
CA ALA E 407 2.84 5.13 17.03
C ALA E 407 2.32 5.90 15.82
N GLN E 408 1.01 5.85 15.58
CA GLN E 408 0.45 6.58 14.45
C GLN E 408 0.63 8.08 14.63
N ILE E 409 0.42 8.59 15.84
CA ILE E 409 0.57 10.03 16.07
C ILE E 409 2.02 10.45 15.81
N ILE E 410 2.98 9.68 16.33
CA ILE E 410 4.38 10.01 16.14
C ILE E 410 4.74 9.93 14.65
N VAL E 411 4.19 8.94 13.95
CA VAL E 411 4.50 8.78 12.54
C VAL E 411 3.94 9.95 11.74
N THR E 412 2.74 10.41 12.07
CA THR E 412 2.19 11.56 11.37
C THR E 412 3.02 12.81 11.63
N VAL E 413 3.49 12.99 12.87
CA VAL E 413 4.35 14.13 13.17
C VAL E 413 5.63 14.06 12.32
N VAL E 414 6.25 12.89 12.28
CA VAL E 414 7.49 12.74 11.52
C VAL E 414 7.24 13.00 10.05
N LEU E 415 6.14 12.48 9.51
CA LEU E 415 5.82 12.68 8.11
C LEU E 415 5.58 14.16 7.81
N GLY E 416 4.87 14.85 8.69
CA GLY E 416 4.70 16.28 8.51
C GLY E 416 6.02 17.01 8.47
N LEU E 417 6.94 16.67 9.38
CA LEU E 417 8.24 17.32 9.37
C LEU E 417 8.98 17.05 8.08
N VAL E 418 8.96 15.80 7.60
CA VAL E 418 9.68 15.45 6.39
C VAL E 418 9.09 16.17 5.18
N ILE E 419 7.76 16.20 5.08
CA ILE E 419 7.10 16.89 3.99
C ILE E 419 7.44 18.37 4.01
N GLY E 420 7.42 18.98 5.20
CA GLY E 420 7.80 20.37 5.31
C GLY E 420 9.23 20.62 4.85
N ALA E 421 10.13 19.69 5.19
CA ALA E 421 11.53 19.86 4.81
C ALA E 421 11.71 19.76 3.30
N ILE E 422 11.09 18.76 2.67
CA ILE E 422 11.28 18.56 1.24
C ILE E 422 10.67 19.70 0.44
N TYR E 423 9.45 20.10 0.79
CA TYR E 423 8.71 21.12 0.05
C TYR E 423 8.88 22.52 0.63
N PHE E 424 9.87 22.72 1.48
CA PHE E 424 10.00 24.00 2.17
C PHE E 424 10.12 25.13 1.16
N GLY E 425 9.33 26.17 1.36
CA GLY E 425 9.41 27.37 0.55
C GLY E 425 8.92 27.18 -0.87
N LEU E 426 7.63 26.95 -1.03
CA LEU E 426 7.07 26.84 -2.36
C LEU E 426 7.18 28.17 -3.09
N LYS E 427 7.61 28.11 -4.34
CA LYS E 427 7.89 29.29 -5.14
C LYS E 427 6.85 29.45 -6.23
N ASN E 428 6.53 30.70 -6.53
CA ASN E 428 5.58 31.03 -7.59
C ASN E 428 6.33 31.11 -8.92
N ASP E 429 6.73 29.93 -9.39
CA ASP E 429 7.37 29.80 -10.68
C ASP E 429 6.84 28.53 -11.34
N SER E 430 7.51 28.09 -12.39
CA SER E 430 7.02 26.96 -13.18
C SER E 430 6.85 25.72 -12.32
N THR E 431 7.74 25.51 -11.36
CA THR E 431 7.73 24.32 -10.53
C THR E 431 6.74 24.40 -9.37
N GLY E 432 6.11 25.55 -9.15
CA GLY E 432 5.16 25.66 -8.05
C GLY E 432 3.94 24.81 -8.26
N ILE E 433 3.44 24.75 -9.50
CA ILE E 433 2.25 23.96 -9.80
C ILE E 433 2.51 22.50 -9.49
N GLN E 434 3.61 21.97 -10.01
CA GLN E 434 3.96 20.57 -9.82
C GLN E 434 4.05 20.21 -8.35
N ASN E 435 4.78 21.02 -7.59
CA ASN E 435 5.01 20.72 -6.19
C ASN E 435 3.72 20.83 -5.38
N ARG E 436 2.91 21.86 -5.64
CA ARG E 436 1.65 22.00 -4.92
C ARG E 436 0.75 20.80 -5.18
N ALA E 437 0.56 20.46 -6.44
CA ALA E 437 -0.29 19.32 -6.77
C ALA E 437 0.24 18.06 -6.11
N GLY E 438 1.55 17.85 -6.16
CA GLY E 438 2.12 16.65 -5.58
C GLY E 438 1.88 16.55 -4.09
N VAL E 439 2.12 17.64 -3.37
CA VAL E 439 1.99 17.58 -1.92
C VAL E 439 0.53 17.37 -1.52
N LEU E 440 -0.40 18.03 -2.19
CA LEU E 440 -1.79 17.84 -1.85
C LEU E 440 -2.25 16.42 -2.16
N PHE E 441 -1.82 15.89 -3.29
CA PHE E 441 -2.13 14.50 -3.62
C PHE E 441 -1.58 13.55 -2.57
N PHE E 442 -0.34 13.78 -2.13
CA PHE E 442 0.24 12.92 -1.12
C PHE E 442 -0.54 12.98 0.18
N LEU E 443 -0.93 14.17 0.61
CA LEU E 443 -1.71 14.27 1.84
C LEU E 443 -3.01 13.48 1.74
N THR E 444 -3.75 13.68 0.66
CA THR E 444 -5.04 13.00 0.51
C THR E 444 -4.86 11.48 0.50
N THR E 445 -3.91 11.00 -0.30
CA THR E 445 -3.71 9.55 -0.40
C THR E 445 -3.19 8.97 0.90
N ASN E 446 -2.37 9.72 1.64
CA ASN E 446 -1.90 9.24 2.93
C ASN E 446 -3.06 9.07 3.89
N GLN E 447 -3.99 10.03 3.92
CA GLN E 447 -5.18 9.85 4.76
C GLN E 447 -5.94 8.60 4.35
N CYS E 448 -6.21 8.46 3.06
CA CYS E 448 -6.98 7.31 2.60
C CYS E 448 -6.31 6.00 3.00
N PHE E 449 -5.00 5.88 2.81
CA PHE E 449 -4.32 4.62 3.08
C PHE E 449 -4.11 4.37 4.56
N SER E 450 -3.87 5.41 5.35
CA SER E 450 -3.74 5.23 6.79
C SER E 450 -5.07 4.93 7.44
N SER E 451 -6.19 5.18 6.75
CA SER E 451 -7.49 4.81 7.28
C SER E 451 -7.80 3.33 7.13
N VAL E 452 -6.81 2.48 6.83
CA VAL E 452 -7.04 1.05 6.75
C VAL E 452 -7.12 0.38 8.11
N SER E 453 -6.55 1.00 9.15
CA SER E 453 -6.57 0.40 10.48
C SER E 453 -7.98 0.18 11.00
N ALA E 454 -8.97 0.89 10.48
CA ALA E 454 -10.34 0.73 10.96
C ALA E 454 -10.89 -0.66 10.72
N VAL E 455 -10.25 -1.43 9.83
CA VAL E 455 -10.69 -2.80 9.60
C VAL E 455 -10.61 -3.62 10.87
N GLU E 456 -9.54 -3.43 11.64
CA GLU E 456 -9.31 -4.19 12.87
C GLU E 456 -10.34 -3.89 13.96
N LEU E 457 -11.14 -2.85 13.81
CA LEU E 457 -12.02 -2.40 14.90
C LEU E 457 -13.05 -3.46 15.26
N PHE E 458 -13.98 -3.74 14.36
CA PHE E 458 -15.05 -4.69 14.64
C PHE E 458 -14.63 -6.13 14.45
N VAL E 459 -13.64 -6.39 13.62
CA VAL E 459 -13.22 -7.76 13.34
C VAL E 459 -12.71 -8.44 14.60
N VAL E 460 -11.90 -7.72 15.38
CA VAL E 460 -11.23 -8.33 16.52
C VAL E 460 -12.24 -8.72 17.60
N GLU E 461 -13.19 -7.82 17.91
CA GLU E 461 -14.11 -8.02 19.02
C GLU E 461 -15.42 -8.65 18.58
N LYS E 462 -15.40 -9.47 17.52
CA LYS E 462 -16.63 -10.05 17.01
C LYS E 462 -17.24 -11.03 18.02
N LYS E 463 -16.41 -11.91 18.57
CA LYS E 463 -16.92 -12.94 19.47
C LYS E 463 -17.51 -12.32 20.73
N LEU E 464 -16.82 -11.33 21.29
CA LEU E 464 -17.34 -10.64 22.45
C LEU E 464 -18.66 -9.95 22.14
N PHE E 465 -18.74 -9.31 20.97
CA PHE E 465 -19.97 -8.64 20.58
C PHE E 465 -21.13 -9.62 20.51
N ILE E 466 -20.89 -10.78 19.89
CA ILE E 466 -21.94 -11.77 19.78
C ILE E 466 -22.37 -12.26 21.16
N HIS E 467 -21.40 -12.58 22.00
CA HIS E 467 -21.71 -13.11 23.31
C HIS E 467 -22.50 -12.11 24.15
N GLU E 468 -22.14 -10.83 24.07
CA GLU E 468 -22.83 -9.83 24.87
C GLU E 468 -24.18 -9.45 24.27
N TYR E 469 -24.35 -9.59 22.95
CA TYR E 469 -25.65 -9.31 22.37
C TYR E 469 -26.64 -10.42 22.69
N ILE E 470 -26.21 -11.67 22.59
CA ILE E 470 -27.09 -12.78 22.93
C ILE E 470 -27.50 -12.70 24.39
N SER E 471 -26.54 -12.43 25.27
CA SER E 471 -26.80 -12.38 26.70
C SER E 471 -27.62 -11.18 27.13
N GLY E 472 -27.88 -10.24 26.23
CA GLY E 472 -28.73 -9.11 26.53
C GLY E 472 -28.05 -7.90 27.10
N TYR E 473 -26.74 -7.79 26.91
CA TYR E 473 -26.02 -6.62 27.43
C TYR E 473 -26.52 -5.34 26.78
N TYR E 474 -26.54 -5.31 25.44
CA TYR E 474 -26.81 -4.07 24.72
C TYR E 474 -27.39 -4.39 23.35
N ARG E 475 -27.93 -3.35 22.74
CA ARG E 475 -28.39 -3.41 21.36
C ARG E 475 -27.22 -3.22 20.40
N VAL E 476 -27.48 -3.42 19.13
CA VAL E 476 -26.46 -3.22 18.11
C VAL E 476 -26.18 -1.74 17.94
N SER E 477 -27.23 -0.91 17.98
CA SER E 477 -27.07 0.52 17.78
C SER E 477 -26.09 1.11 18.77
N SER E 478 -26.24 0.78 20.05
CA SER E 478 -25.37 1.33 21.07
C SER E 478 -23.93 0.91 20.84
N TYR E 479 -23.71 -0.36 20.58
CA TYR E 479 -22.37 -0.84 20.32
C TYR E 479 -21.73 -0.08 19.17
N PHE E 480 -22.44 -0.02 18.04
CA PHE E 480 -21.90 0.63 16.85
C PHE E 480 -21.57 2.09 17.13
N LEU E 481 -22.54 2.85 17.65
CA LEU E 481 -22.34 4.27 17.82
C LEU E 481 -21.28 4.58 18.88
N GLY E 482 -21.31 3.87 20.00
CA GLY E 482 -20.31 4.12 21.03
C GLY E 482 -18.91 3.76 20.58
N LYS E 483 -18.77 2.66 19.87
CA LYS E 483 -17.45 2.28 19.38
C LYS E 483 -16.94 3.21 18.32
N LEU E 484 -17.83 3.79 17.51
CA LEU E 484 -17.40 4.86 16.60
C LEU E 484 -16.97 6.09 17.38
N LEU E 485 -17.81 6.53 18.31
CA LEU E 485 -17.57 7.76 19.04
C LEU E 485 -16.30 7.69 19.86
N SER E 486 -15.89 6.49 20.29
CA SER E 486 -14.74 6.37 21.16
C SER E 486 -13.44 6.31 20.37
N ASP E 487 -13.31 5.32 19.51
CA ASP E 487 -12.05 5.06 18.82
C ASP E 487 -11.91 5.85 17.54
N LEU E 488 -12.87 5.73 16.63
CA LEU E 488 -12.71 6.26 15.28
C LEU E 488 -12.52 7.78 15.29
N LEU E 489 -13.35 8.49 16.06
CA LEU E 489 -13.43 9.93 15.95
C LEU E 489 -12.10 10.61 16.27
N PRO E 490 -11.64 10.55 17.53
CA PRO E 490 -10.42 11.31 17.88
C PRO E 490 -9.20 10.93 17.07
N MET E 491 -9.00 9.63 16.82
CA MET E 491 -7.77 9.18 16.21
C MET E 491 -7.67 9.59 14.74
N ARG E 492 -8.81 9.77 14.08
CA ARG E 492 -8.79 10.31 12.73
C ARG E 492 -8.76 11.83 12.70
N MET E 493 -9.27 12.47 13.75
CA MET E 493 -9.30 13.93 13.78
C MET E 493 -7.92 14.50 14.08
N LEU E 494 -7.19 13.93 15.02
CA LEU E 494 -5.92 14.51 15.43
C LEU E 494 -4.90 14.57 14.28
N PRO E 495 -4.64 13.49 13.55
CA PRO E 495 -3.58 13.55 12.53
C PRO E 495 -3.79 14.64 11.50
N SER E 496 -5.04 14.89 11.10
CA SER E 496 -5.29 15.94 10.12
C SER E 496 -4.87 17.29 10.67
N ILE E 497 -5.22 17.57 11.92
CA ILE E 497 -4.85 18.84 12.52
C ILE E 497 -3.34 18.97 12.60
N ILE E 498 -2.67 17.89 12.99
CA ILE E 498 -1.21 17.93 13.11
C ILE E 498 -0.57 18.22 11.76
N PHE E 499 -0.96 17.45 10.74
CA PHE E 499 -0.44 17.67 9.39
C PHE E 499 -0.65 19.11 8.96
N THR E 500 -1.88 19.60 9.08
CA THR E 500 -2.19 20.95 8.65
C THR E 500 -1.31 21.97 9.35
N CYS E 501 -1.30 21.94 10.68
CA CYS E 501 -0.53 22.93 11.43
C CYS E 501 0.93 22.90 11.04
N ILE E 502 1.51 21.71 10.93
CA ILE E 502 2.94 21.62 10.65
C ILE E 502 3.24 22.14 9.26
N VAL E 503 2.53 21.64 8.24
CA VAL E 503 2.98 21.87 6.87
C VAL E 503 2.51 23.21 6.33
N TYR E 504 1.34 23.70 6.72
CA TYR E 504 0.76 24.84 6.05
C TYR E 504 1.70 26.03 6.06
N PHE E 505 2.30 26.32 7.22
CA PHE E 505 3.17 27.49 7.34
C PHE E 505 4.58 27.22 6.83
N MET E 506 5.08 26.01 6.99
CA MET E 506 6.40 25.68 6.47
C MET E 506 6.43 25.82 4.95
N LEU E 507 5.47 25.21 4.27
CA LEU E 507 5.45 25.25 2.81
C LEU E 507 5.23 26.67 2.31
N GLY E 508 4.28 27.37 2.88
CA GLY E 508 3.96 28.72 2.46
C GLY E 508 2.73 28.76 1.59
N LEU E 509 1.72 28.00 1.99
CA LEU E 509 0.45 28.00 1.27
C LEU E 509 -0.26 29.31 1.60
N LYS E 510 -1.49 29.45 1.12
CA LYS E 510 -2.17 30.72 1.20
C LYS E 510 -2.34 31.15 2.66
N PRO E 511 -1.80 32.30 3.05
CA PRO E 511 -1.84 32.71 4.46
C PRO E 511 -3.16 33.38 4.84
N LYS E 512 -4.19 32.56 4.95
CA LYS E 512 -5.51 33.00 5.36
C LYS E 512 -6.12 31.96 6.29
N ALA E 513 -6.91 32.44 7.24
CA ALA E 513 -7.52 31.51 8.20
C ALA E 513 -8.50 30.57 7.51
N ASP E 514 -9.30 31.10 6.59
CA ASP E 514 -10.32 30.30 5.94
C ASP E 514 -9.70 29.15 5.16
N ALA E 515 -8.62 29.41 4.43
CA ALA E 515 -7.95 28.35 3.69
C ALA E 515 -7.41 27.29 4.64
N PHE E 516 -6.79 27.72 5.74
CA PHE E 516 -6.30 26.80 6.76
C PHE E 516 -7.39 25.86 7.23
N PHE E 517 -8.53 26.43 7.63
CA PHE E 517 -9.59 25.61 8.20
C PHE E 517 -10.26 24.75 7.16
N VAL E 518 -10.39 25.23 5.93
CA VAL E 518 -10.94 24.40 4.86
C VAL E 518 -10.05 23.20 4.62
N MET E 519 -8.74 23.40 4.61
CA MET E 519 -7.81 22.30 4.44
C MET E 519 -7.98 21.27 5.56
N MET E 520 -8.04 21.75 6.79
CA MET E 520 -8.22 20.85 7.93
C MET E 520 -9.52 20.06 7.80
N PHE E 521 -10.61 20.74 7.50
CA PHE E 521 -11.92 20.11 7.40
C PHE E 521 -11.95 19.09 6.28
N THR E 522 -11.36 19.40 5.13
CA THR E 522 -11.36 18.47 4.02
C THR E 522 -10.57 17.21 4.34
N LEU E 523 -9.40 17.37 4.96
CA LEU E 523 -8.63 16.20 5.35
C LEU E 523 -9.40 15.34 6.35
N MET E 524 -10.05 15.99 7.31
CA MET E 524 -10.86 15.27 8.28
C MET E 524 -11.95 14.45 7.60
N MET E 525 -12.66 15.07 6.66
CA MET E 525 -13.75 14.38 5.97
C MET E 525 -13.22 13.21 5.14
N VAL E 526 -12.08 13.39 4.49
CA VAL E 526 -11.50 12.29 3.72
C VAL E 526 -11.18 11.12 4.64
N ALA E 527 -10.58 11.40 5.78
CA ALA E 527 -10.22 10.34 6.70
C ALA E 527 -11.46 9.60 7.18
N TYR E 528 -12.50 10.33 7.56
CA TYR E 528 -13.71 9.70 8.04
C TYR E 528 -14.36 8.85 6.95
N SER E 529 -14.39 9.35 5.71
CA SER E 529 -15.01 8.60 4.63
C SER E 529 -14.27 7.30 4.35
N ALA E 530 -12.94 7.36 4.30
CA ALA E 530 -12.18 6.15 4.06
C ALA E 530 -12.34 5.16 5.20
N SER E 531 -12.36 5.64 6.44
CA SER E 531 -12.57 4.75 7.57
C SER E 531 -13.94 4.07 7.51
N SER E 532 -14.97 4.84 7.14
CA SER E 532 -16.30 4.26 7.00
C SER E 532 -16.33 3.19 5.93
N MET E 533 -15.68 3.46 4.80
CA MET E 533 -15.55 2.45 3.76
C MET E 533 -14.92 1.18 4.33
N ALA E 534 -13.84 1.34 5.09
CA ALA E 534 -13.16 0.18 5.66
C ALA E 534 -14.08 -0.60 6.59
N LEU E 535 -14.81 0.10 7.46
CA LEU E 535 -15.73 -0.58 8.35
C LEU E 535 -16.78 -1.37 7.56
N ALA E 536 -17.36 -0.74 6.54
CA ALA E 536 -18.35 -1.43 5.74
C ALA E 536 -17.78 -2.69 5.12
N ILE E 537 -16.54 -2.61 4.64
CA ILE E 537 -15.93 -3.78 4.02
C ILE E 537 -15.69 -4.87 5.07
N ALA E 538 -15.25 -4.48 6.26
CA ALA E 538 -14.73 -5.42 7.23
C ALA E 538 -15.72 -5.87 8.29
N ALA E 539 -16.85 -5.18 8.42
CA ALA E 539 -17.82 -5.54 9.44
C ALA E 539 -18.39 -6.93 9.15
N GLY E 540 -18.69 -7.66 10.22
CA GLY E 540 -19.21 -9.01 10.08
C GLY E 540 -18.22 -9.95 9.44
N GLN E 541 -16.95 -9.88 9.86
CA GLN E 541 -15.90 -10.73 9.33
C GLN E 541 -14.98 -11.13 10.46
N SER E 542 -14.22 -12.20 10.23
CA SER E 542 -13.18 -12.63 11.15
C SER E 542 -11.81 -12.65 10.51
N VAL E 543 -11.70 -12.48 9.20
CA VAL E 543 -10.43 -12.51 8.48
C VAL E 543 -10.06 -11.08 8.14
N VAL E 544 -8.87 -10.66 8.58
CA VAL E 544 -8.42 -9.30 8.34
C VAL E 544 -7.75 -9.14 6.98
N SER E 545 -7.13 -10.19 6.46
CA SER E 545 -6.32 -10.05 5.26
C SER E 545 -7.16 -9.64 4.06
N VAL E 546 -8.29 -10.32 3.86
CA VAL E 546 -9.12 -10.07 2.68
C VAL E 546 -9.62 -8.63 2.67
N ALA E 547 -10.08 -8.15 3.83
CA ALA E 547 -10.56 -6.79 3.90
C ALA E 547 -9.47 -5.78 3.59
N THR E 548 -8.27 -6.00 4.12
CA THR E 548 -7.15 -5.10 3.83
C THR E 548 -6.84 -5.08 2.35
N LEU E 549 -6.82 -6.26 1.72
CA LEU E 549 -6.56 -6.34 0.29
C LEU E 549 -7.62 -5.59 -0.50
N LEU E 550 -8.89 -5.77 -0.15
CA LEU E 550 -9.96 -5.10 -0.87
C LEU E 550 -9.85 -3.59 -0.73
N MET E 551 -9.56 -3.11 0.48
CA MET E 551 -9.40 -1.67 0.67
C MET E 551 -8.25 -1.14 -0.15
N THR E 552 -7.12 -1.85 -0.14
CA THR E 552 -5.96 -1.38 -0.90
C THR E 552 -6.29 -1.31 -2.39
N ILE E 553 -6.97 -2.33 -2.91
CA ILE E 553 -7.32 -2.34 -4.32
C ILE E 553 -8.26 -1.19 -4.67
N CYS E 554 -9.28 -0.98 -3.84
CA CYS E 554 -10.21 0.10 -4.10
C CYS E 554 -9.52 1.44 -4.10
N PHE E 555 -8.66 1.68 -3.11
CA PHE E 555 -7.93 2.95 -3.07
C PHE E 555 -7.04 3.11 -4.29
N VAL E 556 -6.39 2.03 -4.72
CA VAL E 556 -5.52 2.11 -5.88
C VAL E 556 -6.31 2.51 -7.12
N PHE E 557 -7.48 1.92 -7.30
CA PHE E 557 -8.30 2.31 -8.45
C PHE E 557 -8.93 3.68 -8.28
N MET E 558 -9.00 4.18 -7.04
CA MET E 558 -9.54 5.52 -6.81
C MET E 558 -8.52 6.60 -7.12
N MET E 559 -7.24 6.34 -6.84
CA MET E 559 -6.22 7.36 -7.05
C MET E 559 -6.05 7.68 -8.53
N ILE E 560 -6.26 6.71 -9.41
CA ILE E 560 -6.15 6.95 -10.84
C ILE E 560 -7.09 8.06 -11.26
N PHE E 561 -8.32 8.03 -10.77
CA PHE E 561 -9.32 9.05 -11.06
C PHE E 561 -9.23 10.25 -10.14
N SER E 562 -8.13 10.39 -9.40
CA SER E 562 -7.99 11.51 -8.48
C SER E 562 -7.94 12.83 -9.23
N GLY E 563 -7.15 12.90 -10.29
CA GLY E 563 -7.03 14.10 -11.08
C GLY E 563 -5.62 14.57 -11.30
N LEU E 564 -4.65 13.70 -11.05
CA LEU E 564 -3.24 14.00 -11.30
C LEU E 564 -2.64 13.10 -12.37
N LEU E 565 -2.78 11.79 -12.23
CA LEU E 565 -2.18 10.88 -13.19
C LEU E 565 -2.86 10.98 -14.54
N VAL E 566 -4.17 11.10 -14.56
CA VAL E 566 -4.95 11.19 -15.79
C VAL E 566 -5.87 12.39 -15.69
N ASN E 567 -5.92 13.17 -16.77
CA ASN E 567 -6.85 14.30 -16.83
C ASN E 567 -8.26 13.79 -17.06
N LEU E 568 -9.18 14.24 -16.23
CA LEU E 568 -10.53 13.72 -16.23
C LEU E 568 -11.32 14.11 -17.47
N THR E 569 -10.95 15.21 -18.12
CA THR E 569 -11.63 15.62 -19.34
C THR E 569 -11.37 14.64 -20.48
N THR E 570 -10.16 14.13 -20.59
CA THR E 570 -9.80 13.26 -21.70
C THR E 570 -10.48 11.91 -21.64
N ILE E 571 -10.89 11.47 -20.45
CA ILE E 571 -11.43 10.12 -20.31
C ILE E 571 -12.71 9.99 -21.12
N ALA E 572 -12.90 8.82 -21.71
CA ALA E 572 -14.07 8.59 -22.54
C ALA E 572 -15.35 8.67 -21.72
N SER E 573 -16.44 9.00 -22.40
CA SER E 573 -17.71 9.20 -21.72
C SER E 573 -18.25 7.92 -21.11
N TRP E 574 -17.95 6.77 -21.72
CA TRP E 574 -18.43 5.50 -21.21
C TRP E 574 -17.63 5.00 -20.02
N LEU E 575 -16.63 5.76 -19.59
CA LEU E 575 -15.81 5.39 -18.45
C LEU E 575 -15.59 6.53 -17.47
N SER E 576 -15.97 7.76 -17.82
CA SER E 576 -15.72 8.89 -16.94
C SER E 576 -16.63 8.88 -15.73
N TRP E 577 -17.81 8.27 -15.84
CA TRP E 577 -18.75 8.27 -14.73
C TRP E 577 -18.15 7.65 -13.47
N LEU E 578 -17.11 6.83 -13.61
CA LEU E 578 -16.49 6.20 -12.46
C LEU E 578 -15.78 7.18 -11.55
N GLN E 579 -15.56 8.42 -12.00
CA GLN E 579 -14.83 9.38 -11.19
C GLN E 579 -15.65 9.93 -10.04
N TYR E 580 -16.93 9.62 -9.99
CA TYR E 580 -17.78 10.04 -8.88
C TYR E 580 -17.78 9.03 -7.74
N PHE E 581 -17.03 7.93 -7.88
CA PHE E 581 -16.85 6.95 -6.82
C PHE E 581 -15.45 7.03 -6.23
N SER E 582 -14.88 8.22 -6.18
CA SER E 582 -13.53 8.45 -5.69
C SER E 582 -13.55 9.50 -4.60
N ILE E 583 -12.97 9.16 -3.46
CA ILE E 583 -12.83 10.05 -2.32
C ILE E 583 -11.62 10.97 -2.54
N PRO E 584 -10.49 10.42 -2.96
CA PRO E 584 -9.34 11.28 -3.26
C PRO E 584 -9.66 12.34 -4.27
N ARG E 585 -10.51 12.05 -5.25
CA ARG E 585 -10.89 13.08 -6.22
C ARG E 585 -11.50 14.28 -5.52
N TYR E 586 -12.46 14.05 -4.65
CA TYR E 586 -13.15 15.15 -3.99
C TYR E 586 -12.21 15.92 -3.08
N GLY E 587 -11.41 15.22 -2.28
CA GLY E 587 -10.49 15.92 -1.41
C GLY E 587 -9.46 16.73 -2.17
N PHE E 588 -8.85 16.11 -3.18
CA PHE E 588 -7.83 16.77 -3.98
C PHE E 588 -8.39 17.97 -4.71
N THR E 589 -9.59 17.83 -5.27
CA THR E 589 -10.23 18.95 -5.94
C THR E 589 -10.48 20.10 -5.00
N ALA E 590 -10.97 19.81 -3.80
CA ALA E 590 -11.21 20.88 -2.84
C ALA E 590 -9.92 21.58 -2.46
N LEU E 591 -8.85 20.82 -2.24
CA LEU E 591 -7.59 21.44 -1.85
C LEU E 591 -7.02 22.29 -2.97
N GLN E 592 -7.05 21.79 -4.20
CA GLN E 592 -6.59 22.56 -5.34
C GLN E 592 -7.38 23.86 -5.47
N HIS E 593 -8.69 23.77 -5.37
CA HIS E 593 -9.51 24.97 -5.46
C HIS E 593 -9.14 25.96 -4.37
N ASN E 594 -8.93 25.47 -3.16
CA ASN E 594 -8.62 26.37 -2.05
C ASN E 594 -7.25 27.01 -2.19
N GLU E 595 -6.34 26.39 -2.93
CA GLU E 595 -4.97 26.84 -2.99
C GLU E 595 -4.64 27.65 -4.24
N PHE E 596 -4.97 27.13 -5.42
CA PHE E 596 -4.52 27.74 -6.67
C PHE E 596 -5.30 29.00 -7.05
N LEU E 597 -6.43 29.26 -6.41
CA LEU E 597 -7.39 30.21 -6.92
C LEU E 597 -6.81 31.63 -7.00
N GLY E 598 -5.82 31.94 -6.16
CA GLY E 598 -5.22 33.26 -6.16
C GLY E 598 -3.75 33.33 -6.49
N GLN E 599 -3.26 32.49 -7.40
CA GLN E 599 -1.84 32.31 -7.62
C GLN E 599 -1.46 32.69 -9.04
N ASN E 600 -0.25 33.20 -9.18
CA ASN E 600 0.40 33.48 -10.45
C ASN E 600 1.73 32.75 -10.50
N PHE E 601 1.96 32.00 -11.58
CA PHE E 601 3.10 31.11 -11.67
C PHE E 601 4.09 31.50 -12.76
N CYS E 602 3.98 32.70 -13.29
CA CYS E 602 4.91 33.18 -14.31
C CYS E 602 5.40 34.56 -13.91
N PRO E 603 6.70 34.73 -13.62
CA PRO E 603 7.20 36.05 -13.22
C PRO E 603 7.39 36.97 -14.42
N GLY E 604 6.88 38.19 -14.28
CA GLY E 604 6.94 39.15 -15.35
C GLY E 604 5.76 39.15 -16.30
N LEU E 605 4.80 38.27 -16.13
CA LEU E 605 3.71 38.13 -17.06
C LEU E 605 2.37 38.18 -16.34
N ASN E 606 1.41 38.84 -16.97
CA ASN E 606 0.02 38.91 -16.49
C ASN E 606 -0.88 38.13 -17.44
N ALA E 607 -0.99 36.82 -17.22
CA ALA E 607 -1.91 36.03 -18.01
C ALA E 607 -3.35 36.26 -17.57
N THR E 608 -3.56 36.62 -16.31
CA THR E 608 -4.91 36.84 -15.82
C THR E 608 -5.63 37.90 -16.64
N GLY E 609 -4.99 39.05 -16.83
CA GLY E 609 -5.60 40.10 -17.61
C GLY E 609 -5.78 39.73 -19.07
N ASN E 610 -4.70 39.25 -19.69
CA ASN E 610 -4.74 38.79 -21.07
C ASN E 610 -3.53 37.89 -21.29
N ASN E 611 -3.74 36.82 -22.05
CA ASN E 611 -2.71 35.82 -22.26
C ASN E 611 -1.98 36.08 -23.57
N PRO E 612 -0.71 36.48 -23.55
CA PRO E 612 0.03 36.65 -24.80
C PRO E 612 0.15 35.36 -25.59
N CYS E 613 0.62 34.29 -24.95
CA CYS E 613 0.75 32.99 -25.57
C CYS E 613 -0.34 32.05 -25.07
N ASN E 614 -1.00 31.37 -26.00
CA ASN E 614 -2.14 30.53 -25.68
C ASN E 614 -1.74 29.30 -24.87
N TYR E 615 -0.46 28.95 -24.84
CA TYR E 615 0.06 27.80 -24.10
C TYR E 615 1.07 28.30 -23.08
N ALA E 616 0.61 28.70 -21.92
CA ALA E 616 1.53 29.13 -20.88
C ALA E 616 1.21 28.56 -19.51
N THR E 617 -0.06 28.49 -19.15
CA THR E 617 -0.48 28.07 -17.82
C THR E 617 0.19 28.93 -16.75
N CYS E 618 -0.17 30.20 -16.75
CA CYS E 618 0.45 31.20 -15.89
C CYS E 618 -0.45 31.65 -14.75
N THR E 619 -1.58 30.99 -14.54
CA THR E 619 -2.47 31.29 -13.43
C THR E 619 -3.02 30.00 -12.85
N GLY E 620 -3.53 30.11 -11.63
CA GLY E 620 -4.19 28.98 -11.02
C GLY E 620 -5.50 28.62 -11.69
N GLU E 621 -6.25 29.62 -12.12
CA GLU E 621 -7.52 29.38 -12.76
C GLU E 621 -7.36 28.56 -14.04
N GLU E 622 -6.33 28.85 -14.83
CA GLU E 622 -6.07 28.06 -16.01
C GLU E 622 -5.78 26.60 -15.65
N TYR E 623 -4.98 26.38 -14.61
CA TYR E 623 -4.68 25.02 -14.18
C TYR E 623 -5.95 24.30 -13.74
N LEU E 624 -6.80 24.99 -13.00
CA LEU E 624 -8.03 24.38 -12.51
C LEU E 624 -8.94 24.00 -13.66
N VAL E 625 -9.19 24.95 -14.56
CA VAL E 625 -10.09 24.69 -15.69
C VAL E 625 -9.54 23.59 -16.57
N LYS E 626 -8.23 23.56 -16.75
CA LYS E 626 -7.60 22.50 -17.53
C LYS E 626 -7.77 21.14 -16.90
N GLN E 627 -8.02 21.09 -15.59
CA GLN E 627 -8.23 19.84 -14.87
C GLN E 627 -9.70 19.48 -14.71
N GLY E 628 -10.61 20.35 -15.10
CA GLY E 628 -12.02 20.08 -15.01
C GLY E 628 -12.70 20.60 -13.76
N ILE E 629 -12.15 21.61 -13.11
CA ILE E 629 -12.63 22.11 -11.84
C ILE E 629 -13.34 23.43 -12.07
N ASP E 630 -14.38 23.67 -11.27
CA ASP E 630 -15.14 24.90 -11.33
C ASP E 630 -14.56 25.93 -10.37
N LEU E 631 -14.77 27.19 -10.69
CA LEU E 631 -14.23 28.31 -9.92
C LEU E 631 -15.23 28.88 -8.93
N SER E 632 -16.50 28.50 -9.04
CA SER E 632 -17.49 28.99 -8.12
C SER E 632 -17.31 28.32 -6.75
N PRO E 633 -17.78 28.97 -5.69
CA PRO E 633 -17.70 28.35 -4.37
C PRO E 633 -18.40 27.01 -4.29
N TRP E 634 -19.52 26.86 -4.97
CA TRP E 634 -20.21 25.56 -5.00
C TRP E 634 -19.28 24.46 -5.48
N GLY E 635 -18.35 24.79 -6.38
CA GLY E 635 -17.37 23.84 -6.84
C GLY E 635 -16.37 23.43 -5.79
N LEU E 636 -16.40 24.07 -4.64
CA LEU E 636 -15.59 23.72 -3.48
C LEU E 636 -16.36 22.88 -2.47
N TRP E 637 -17.63 23.18 -2.25
CA TRP E 637 -18.39 22.56 -1.19
C TRP E 637 -19.18 21.35 -1.65
N LYS E 638 -19.41 21.19 -2.95
CA LYS E 638 -20.10 19.99 -3.41
C LYS E 638 -19.26 18.75 -3.13
N ASN E 639 -17.94 18.90 -3.12
CA ASN E 639 -17.07 17.79 -2.75
C ASN E 639 -17.32 17.37 -1.32
N HIS E 640 -17.45 18.35 -0.42
CA HIS E 640 -17.71 18.05 0.99
C HIS E 640 -19.06 17.38 1.18
N VAL E 641 -20.09 17.87 0.49
CA VAL E 641 -21.40 17.22 0.65
C VAL E 641 -21.35 15.79 0.12
N ALA E 642 -20.62 15.56 -0.97
CA ALA E 642 -20.48 14.20 -1.48
C ALA E 642 -19.77 13.31 -0.47
N LEU E 643 -18.72 13.83 0.15
CA LEU E 643 -18.01 13.05 1.16
C LEU E 643 -18.92 12.70 2.32
N ALA E 644 -19.73 13.66 2.76
CA ALA E 644 -20.66 13.41 3.86
C ALA E 644 -21.68 12.34 3.48
N CYS E 645 -22.20 12.40 2.25
CA CYS E 645 -23.13 11.37 1.81
C CYS E 645 -22.48 10.00 1.79
N MET E 646 -21.22 9.92 1.34
CA MET E 646 -20.51 8.66 1.40
C MET E 646 -20.40 8.14 2.82
N ILE E 647 -20.05 9.04 3.75
CA ILE E 647 -19.93 8.66 5.15
C ILE E 647 -21.23 8.05 5.65
N VAL E 648 -22.34 8.74 5.38
CA VAL E 648 -23.64 8.26 5.83
C VAL E 648 -23.94 6.89 5.25
N ILE E 649 -23.74 6.74 3.95
CA ILE E 649 -24.07 5.48 3.29
C ILE E 649 -23.24 4.33 3.85
N PHE E 650 -21.94 4.55 4.01
CA PHE E 650 -21.07 3.50 4.49
C PHE E 650 -21.41 3.09 5.92
N LEU E 651 -21.68 4.08 6.78
CA LEU E 651 -22.01 3.74 8.16
C LEU E 651 -23.34 2.99 8.23
N THR E 652 -24.32 3.40 7.42
CA THR E 652 -25.58 2.68 7.38
C THR E 652 -25.37 1.24 6.92
N ILE E 653 -24.54 1.05 5.90
CA ILE E 653 -24.25 -0.29 5.43
C ILE E 653 -23.62 -1.12 6.53
N ALA E 654 -22.68 -0.54 7.28
CA ALA E 654 -22.04 -1.29 8.35
C ALA E 654 -23.04 -1.68 9.42
N TYR E 655 -23.93 -0.78 9.79
CA TYR E 655 -24.94 -1.11 10.78
C TYR E 655 -25.82 -2.24 10.29
N LEU E 656 -26.21 -2.21 9.02
CA LEU E 656 -27.02 -3.28 8.48
C LEU E 656 -26.27 -4.61 8.48
N LYS E 657 -24.98 -4.58 8.10
CA LYS E 657 -24.20 -5.80 8.09
C LYS E 657 -24.07 -6.39 9.49
N LEU E 658 -24.04 -5.54 10.52
CA LEU E 658 -24.03 -6.06 11.88
C LEU E 658 -25.39 -6.61 12.27
N LEU E 659 -26.46 -5.95 11.81
CA LEU E 659 -27.80 -6.31 12.24
C LEU E 659 -28.20 -7.68 11.74
N PHE E 660 -27.88 -7.99 10.49
CA PHE E 660 -28.26 -9.25 9.86
C PHE E 660 -27.20 -10.32 10.00
N LEU E 661 -26.18 -10.07 10.81
CA LEU E 661 -25.17 -11.08 11.08
C LEU E 661 -25.78 -12.20 11.92
N LYS E 662 -25.32 -13.42 11.68
CA LYS E 662 -25.83 -14.59 12.38
C LYS E 662 -25.19 -14.66 13.76
N LYS E 663 -25.98 -14.40 14.80
CA LYS E 663 -25.47 -14.42 16.16
C LYS E 663 -25.21 -15.82 16.66
N TYR E 664 -25.77 -16.83 16.02
CA TYR E 664 -25.63 -18.20 16.45
C TYR E 664 -24.43 -18.87 15.81
N ASP F 1 25.02 25.67 -9.84
CA ASP F 1 24.29 26.58 -10.76
C ASP F 1 24.70 26.29 -12.18
N ILE F 2 24.43 27.22 -13.08
CA ILE F 2 24.84 27.12 -14.48
C ILE F 2 25.86 28.23 -14.73
N VAL F 3 27.08 27.83 -15.06
CA VAL F 3 28.19 28.74 -15.25
C VAL F 3 28.50 28.79 -16.74
N LEU F 4 28.49 29.99 -17.29
CA LEU F 4 28.73 30.20 -18.71
C LEU F 4 30.17 30.63 -18.93
N THR F 5 30.76 30.12 -20.01
CA THR F 5 32.16 30.31 -20.30
C THR F 5 32.32 30.85 -21.72
N GLN F 6 33.08 31.92 -21.85
CA GLN F 6 33.47 32.47 -23.15
C GLN F 6 34.97 32.24 -23.30
N SER F 7 35.34 31.33 -24.18
CA SER F 7 36.76 31.00 -24.32
C SER F 7 37.59 32.19 -24.79
N PRO F 8 37.19 32.94 -25.82
CA PRO F 8 38.00 34.10 -26.21
C PRO F 8 37.75 35.32 -25.35
N SER F 9 38.51 35.44 -24.25
CA SER F 9 38.44 36.64 -23.42
C SER F 9 38.84 37.89 -24.19
N SER F 10 39.57 37.74 -25.30
CA SER F 10 39.97 38.86 -26.11
C SER F 10 40.15 38.40 -27.55
N PHE F 11 40.01 39.35 -28.48
CA PHE F 11 40.16 39.10 -29.90
C PHE F 11 40.97 40.23 -30.51
N SER F 12 41.25 40.10 -31.81
CA SER F 12 41.99 41.13 -32.53
C SER F 12 41.70 40.94 -34.02
N VAL F 13 41.03 41.91 -34.62
CA VAL F 13 40.62 41.82 -36.02
C VAL F 13 40.68 43.19 -36.67
N SER F 14 40.35 43.24 -37.97
CA SER F 14 40.33 44.48 -38.73
C SER F 14 38.98 44.60 -39.44
N LEU F 15 38.73 45.79 -39.97
CA LEU F 15 37.45 46.04 -40.64
C LEU F 15 37.29 45.13 -41.85
N GLY F 16 36.04 44.80 -42.15
CA GLY F 16 35.72 43.84 -43.18
C GLY F 16 35.93 42.40 -42.79
N ASP F 17 36.74 42.15 -41.76
CA ASP F 17 36.99 40.79 -41.32
C ASP F 17 35.73 40.18 -40.72
N ARG F 18 35.74 38.85 -40.61
CA ARG F 18 34.67 38.11 -39.98
C ARG F 18 35.17 37.54 -38.67
N VAL F 19 34.39 37.74 -37.60
CA VAL F 19 34.78 37.34 -36.26
C VAL F 19 33.67 36.50 -35.66
N THR F 20 34.06 35.49 -34.89
CA THR F 20 33.13 34.55 -34.29
C THR F 20 33.40 34.46 -32.80
N ILE F 21 32.32 34.43 -32.01
CA ILE F 21 32.40 34.42 -30.56
C ILE F 21 31.51 33.30 -30.05
N SER F 22 31.95 32.64 -28.99
CA SER F 22 31.31 31.42 -28.51
C SER F 22 31.10 31.48 -27.00
N CYS F 23 30.05 30.81 -26.55
CA CYS F 23 29.71 30.68 -25.15
C CYS F 23 29.43 29.21 -24.88
N LYS F 24 29.99 28.69 -23.79
CA LYS F 24 29.78 27.31 -23.39
C LYS F 24 29.10 27.29 -22.02
N ALA F 25 28.04 26.50 -21.91
CA ALA F 25 27.30 26.37 -20.67
C ALA F 25 27.59 25.04 -20.01
N SER F 26 27.43 25.02 -18.69
CA SER F 26 27.62 23.81 -17.90
C SER F 26 26.41 22.88 -17.94
N GLY F 27 25.31 23.33 -18.53
CA GLY F 27 24.11 22.52 -18.62
C GLY F 27 23.35 22.88 -19.88
N TYR F 28 22.22 22.21 -20.07
CA TYR F 28 21.41 22.43 -21.25
C TYR F 28 20.57 23.70 -21.07
N ILE F 29 20.52 24.51 -22.11
CA ILE F 29 20.01 25.87 -22.03
C ILE F 29 18.78 26.03 -22.91
N LEU F 30 18.72 25.25 -23.98
CA LEU F 30 17.54 25.20 -24.84
C LEU F 30 17.25 26.56 -25.47
N ASN F 31 18.29 27.16 -26.03
CA ASN F 31 18.17 28.41 -26.76
C ASN F 31 17.65 29.55 -25.91
N ARG F 32 17.69 29.38 -24.59
CA ARG F 32 17.44 30.50 -23.67
C ARG F 32 18.76 31.25 -23.41
N LEU F 33 19.27 31.81 -24.49
CA LEU F 33 20.55 32.47 -24.52
C LEU F 33 20.41 33.87 -25.11
N ALA F 34 21.10 34.83 -24.53
CA ALA F 34 21.04 36.22 -24.97
C ALA F 34 22.44 36.80 -25.04
N TRP F 35 22.62 37.75 -25.95
CA TRP F 35 23.90 38.42 -26.15
C TRP F 35 23.73 39.91 -25.94
N TYR F 36 24.60 40.49 -25.12
CA TYR F 36 24.57 41.91 -24.81
C TYR F 36 25.83 42.58 -25.34
N GLN F 37 25.66 43.79 -25.86
CA GLN F 37 26.75 44.61 -26.35
C GLN F 37 26.91 45.81 -25.45
N GLN F 38 28.15 46.05 -25.01
CA GLN F 38 28.44 47.11 -24.07
C GLN F 38 29.58 47.97 -24.60
N LYS F 39 29.29 49.22 -24.86
CA LYS F 39 30.31 50.20 -25.10
C LYS F 39 30.85 50.72 -23.77
N PRO F 40 32.09 51.18 -23.73
CA PRO F 40 32.63 51.70 -22.46
C PRO F 40 31.83 52.90 -21.97
N GLY F 41 31.63 52.96 -20.66
CA GLY F 41 30.87 54.04 -20.07
C GLY F 41 29.42 54.08 -20.49
N ASN F 42 28.79 52.93 -20.65
CA ASN F 42 27.40 52.84 -21.04
C ASN F 42 26.82 51.55 -20.50
N ALA F 43 25.53 51.51 -20.40
CA ALA F 43 24.87 50.30 -19.96
C ALA F 43 24.81 49.29 -21.10
N PRO F 44 24.77 47.99 -20.78
CA PRO F 44 24.66 46.99 -21.82
C PRO F 44 23.36 47.13 -22.60
N ARG F 45 23.42 46.74 -23.87
CA ARG F 45 22.30 46.87 -24.78
C ARG F 45 21.98 45.50 -25.36
N LEU F 46 20.71 45.13 -25.31
CA LEU F 46 20.30 43.83 -25.82
C LEU F 46 20.51 43.76 -27.32
N LEU F 47 20.98 42.62 -27.76
CA LEU F 47 21.33 42.40 -29.16
C LEU F 47 20.66 41.19 -29.76
N ILE F 48 20.54 40.11 -29.02
CA ILE F 48 20.00 38.85 -29.53
C ILE F 48 19.26 38.15 -28.40
N SER F 49 18.11 37.59 -28.73
CA SER F 49 17.34 36.77 -27.80
C SER F 49 16.94 35.48 -28.49
N GLY F 50 16.89 34.41 -27.71
CA GLY F 50 16.58 33.11 -28.24
C GLY F 50 17.71 32.44 -28.97
N ALA F 51 18.88 33.05 -29.00
CA ALA F 51 20.10 32.60 -29.65
C ALA F 51 20.06 32.81 -31.16
N THR F 52 18.94 33.21 -31.72
CA THR F 52 18.85 33.47 -33.15
C THR F 52 18.20 34.80 -33.47
N SER F 53 17.19 35.20 -32.69
CA SER F 53 16.45 36.41 -33.01
C SER F 53 17.33 37.64 -32.86
N LEU F 54 16.99 38.66 -33.62
CA LEU F 54 17.73 39.91 -33.64
C LEU F 54 16.78 41.05 -33.27
N GLU F 55 17.29 41.96 -32.45
CA GLU F 55 16.48 43.08 -31.98
C GLU F 55 16.54 44.23 -32.96
N THR F 56 15.43 44.95 -33.06
CA THR F 56 15.35 46.07 -33.98
C THR F 56 16.18 47.23 -33.46
N GLY F 57 17.12 47.68 -34.27
CA GLY F 57 18.05 48.71 -33.86
C GLY F 57 19.47 48.35 -34.21
N PHE F 58 19.63 47.14 -34.75
CA PHE F 58 20.93 46.61 -35.14
C PHE F 58 20.88 46.13 -36.57
N PRO F 59 22.01 46.17 -37.28
CA PRO F 59 22.03 45.67 -38.65
C PRO F 59 21.85 44.16 -38.70
N SER F 60 21.49 43.67 -39.87
CA SER F 60 21.45 42.23 -40.10
C SER F 60 22.85 41.73 -40.44
N ARG F 61 23.83 42.11 -39.61
CA ARG F 61 25.18 41.58 -39.68
C ARG F 61 25.50 40.68 -38.51
N PHE F 62 24.70 40.72 -37.45
CA PHE F 62 24.85 39.85 -36.30
C PHE F 62 23.90 38.67 -36.45
N SER F 63 24.43 37.47 -36.22
CA SER F 63 23.63 36.27 -36.27
C SER F 63 24.01 35.37 -35.10
N GLY F 64 23.05 34.57 -34.67
CA GLY F 64 23.25 33.62 -33.58
C GLY F 64 22.91 32.22 -33.99
N THR F 65 23.70 31.26 -33.53
CA THR F 65 23.49 29.87 -33.83
C THR F 65 23.96 29.04 -32.65
N GLY F 66 23.28 27.92 -32.41
CA GLY F 66 23.69 27.01 -31.37
C GLY F 66 22.58 26.11 -30.87
N SER F 67 22.97 24.92 -30.41
CA SER F 67 22.02 23.95 -29.89
C SER F 67 22.62 23.26 -28.69
N GLY F 68 21.88 23.24 -27.59
CA GLY F 68 22.28 22.52 -26.40
C GLY F 68 23.13 23.31 -25.44
N LYS F 69 24.44 23.09 -25.51
CA LYS F 69 25.40 23.75 -24.64
C LYS F 69 26.32 24.69 -25.39
N ASP F 70 26.41 24.58 -26.71
CA ASP F 70 27.36 25.32 -27.52
C ASP F 70 26.62 26.38 -28.32
N TYR F 71 26.94 27.64 -28.09
CA TYR F 71 26.34 28.76 -28.79
C TYR F 71 27.43 29.70 -29.29
N THR F 72 27.18 30.31 -30.45
CA THR F 72 28.13 31.20 -31.07
C THR F 72 27.42 32.45 -31.59
N LEU F 73 28.17 33.53 -31.65
CA LEU F 73 27.72 34.79 -32.24
C LEU F 73 28.62 35.13 -33.41
N SER F 74 28.00 35.54 -34.51
CA SER F 74 28.71 35.80 -35.76
C SER F 74 28.55 37.26 -36.15
N ILE F 75 29.66 37.94 -36.31
CA ILE F 75 29.70 39.30 -36.82
C ILE F 75 30.41 39.23 -38.17
N SER F 76 29.65 39.36 -39.25
CA SER F 76 30.20 39.31 -40.60
C SER F 76 30.49 40.72 -41.08
N SER F 77 31.74 40.97 -41.47
CA SER F 77 32.15 42.28 -41.98
C SER F 77 31.94 43.36 -40.93
N LEU F 78 32.67 43.23 -39.83
CA LEU F 78 32.53 44.18 -38.73
C LEU F 78 33.02 45.56 -39.15
N GLN F 79 32.37 46.58 -38.62
CA GLN F 79 32.78 47.97 -38.79
C GLN F 79 33.48 48.44 -37.52
N THR F 80 33.72 49.75 -37.44
CA THR F 80 34.33 50.31 -36.24
C THR F 80 33.34 50.39 -35.09
N GLU F 81 32.07 50.70 -35.39
CA GLU F 81 31.07 50.89 -34.35
C GLU F 81 30.78 49.62 -33.57
N ASP F 82 31.20 48.46 -34.06
CA ASP F 82 30.94 47.19 -33.40
C ASP F 82 31.99 46.81 -32.38
N VAL F 83 33.00 47.65 -32.18
CA VAL F 83 34.03 47.35 -31.19
C VAL F 83 33.46 47.53 -29.80
N GLY F 84 33.66 46.53 -28.93
CA GLY F 84 33.24 46.65 -27.56
C GLY F 84 33.24 45.30 -26.87
N THR F 85 32.59 45.27 -25.72
CA THR F 85 32.56 44.11 -24.86
C THR F 85 31.23 43.39 -25.02
N TYR F 86 31.29 42.07 -25.19
CA TYR F 86 30.11 41.25 -25.43
C TYR F 86 29.96 40.22 -24.32
N TYR F 87 28.72 39.94 -23.94
CA TYR F 87 28.40 39.02 -22.86
C TYR F 87 27.32 38.05 -23.32
N CYS F 88 27.39 36.84 -22.79
CA CYS F 88 26.34 35.85 -22.98
C CYS F 88 25.61 35.64 -21.66
N GLN F 89 24.29 35.63 -21.73
CA GLN F 89 23.43 35.45 -20.59
C GLN F 89 22.48 34.28 -20.84
N GLN F 90 22.15 33.58 -19.77
CA GLN F 90 21.17 32.51 -19.81
C GLN F 90 20.02 32.86 -18.88
N TYR F 91 18.80 32.74 -19.38
CA TYR F 91 17.59 33.01 -18.62
C TYR F 91 16.73 31.75 -18.52
N TRP F 92 17.37 30.62 -18.27
CA TRP F 92 16.69 29.35 -18.06
C TRP F 92 16.41 29.08 -16.59
N SER F 93 17.41 29.29 -15.73
CA SER F 93 17.28 29.09 -14.31
C SER F 93 17.40 30.42 -13.59
N THR F 94 16.74 30.53 -12.43
CA THR F 94 16.55 31.83 -11.79
C THR F 94 17.86 32.55 -11.47
N PRO F 95 18.90 31.91 -10.94
CA PRO F 95 20.15 32.64 -10.74
C PRO F 95 20.84 32.96 -12.06
N TRP F 96 20.31 33.94 -12.78
CA TRP F 96 20.81 34.27 -14.10
C TRP F 96 22.29 34.59 -14.05
N THR F 97 23.04 33.99 -14.96
CA THR F 97 24.48 34.11 -15.01
C THR F 97 24.90 34.69 -16.35
N PHE F 98 25.82 35.64 -16.29
CA PHE F 98 26.44 36.20 -17.47
C PHE F 98 27.78 35.54 -17.72
N GLY F 99 28.30 35.76 -18.91
CA GLY F 99 29.65 35.38 -19.23
C GLY F 99 30.66 36.35 -18.65
N GLY F 100 31.92 36.06 -18.92
CA GLY F 100 32.99 36.90 -18.40
C GLY F 100 33.34 38.08 -19.25
N GLY F 101 32.95 38.06 -20.51
CA GLY F 101 33.26 39.15 -21.41
C GLY F 101 34.19 38.74 -22.52
N THR F 102 34.01 39.36 -23.69
CA THR F 102 34.86 39.12 -24.86
C THR F 102 35.12 40.46 -25.51
N LYS F 103 36.20 41.11 -25.09
CA LYS F 103 36.55 42.43 -25.60
C LYS F 103 37.14 42.33 -26.99
N LEU F 104 36.52 43.03 -27.94
CA LEU F 104 37.08 43.18 -29.27
C LEU F 104 38.08 44.32 -29.32
N GLU F 105 38.96 44.26 -30.30
CA GLU F 105 39.96 45.30 -30.53
C GLU F 105 40.08 45.51 -32.03
N ILE F 106 41.09 46.28 -32.43
CA ILE F 106 41.31 46.61 -33.83
C ILE F 106 42.79 46.52 -34.14
N ARG F 107 43.12 45.91 -35.27
CA ARG F 107 44.50 45.86 -35.75
C ARG F 107 44.71 46.85 -36.89
C1 NAG G . 11.22 23.59 -36.99
C2 NAG G . 10.83 22.72 -38.16
C3 NAG G . 12.07 22.29 -38.93
C4 NAG G . 12.99 23.47 -39.23
C5 NAG G . 13.16 24.38 -38.01
C6 NAG G . 13.84 25.69 -38.34
C7 NAG G . 9.51 20.69 -38.56
C8 NAG G . 8.81 19.54 -37.93
N2 NAG G . 10.09 21.55 -37.72
O3 NAG G . 11.67 21.68 -40.15
O4 NAG G . 14.26 22.94 -39.55
O5 NAG G . 11.88 24.72 -37.45
O6 NAG G . 13.14 26.80 -37.81
O7 NAG G . 9.57 20.84 -39.77
C1 NAG G . 14.88 23.63 -40.64
C2 NAG G . 16.36 23.37 -40.49
C3 NAG G . 17.12 24.02 -41.65
C4 NAG G . 16.56 23.55 -42.98
C5 NAG G . 15.05 23.78 -43.01
C6 NAG G . 14.40 23.22 -44.25
C7 NAG G . 17.04 23.10 -38.14
C8 NAG G . 17.53 23.79 -36.92
N2 NAG G . 16.84 23.88 -39.22
O3 NAG G . 18.50 23.67 -41.55
O4 NAG G . 17.17 24.27 -44.04
O5 NAG G . 14.43 23.13 -41.90
O6 NAG G . 13.67 22.03 -43.96
O7 NAG G . 16.82 21.89 -38.18
C1 NAG H . -2.90 43.20 -14.37
C2 NAG H . -2.62 44.09 -13.17
C3 NAG H . -3.90 44.79 -12.73
C4 NAG H . -4.60 45.45 -13.90
C5 NAG H . -4.72 44.49 -15.08
C6 NAG H . -5.26 45.14 -16.33
C7 NAG H . -1.57 43.86 -10.97
C8 NAG H . -1.05 42.89 -9.95
N2 NAG H . -2.07 43.30 -12.09
O3 NAG H . -3.56 45.78 -11.76
O4 NAG H . -5.92 45.81 -13.48
O5 NAG H . -3.43 43.96 -15.41
O6 NAG H . -4.49 44.78 -17.48
O7 NAG H . -1.54 45.06 -10.80
C1 NAG H . -6.28 47.15 -13.89
C2 NAG H . -7.80 47.22 -13.78
C3 NAG H . -8.29 48.62 -14.14
C4 NAG H . -7.58 49.66 -13.29
C5 NAG H . -6.06 49.48 -13.41
C6 NAG H . -5.28 50.40 -12.50
C7 NAG H . -8.77 45.01 -14.21
C8 NAG H . -9.40 44.11 -15.22
N2 NAG H . -8.42 46.22 -14.64
O3 NAG H . -9.70 48.70 -13.91
O4 NAG H . -7.93 50.97 -13.72
O5 NAG H . -5.70 48.14 -13.05
O6 NAG H . -4.86 49.73 -11.33
O7 NAG H . -8.58 44.65 -13.06
C1 CLR I . 26.06 8.02 -9.58
C2 CLR I . 26.26 8.73 -10.92
C3 CLR I . 27.21 7.95 -11.85
C4 CLR I . 26.62 6.55 -12.04
C5 CLR I . 26.33 5.80 -10.75
C6 CLR I . 26.62 4.49 -10.67
C7 CLR I . 26.43 3.72 -9.35
C8 CLR I . 25.29 4.37 -8.52
C9 CLR I . 25.57 5.88 -8.37
C10 CLR I . 25.49 6.59 -9.73
C11 CLR I . 24.74 6.52 -7.26
C12 CLR I . 24.78 5.74 -5.92
C13 CLR I . 24.29 4.29 -6.14
C14 CLR I . 25.29 3.69 -7.18
C15 CLR I . 24.98 2.17 -7.17
C16 CLR I . 24.74 1.89 -5.64
C17 CLR I . 24.48 3.30 -4.94
C18 CLR I . 22.86 4.21 -6.65
C19 CLR I . 24.02 6.70 -10.23
C20 CLR I . 23.29 3.20 -3.99
C21 CLR I . 22.99 4.51 -3.22
C22 CLR I . 23.57 2.08 -2.92
C23 CLR I . 24.50 2.46 -1.77
C24 CLR I . 24.40 1.28 -0.73
C25 CLR I . 23.00 1.15 -0.11
C26 CLR I . 23.11 0.25 1.15
C27 CLR I . 22.27 2.50 0.15
O1 CLR I . 27.48 8.60 -13.09
C1 CLR J . 29.15 -17.06 -4.94
C2 CLR J . 29.93 -18.06 -4.08
C3 CLR J . 30.27 -17.51 -2.69
C4 CLR J . 28.95 -17.09 -2.03
C5 CLR J . 28.06 -16.16 -2.84
C6 CLR J . 27.39 -15.17 -2.21
C7 CLR J . 26.55 -14.15 -2.96
C8 CLR J . 26.11 -14.68 -4.36
C9 CLR J . 27.30 -15.37 -5.09
C10 CLR J . 27.83 -16.59 -4.30
C11 CLR J . 26.98 -15.66 -6.55
C12 CLR J . 26.45 -14.44 -7.32
C13 CLR J . 25.18 -13.89 -6.62
C14 CLR J . 25.65 -13.50 -5.18
C15 CLR J . 24.55 -12.59 -4.58
C16 CLR J . 23.86 -11.96 -5.86
C17 CLR J . 24.70 -12.49 -7.11
C18 CLR J . 24.01 -14.88 -6.59
C19 CLR J . 26.78 -17.73 -4.38
C20 CLR J . 23.87 -12.48 -8.39
C21 CLR J . 24.58 -13.08 -9.62
C22 CLR J . 23.57 -10.97 -8.68
C23 CLR J . 22.53 -10.76 -9.80
C24 CLR J . 23.26 -9.82 -10.84
C25 CLR J . 22.42 -9.74 -12.14
C26 CLR J . 22.97 -8.57 -12.98
C27 CLR J . 22.29 -11.08 -12.90
O1 CLR J . 31.02 -18.40 -1.88
C10 I3T K . 0.16 2.48 5.26
C13 I3T K . 3.19 5.25 6.12
C15 I3T K . 3.69 4.75 7.50
C17 I3T K . 0.86 7.38 -2.30
C20 I3T K . 1.50 9.11 -3.98
C21 I3T K . 0.72 7.79 -3.80
C22 I3T K . -0.07 3.62 7.42
C24 I3T K . -0.61 2.30 9.65
C26 I3T K . 1.57 1.28 10.68
C28 I3T K . 3.42 2.68 11.44
C01 I3T K . 1.07 3.99 -0.68
C02 I3T K . 0.93 5.41 -0.83
C03 I3T K . 0.78 6.18 0.35
C04 I3T K . 0.79 5.52 1.64
C05 I3T K . 0.93 4.11 1.77
C06 I3T K . 1.07 3.37 0.57
C07 I3T K . 0.73 4.96 3.93
C08 I3T K . 0.89 3.78 3.20
C09 I3T K . 0.63 5.05 5.49
C11 I3T K . 0.99 2.45 3.91
C12 I3T K . 1.76 5.88 6.22
C14 I3T K . 4.18 6.26 5.52
C16 I3T K . 0.36 1.21 6.11
C18 I3T K . 2.16 8.11 -1.82
C19 I3T K . 2.69 8.98 -2.99
C23 I3T K . -0.64 2.35 8.06
C25 I3T K . 0.81 2.41 10.29
C27 I3T K . 2.85 1.40 11.26
C29 I3T K . 2.69 3.82 11.06
C30 I3T K . 1.40 3.68 10.49
N01 I3T K . 0.67 6.03 2.99
N02 I3T K . 0.49 3.66 6.15
N03 I3T K . 0.05 1.18 7.44
O01 I3T K . 0.95 5.94 -2.13
O02 I3T K . -0.12 4.72 8.11
O03 I3T K . 0.85 0.15 5.56
C10 I3T L . -0.32 -4.51 -3.86
C13 I3T L . -3.06 -4.22 -6.84
C15 I3T L . -3.68 -5.61 -6.53
C17 I3T L . 0.54 4.04 -6.61
C20 I3T L . 0.34 6.16 -7.93
C21 I3T L . 0.90 5.57 -6.61
C22 I3T L . -0.17 -6.33 -5.51
C24 I3T L . -0.11 -8.87 -4.81
C26 I3T L . -2.46 -9.78 -4.16
C28 I3T L . -4.32 -9.84 -5.76
C01 I3T L . -0.31 1.68 -3.81
C02 I3T L . 0.05 2.16 -5.12
C03 I3T L . 0.15 1.20 -6.16
C04 I3T L . -0.10 -0.20 -5.88
C05 I3T L . -0.46 -0.66 -4.57
C06 I3T L . -0.55 0.33 -3.56
C07 I3T L . -0.41 -2.54 -5.94
C08 I3T L . -0.64 -2.12 -4.63
C09 I3T L . -0.49 -4.02 -6.43
C11 I3T L . -1.01 -3.11 -3.56
C12 I3T L . -1.64 -4.33 -7.46
C14 I3T L . -4.00 -3.42 -7.77
C16 I3T L . -0.77 -5.62 -2.90
C18 I3T L . -0.68 3.95 -7.57
C19 I3T L . -0.95 5.34 -8.19
C23 I3T L . 0.15 -7.34 -4.42
C25 I3T L . -1.60 -9.22 -5.14
C27 I3T L . -3.81 -10.09 -4.47
C29 I3T L . -3.47 -9.28 -6.74
C30 I3T L . -2.13 -8.98 -6.42
N01 I3T L . -0.08 -1.37 -6.70
N02 I3T L . -0.57 -5.02 -5.26
N03 I3T L . -0.59 -6.94 -3.19
O01 I3T L . 0.26 3.54 -5.29
O02 I3T L . -0.07 -6.71 -6.75
O03 I3T L . -1.36 -5.29 -1.79
C1 CLR M . -23.24 15.13 -8.26
C2 CLR M . -23.16 16.61 -8.62
C3 CLR M . -24.09 17.46 -7.75
C4 CLR M . -23.70 17.22 -6.28
C5 CLR M . -23.69 15.76 -5.87
C6 CLR M . -24.17 15.42 -4.66
C7 CLR M . -24.26 13.95 -4.24
C8 CLR M . -23.16 13.12 -4.94
C9 CLR M . -23.22 13.38 -6.47
C10 CLR M . -22.87 14.84 -6.79
C11 CLR M . -22.45 12.33 -7.27
C12 CLR M . -22.78 10.88 -6.88
C13 CLR M . -22.48 10.66 -5.36
C14 CLR M . -23.42 11.67 -4.65
C15 CLR M . -23.35 11.25 -3.15
C16 CLR M . -23.34 9.68 -3.24
C17 CLR M . -22.96 9.31 -4.75
C18 CLR M . -21.03 10.91 -5.00
C19 CLR M . -21.35 15.11 -6.60
C20 CLR M . -21.93 8.18 -4.76
C21 CLR M . -21.54 7.71 -6.18
C22 CLR M . -22.50 6.94 -3.99
C23 CLR M . -23.50 6.08 -4.76
C24 CLR M . -23.71 4.78 -3.88
C25 CLR M . -22.42 3.93 -3.77
C26 CLR M . -22.83 2.53 -3.23
C27 CLR M . -21.54 3.89 -5.03
O1 CLR M . -24.10 18.85 -8.09
C1 CLR N . -30.11 4.79 14.67
C2 CLR N . -30.94 3.66 15.28
C3 CLR N . -31.54 2.74 14.20
C4 CLR N . -30.38 2.21 13.35
C5 CLR N . -29.47 3.28 12.78
C6 CLR N . -29.02 3.15 11.51
C7 CLR N . -28.18 4.24 10.86
C8 CLR N . -27.37 5.01 11.93
C9 CLR N . -28.34 5.49 13.04
C10 CLR N . -28.94 4.29 13.80
C11 CLR N . -27.72 6.57 13.93
C12 CLR N . -27.07 7.73 13.14
C13 CLR N . -25.97 7.16 12.21
C14 CLR N . -26.72 6.19 11.26
C15 CLR N . -25.70 5.85 10.15
C16 CLR N . -25.01 7.26 9.91
C17 CLR N . -25.35 8.17 11.18
C18 CLR N . -24.86 6.44 12.95
C19 CLR N . -27.88 3.62 14.72
C20 CLR N . -24.09 8.90 11.66
C21 CLR N . -24.34 9.85 12.85
C22 CLR N . -23.51 9.76 10.47
C23 CLR N . -24.23 11.09 10.19
C24 CLR N . -23.31 11.86 9.16
C25 CLR N . -21.94 12.23 9.77
C26 CLR N . -21.29 13.29 8.84
C27 CLR N . -21.96 12.63 11.26
O1 CLR N . -32.37 1.70 14.71
#